data_1Q2H
# 
_entry.id   1Q2H 
# 
_audit_conform.dict_name       mmcif_pdbx.dic 
_audit_conform.dict_version    5.392 
_audit_conform.dict_location   http://mmcif.pdb.org/dictionaries/ascii/mmcif_pdbx.dic 
# 
loop_
_database_2.database_id 
_database_2.database_code 
_database_2.pdbx_database_accession 
_database_2.pdbx_DOI 
PDB   1Q2H         pdb_00001q2h 10.2210/pdb1q2h/pdb 
RCSB  RCSB019832   ?            ?                   
WWPDB D_1000019832 ?            ?                   
# 
loop_
_pdbx_audit_revision_history.ordinal 
_pdbx_audit_revision_history.data_content_type 
_pdbx_audit_revision_history.major_revision 
_pdbx_audit_revision_history.minor_revision 
_pdbx_audit_revision_history.revision_date 
1 'Structure model' 1 0 2004-08-03 
2 'Structure model' 1 1 2008-04-29 
3 'Structure model' 1 2 2011-07-13 
4 'Structure model' 1 3 2022-12-21 
5 'Structure model' 1 4 2024-05-22 
# 
_pdbx_audit_revision_details.ordinal             1 
_pdbx_audit_revision_details.revision_ordinal    1 
_pdbx_audit_revision_details.data_content_type   'Structure model' 
_pdbx_audit_revision_details.provider            repository 
_pdbx_audit_revision_details.type                'Initial release' 
_pdbx_audit_revision_details.description         ? 
_pdbx_audit_revision_details.details             ? 
# 
loop_
_pdbx_audit_revision_group.ordinal 
_pdbx_audit_revision_group.revision_ordinal 
_pdbx_audit_revision_group.data_content_type 
_pdbx_audit_revision_group.group 
1 2 'Structure model' 'Version format compliance' 
2 3 'Structure model' 'Version format compliance' 
3 4 'Structure model' 'Database references'       
4 5 'Structure model' 'Data collection'           
# 
loop_
_pdbx_audit_revision_category.ordinal 
_pdbx_audit_revision_category.revision_ordinal 
_pdbx_audit_revision_category.data_content_type 
_pdbx_audit_revision_category.category 
1 4 'Structure model' database_2         
2 4 'Structure model' struct_ref_seq_dif 
3 5 'Structure model' chem_comp_atom     
4 5 'Structure model' chem_comp_bond     
# 
loop_
_pdbx_audit_revision_item.ordinal 
_pdbx_audit_revision_item.revision_ordinal 
_pdbx_audit_revision_item.data_content_type 
_pdbx_audit_revision_item.item 
1 4 'Structure model' '_database_2.pdbx_DOI'                
2 4 'Structure model' '_database_2.pdbx_database_accession' 
3 4 'Structure model' '_struct_ref_seq_dif.details'         
# 
_pdbx_database_status.status_code                     REL 
_pdbx_database_status.entry_id                        1Q2H 
_pdbx_database_status.recvd_initial_deposition_date   2003-07-24 
_pdbx_database_status.deposit_site                    RCSB 
_pdbx_database_status.process_site                    RCSB 
_pdbx_database_status.SG_entry                        . 
_pdbx_database_status.pdb_format_compatible           Y 
_pdbx_database_status.status_code_mr                  ? 
_pdbx_database_status.status_code_sf                  ? 
_pdbx_database_status.status_code_cs                  ? 
_pdbx_database_status.status_code_nmr_data            ? 
_pdbx_database_status.methods_development_category    ? 
# 
loop_
_audit_author.name 
_audit_author.pdbx_ordinal 
'Dhe-Paganon, S.' 1 
'Werner, E.D.'    2 
'Nishi, M.'       3 
'Chi, Y.-I.'      4 
'Shoelson, S.E.'  5 
# 
_citation.id                        primary 
_citation.title                     'A phenylalanine zipper mediates APS dimerization.' 
_citation.journal_abbrev            Nat.Struct.Mol.Biol. 
_citation.journal_volume            11 
_citation.page_first                968 
_citation.page_last                 974 
_citation.year                      2004 
_citation.journal_id_ASTM           ? 
_citation.country                   US 
_citation.journal_id_ISSN           1545-9993 
_citation.journal_id_CSD            ? 
_citation.book_publisher            ? 
_citation.pdbx_database_id_PubMed   15378031 
_citation.pdbx_database_id_DOI      10.1038/nsmb829 
# 
loop_
_citation_author.citation_id 
_citation_author.name 
_citation_author.ordinal 
_citation_author.identifier_ORCID 
primary 'Dhe-Paganon, S.' 1 ? 
primary 'Werner, E.D.'    2 ? 
primary 'Nishi, M.'       3 ? 
primary 'Hansen, L.'      4 ? 
primary 'Chi, Y.-I.'      5 ? 
primary 'Shoelson, S.E.'  6 ? 
# 
loop_
_entity.id 
_entity.type 
_entity.src_method 
_entity.pdbx_description 
_entity.formula_weight 
_entity.pdbx_number_of_molecules 
_entity.pdbx_ec 
_entity.pdbx_mutation 
_entity.pdbx_fragment 
_entity.details 
1 polymer man 'adaptor protein with pleckstrin homology and src homology 2 domains' 7778.675 3  ? ? ? ? 
2 water   nat water                                                                 18.015   64 ? ? ? ? 
# 
_entity_name_com.entity_id   1 
_entity_name_com.name        APS 
# 
_entity_poly.entity_id                      1 
_entity_poly.type                           'polypeptide(L)' 
_entity_poly.nstd_linkage                   no 
_entity_poly.nstd_monomer                   no 
_entity_poly.pdbx_seq_one_letter_code       GSHMPDWRQFCELHAQAAAVDFAHKFCRFLRDNPAYDTPDAGASFSRHFAANFLDVFGEEVRRVLVAGP 
_entity_poly.pdbx_seq_one_letter_code_can   GSHMPDWRQFCELHAQAAAVDFAHKFCRFLRDNPAYDTPDAGASFSRHFAANFLDVFGEEVRRVLVAGP 
_entity_poly.pdbx_strand_id                 A,B,C 
_entity_poly.pdbx_target_identifier         ? 
# 
_pdbx_entity_nonpoly.entity_id   2 
_pdbx_entity_nonpoly.name        water 
_pdbx_entity_nonpoly.comp_id     HOH 
# 
loop_
_entity_poly_seq.entity_id 
_entity_poly_seq.num 
_entity_poly_seq.mon_id 
_entity_poly_seq.hetero 
1 1  GLY n 
1 2  SER n 
1 3  HIS n 
1 4  MET n 
1 5  PRO n 
1 6  ASP n 
1 7  TRP n 
1 8  ARG n 
1 9  GLN n 
1 10 PHE n 
1 11 CYS n 
1 12 GLU n 
1 13 LEU n 
1 14 HIS n 
1 15 ALA n 
1 16 GLN n 
1 17 ALA n 
1 18 ALA n 
1 19 ALA n 
1 20 VAL n 
1 21 ASP n 
1 22 PHE n 
1 23 ALA n 
1 24 HIS n 
1 25 LYS n 
1 26 PHE n 
1 27 CYS n 
1 28 ARG n 
1 29 PHE n 
1 30 LEU n 
1 31 ARG n 
1 32 ASP n 
1 33 ASN n 
1 34 PRO n 
1 35 ALA n 
1 36 TYR n 
1 37 ASP n 
1 38 THR n 
1 39 PRO n 
1 40 ASP n 
1 41 ALA n 
1 42 GLY n 
1 43 ALA n 
1 44 SER n 
1 45 PHE n 
1 46 SER n 
1 47 ARG n 
1 48 HIS n 
1 49 PHE n 
1 50 ALA n 
1 51 ALA n 
1 52 ASN n 
1 53 PHE n 
1 54 LEU n 
1 55 ASP n 
1 56 VAL n 
1 57 PHE n 
1 58 GLY n 
1 59 GLU n 
1 60 GLU n 
1 61 VAL n 
1 62 ARG n 
1 63 ARG n 
1 64 VAL n 
1 65 LEU n 
1 66 VAL n 
1 67 ALA n 
1 68 GLY n 
1 69 PRO n 
# 
_entity_src_gen.entity_id                          1 
_entity_src_gen.pdbx_src_id                        1 
_entity_src_gen.pdbx_alt_source_flag               sample 
_entity_src_gen.pdbx_seq_type                      ? 
_entity_src_gen.pdbx_beg_seq_num                   ? 
_entity_src_gen.pdbx_end_seq_num                   ? 
_entity_src_gen.gene_src_common_name               human 
_entity_src_gen.gene_src_genus                     Homo 
_entity_src_gen.pdbx_gene_src_gene                 APS 
_entity_src_gen.gene_src_species                   ? 
_entity_src_gen.gene_src_strain                    ? 
_entity_src_gen.gene_src_tissue                    ? 
_entity_src_gen.gene_src_tissue_fraction           ? 
_entity_src_gen.gene_src_details                   ? 
_entity_src_gen.pdbx_gene_src_fragment             ? 
_entity_src_gen.pdbx_gene_src_scientific_name      'Homo sapiens' 
_entity_src_gen.pdbx_gene_src_ncbi_taxonomy_id     9606 
_entity_src_gen.pdbx_gene_src_variant              ? 
_entity_src_gen.pdbx_gene_src_cell_line            ? 
_entity_src_gen.pdbx_gene_src_atcc                 ? 
_entity_src_gen.pdbx_gene_src_organ                ? 
_entity_src_gen.pdbx_gene_src_organelle            ? 
_entity_src_gen.pdbx_gene_src_cell                 ? 
_entity_src_gen.pdbx_gene_src_cellular_location    ? 
_entity_src_gen.host_org_common_name               ? 
_entity_src_gen.pdbx_host_org_scientific_name      'Escherichia coli BL21(DE3)' 
_entity_src_gen.pdbx_host_org_ncbi_taxonomy_id     469008 
_entity_src_gen.host_org_genus                     Escherichia 
_entity_src_gen.pdbx_host_org_gene                 ? 
_entity_src_gen.pdbx_host_org_organ                ? 
_entity_src_gen.host_org_species                   'Escherichia coli' 
_entity_src_gen.pdbx_host_org_tissue               ? 
_entity_src_gen.pdbx_host_org_tissue_fraction      ? 
_entity_src_gen.pdbx_host_org_strain               'BL21(DE3)' 
_entity_src_gen.pdbx_host_org_variant              ? 
_entity_src_gen.pdbx_host_org_cell_line            ? 
_entity_src_gen.pdbx_host_org_atcc                 ? 
_entity_src_gen.pdbx_host_org_culture_collection   ? 
_entity_src_gen.pdbx_host_org_cell                 ? 
_entity_src_gen.pdbx_host_org_organelle            ? 
_entity_src_gen.pdbx_host_org_cellular_location    ? 
_entity_src_gen.pdbx_host_org_vector_type          plasmid 
_entity_src_gen.pdbx_host_org_vector               ? 
_entity_src_gen.host_org_details                   ? 
_entity_src_gen.expression_system_id               ? 
_entity_src_gen.plasmid_name                       pET28a 
_entity_src_gen.plasmid_details                    ? 
_entity_src_gen.pdbx_description                   ? 
# 
loop_
_chem_comp.id 
_chem_comp.type 
_chem_comp.mon_nstd_flag 
_chem_comp.name 
_chem_comp.pdbx_synonyms 
_chem_comp.formula 
_chem_comp.formula_weight 
ALA 'L-peptide linking' y ALANINE         ? 'C3 H7 N O2'     89.093  
ARG 'L-peptide linking' y ARGININE        ? 'C6 H15 N4 O2 1' 175.209 
ASN 'L-peptide linking' y ASPARAGINE      ? 'C4 H8 N2 O3'    132.118 
ASP 'L-peptide linking' y 'ASPARTIC ACID' ? 'C4 H7 N O4'     133.103 
CYS 'L-peptide linking' y CYSTEINE        ? 'C3 H7 N O2 S'   121.158 
GLN 'L-peptide linking' y GLUTAMINE       ? 'C5 H10 N2 O3'   146.144 
GLU 'L-peptide linking' y 'GLUTAMIC ACID' ? 'C5 H9 N O4'     147.129 
GLY 'peptide linking'   y GLYCINE         ? 'C2 H5 N O2'     75.067  
HIS 'L-peptide linking' y HISTIDINE       ? 'C6 H10 N3 O2 1' 156.162 
HOH non-polymer         . WATER           ? 'H2 O'           18.015  
LEU 'L-peptide linking' y LEUCINE         ? 'C6 H13 N O2'    131.173 
LYS 'L-peptide linking' y LYSINE          ? 'C6 H15 N2 O2 1' 147.195 
MET 'L-peptide linking' y METHIONINE      ? 'C5 H11 N O2 S'  149.211 
PHE 'L-peptide linking' y PHENYLALANINE   ? 'C9 H11 N O2'    165.189 
PRO 'L-peptide linking' y PROLINE         ? 'C5 H9 N O2'     115.130 
SER 'L-peptide linking' y SERINE          ? 'C3 H7 N O3'     105.093 
THR 'L-peptide linking' y THREONINE       ? 'C4 H9 N O3'     119.119 
TRP 'L-peptide linking' y TRYPTOPHAN      ? 'C11 H12 N2 O2'  204.225 
TYR 'L-peptide linking' y TYROSINE        ? 'C9 H11 N O3'    181.189 
VAL 'L-peptide linking' y VALINE          ? 'C5 H11 N O2'    117.146 
# 
loop_
_pdbx_poly_seq_scheme.asym_id 
_pdbx_poly_seq_scheme.entity_id 
_pdbx_poly_seq_scheme.seq_id 
_pdbx_poly_seq_scheme.mon_id 
_pdbx_poly_seq_scheme.ndb_seq_num 
_pdbx_poly_seq_scheme.pdb_seq_num 
_pdbx_poly_seq_scheme.auth_seq_num 
_pdbx_poly_seq_scheme.pdb_mon_id 
_pdbx_poly_seq_scheme.auth_mon_id 
_pdbx_poly_seq_scheme.pdb_strand_id 
_pdbx_poly_seq_scheme.pdb_ins_code 
_pdbx_poly_seq_scheme.hetero 
A 1 1  GLY 1  17 ?  ?   ?   A . n 
A 1 2  SER 2  18 ?  ?   ?   A . n 
A 1 3  HIS 3  19 ?  ?   ?   A . n 
A 1 4  MET 4  20 ?  ?   ?   A . n 
A 1 5  PRO 5  21 21 PRO PRO A . n 
A 1 6  ASP 6  22 22 ASP ASP A . n 
A 1 7  TRP 7  23 23 TRP TRP A . n 
A 1 8  ARG 8  24 24 ARG ARG A . n 
A 1 9  GLN 9  25 25 GLN GLN A . n 
A 1 10 PHE 10 26 26 PHE PHE A . n 
A 1 11 CYS 11 27 27 CYS CYS A . n 
A 1 12 GLU 12 28 28 GLU GLU A . n 
A 1 13 LEU 13 29 29 LEU LEU A . n 
A 1 14 HIS 14 30 30 HIS HIS A . n 
A 1 15 ALA 15 31 31 ALA ALA A . n 
A 1 16 GLN 16 32 32 GLN GLN A . n 
A 1 17 ALA 17 33 33 ALA ALA A . n 
A 1 18 ALA 18 34 34 ALA ALA A . n 
A 1 19 ALA 19 35 35 ALA ALA A . n 
A 1 20 VAL 20 36 36 VAL VAL A . n 
A 1 21 ASP 21 37 37 ASP ASP A . n 
A 1 22 PHE 22 38 38 PHE PHE A . n 
A 1 23 ALA 23 39 39 ALA ALA A . n 
A 1 24 HIS 24 40 40 HIS HIS A . n 
A 1 25 LYS 25 41 41 LYS LYS A . n 
A 1 26 PHE 26 42 42 PHE PHE A . n 
A 1 27 CYS 27 43 43 CYS CYS A . n 
A 1 28 ARG 28 44 44 ARG ARG A . n 
A 1 29 PHE 29 45 45 PHE PHE A . n 
A 1 30 LEU 30 46 46 LEU LEU A . n 
A 1 31 ARG 31 47 47 ARG ARG A . n 
A 1 32 ASP 32 48 48 ASP ASP A . n 
A 1 33 ASN 33 49 49 ASN ASN A . n 
A 1 34 PRO 34 50 50 PRO PRO A . n 
A 1 35 ALA 35 51 51 ALA ALA A . n 
A 1 36 TYR 36 52 52 TYR TYR A . n 
A 1 37 ASP 37 53 53 ASP ASP A . n 
A 1 38 THR 38 54 54 THR THR A . n 
A 1 39 PRO 39 55 55 PRO PRO A . n 
A 1 40 ASP 40 56 56 ASP ASP A . n 
A 1 41 ALA 41 57 57 ALA ALA A . n 
A 1 42 GLY 42 58 58 GLY GLY A . n 
A 1 43 ALA 43 59 59 ALA ALA A . n 
A 1 44 SER 44 60 60 SER SER A . n 
A 1 45 PHE 45 61 61 PHE PHE A . n 
A 1 46 SER 46 62 62 SER SER A . n 
A 1 47 ARG 47 63 63 ARG ARG A . n 
A 1 48 HIS 48 64 64 HIS HIS A . n 
A 1 49 PHE 49 65 65 PHE PHE A . n 
A 1 50 ALA 50 66 66 ALA ALA A . n 
A 1 51 ALA 51 67 67 ALA ALA A . n 
A 1 52 ASN 52 68 68 ASN ASN A . n 
A 1 53 PHE 53 69 69 PHE PHE A . n 
A 1 54 LEU 54 70 70 LEU LEU A . n 
A 1 55 ASP 55 71 71 ASP ASP A . n 
A 1 56 VAL 56 72 72 VAL VAL A . n 
A 1 57 PHE 57 73 73 PHE PHE A . n 
A 1 58 GLY 58 74 74 GLY GLY A . n 
A 1 59 GLU 59 75 75 GLU GLU A . n 
A 1 60 GLU 60 76 76 GLU GLU A . n 
A 1 61 VAL 61 77 77 VAL VAL A . n 
A 1 62 ARG 62 78 78 ARG ARG A . n 
A 1 63 ARG 63 79 79 ARG ARG A . n 
A 1 64 VAL 64 80 80 VAL VAL A . n 
A 1 65 LEU 65 81 81 LEU LEU A . n 
A 1 66 VAL 66 82 82 VAL VAL A . n 
A 1 67 ALA 67 83 83 ALA ALA A . n 
A 1 68 GLY 68 84 ?  ?   ?   A . n 
A 1 69 PRO 69 85 ?  ?   ?   A . n 
B 1 1  GLY 1  17 ?  ?   ?   B . n 
B 1 2  SER 2  18 ?  ?   ?   B . n 
B 1 3  HIS 3  19 ?  ?   ?   B . n 
B 1 4  MET 4  20 ?  ?   ?   B . n 
B 1 5  PRO 5  21 21 PRO PRO B . n 
B 1 6  ASP 6  22 22 ASP ASP B . n 
B 1 7  TRP 7  23 23 TRP TRP B . n 
B 1 8  ARG 8  24 24 ARG ARG B . n 
B 1 9  GLN 9  25 25 GLN GLN B . n 
B 1 10 PHE 10 26 26 PHE PHE B . n 
B 1 11 CYS 11 27 27 CYS CYS B . n 
B 1 12 GLU 12 28 28 GLU GLU B . n 
B 1 13 LEU 13 29 29 LEU LEU B . n 
B 1 14 HIS 14 30 30 HIS HIS B . n 
B 1 15 ALA 15 31 31 ALA ALA B . n 
B 1 16 GLN 16 32 32 GLN GLN B . n 
B 1 17 ALA 17 33 33 ALA ALA B . n 
B 1 18 ALA 18 34 34 ALA ALA B . n 
B 1 19 ALA 19 35 35 ALA ALA B . n 
B 1 20 VAL 20 36 36 VAL VAL B . n 
B 1 21 ASP 21 37 37 ASP ASP B . n 
B 1 22 PHE 22 38 38 PHE PHE B . n 
B 1 23 ALA 23 39 39 ALA ALA B . n 
B 1 24 HIS 24 40 40 HIS HIS B . n 
B 1 25 LYS 25 41 41 LYS LYS B . n 
B 1 26 PHE 26 42 42 PHE PHE B . n 
B 1 27 CYS 27 43 43 CYS CYS B . n 
B 1 28 ARG 28 44 44 ARG ARG B . n 
B 1 29 PHE 29 45 45 PHE PHE B . n 
B 1 30 LEU 30 46 46 LEU LEU B . n 
B 1 31 ARG 31 47 47 ARG ARG B . n 
B 1 32 ASP 32 48 48 ASP ASP B . n 
B 1 33 ASN 33 49 49 ASN ASN B . n 
B 1 34 PRO 34 50 50 PRO PRO B . n 
B 1 35 ALA 35 51 51 ALA ALA B . n 
B 1 36 TYR 36 52 52 TYR TYR B . n 
B 1 37 ASP 37 53 53 ASP ASP B . n 
B 1 38 THR 38 54 54 THR THR B . n 
B 1 39 PRO 39 55 55 PRO PRO B . n 
B 1 40 ASP 40 56 56 ASP ASP B . n 
B 1 41 ALA 41 57 57 ALA ALA B . n 
B 1 42 GLY 42 58 58 GLY GLY B . n 
B 1 43 ALA 43 59 59 ALA ALA B . n 
B 1 44 SER 44 60 60 SER SER B . n 
B 1 45 PHE 45 61 61 PHE PHE B . n 
B 1 46 SER 46 62 62 SER SER B . n 
B 1 47 ARG 47 63 63 ARG ARG B . n 
B 1 48 HIS 48 64 64 HIS HIS B . n 
B 1 49 PHE 49 65 65 PHE PHE B . n 
B 1 50 ALA 50 66 66 ALA ALA B . n 
B 1 51 ALA 51 67 67 ALA ALA B . n 
B 1 52 ASN 52 68 68 ASN ASN B . n 
B 1 53 PHE 53 69 69 PHE PHE B . n 
B 1 54 LEU 54 70 70 LEU LEU B . n 
B 1 55 ASP 55 71 71 ASP ASP B . n 
B 1 56 VAL 56 72 72 VAL VAL B . n 
B 1 57 PHE 57 73 73 PHE PHE B . n 
B 1 58 GLY 58 74 74 GLY GLY B . n 
B 1 59 GLU 59 75 75 GLU GLU B . n 
B 1 60 GLU 60 76 76 GLU GLU B . n 
B 1 61 VAL 61 77 77 VAL VAL B . n 
B 1 62 ARG 62 78 78 ARG ARG B . n 
B 1 63 ARG 63 79 79 ARG ARG B . n 
B 1 64 VAL 64 80 80 VAL VAL B . n 
B 1 65 LEU 65 81 81 LEU LEU B . n 
B 1 66 VAL 66 82 82 VAL VAL B . n 
B 1 67 ALA 67 83 ?  ?   ?   B . n 
B 1 68 GLY 68 84 ?  ?   ?   B . n 
B 1 69 PRO 69 85 ?  ?   ?   B . n 
C 1 1  GLY 1  17 ?  ?   ?   C . n 
C 1 2  SER 2  18 ?  ?   ?   C . n 
C 1 3  HIS 3  19 ?  ?   ?   C . n 
C 1 4  MET 4  20 20 MET MET C . n 
C 1 5  PRO 5  21 21 PRO PRO C . n 
C 1 6  ASP 6  22 22 ASP ASP C . n 
C 1 7  TRP 7  23 23 TRP TRP C . n 
C 1 8  ARG 8  24 24 ARG ARG C . n 
C 1 9  GLN 9  25 25 GLN GLN C . n 
C 1 10 PHE 10 26 26 PHE PHE C . n 
C 1 11 CYS 11 27 27 CYS CYS C . n 
C 1 12 GLU 12 28 28 GLU GLU C . n 
C 1 13 LEU 13 29 29 LEU LEU C . n 
C 1 14 HIS 14 30 30 HIS HIS C . n 
C 1 15 ALA 15 31 31 ALA ALA C . n 
C 1 16 GLN 16 32 32 GLN GLN C . n 
C 1 17 ALA 17 33 33 ALA ALA C . n 
C 1 18 ALA 18 34 34 ALA ALA C . n 
C 1 19 ALA 19 35 35 ALA ALA C . n 
C 1 20 VAL 20 36 36 VAL VAL C . n 
C 1 21 ASP 21 37 37 ASP ASP C . n 
C 1 22 PHE 22 38 38 PHE PHE C . n 
C 1 23 ALA 23 39 39 ALA ALA C . n 
C 1 24 HIS 24 40 40 HIS HIS C . n 
C 1 25 LYS 25 41 41 LYS LYS C . n 
C 1 26 PHE 26 42 42 PHE PHE C . n 
C 1 27 CYS 27 43 43 CYS CYS C . n 
C 1 28 ARG 28 44 44 ARG ARG C . n 
C 1 29 PHE 29 45 45 PHE PHE C . n 
C 1 30 LEU 30 46 46 LEU LEU C . n 
C 1 31 ARG 31 47 47 ARG ARG C . n 
C 1 32 ASP 32 48 48 ASP ASP C . n 
C 1 33 ASN 33 49 49 ASN ASN C . n 
C 1 34 PRO 34 50 50 PRO PRO C . n 
C 1 35 ALA 35 51 51 ALA ALA C . n 
C 1 36 TYR 36 52 52 TYR TYR C . n 
C 1 37 ASP 37 53 53 ASP ASP C . n 
C 1 38 THR 38 54 54 THR THR C . n 
C 1 39 PRO 39 55 55 PRO PRO C . n 
C 1 40 ASP 40 56 56 ASP ASP C . n 
C 1 41 ALA 41 57 57 ALA ALA C . n 
C 1 42 GLY 42 58 58 GLY GLY C . n 
C 1 43 ALA 43 59 59 ALA ALA C . n 
C 1 44 SER 44 60 60 SER SER C . n 
C 1 45 PHE 45 61 61 PHE PHE C . n 
C 1 46 SER 46 62 62 SER SER C . n 
C 1 47 ARG 47 63 63 ARG ARG C . n 
C 1 48 HIS 48 64 64 HIS HIS C . n 
C 1 49 PHE 49 65 65 PHE PHE C . n 
C 1 50 ALA 50 66 66 ALA ALA C . n 
C 1 51 ALA 51 67 67 ALA ALA C . n 
C 1 52 ASN 52 68 68 ASN ASN C . n 
C 1 53 PHE 53 69 69 PHE PHE C . n 
C 1 54 LEU 54 70 70 LEU LEU C . n 
C 1 55 ASP 55 71 71 ASP ASP C . n 
C 1 56 VAL 56 72 72 VAL VAL C . n 
C 1 57 PHE 57 73 73 PHE PHE C . n 
C 1 58 GLY 58 74 74 GLY GLY C . n 
C 1 59 GLU 59 75 75 GLU GLU C . n 
C 1 60 GLU 60 76 76 GLU GLU C . n 
C 1 61 VAL 61 77 77 VAL VAL C . n 
C 1 62 ARG 62 78 78 ARG ARG C . n 
C 1 63 ARG 63 79 79 ARG ARG C . n 
C 1 64 VAL 64 80 80 VAL VAL C . n 
C 1 65 LEU 65 81 81 LEU LEU C . n 
C 1 66 VAL 66 82 82 VAL VAL C . n 
C 1 67 ALA 67 83 ?  ?   ?   C . n 
C 1 68 GLY 68 84 ?  ?   ?   C . n 
C 1 69 PRO 69 85 ?  ?   ?   C . n 
# 
loop_
_pdbx_nonpoly_scheme.asym_id 
_pdbx_nonpoly_scheme.entity_id 
_pdbx_nonpoly_scheme.mon_id 
_pdbx_nonpoly_scheme.ndb_seq_num 
_pdbx_nonpoly_scheme.pdb_seq_num 
_pdbx_nonpoly_scheme.auth_seq_num 
_pdbx_nonpoly_scheme.pdb_mon_id 
_pdbx_nonpoly_scheme.auth_mon_id 
_pdbx_nonpoly_scheme.pdb_strand_id 
_pdbx_nonpoly_scheme.pdb_ins_code 
D 2 HOH 1  86  2  HOH HOH A . 
D 2 HOH 2  87  5  HOH HOH A . 
D 2 HOH 3  88  6  HOH HOH A . 
D 2 HOH 4  89  8  HOH HOH A . 
D 2 HOH 5  90  16 HOH HOH A . 
D 2 HOH 6  91  17 HOH HOH A . 
D 2 HOH 7  92  20 HOH HOH A . 
D 2 HOH 8  93  21 HOH HOH A . 
D 2 HOH 9  94  22 HOH HOH A . 
D 2 HOH 10 95  25 HOH HOH A . 
D 2 HOH 11 96  29 HOH HOH A . 
D 2 HOH 12 97  32 HOH HOH A . 
D 2 HOH 13 98  33 HOH HOH A . 
D 2 HOH 14 99  40 HOH HOH A . 
D 2 HOH 15 100 43 HOH HOH A . 
D 2 HOH 16 101 48 HOH HOH A . 
D 2 HOH 17 102 51 HOH HOH A . 
D 2 HOH 18 103 53 HOH HOH A . 
D 2 HOH 19 104 56 HOH HOH A . 
D 2 HOH 20 105 57 HOH HOH A . 
D 2 HOH 21 106 58 HOH HOH A . 
D 2 HOH 22 107 59 HOH HOH A . 
D 2 HOH 23 108 62 HOH HOH A . 
E 2 HOH 1  86  4  HOH HOH B . 
E 2 HOH 2  87  10 HOH HOH B . 
E 2 HOH 3  88  11 HOH HOH B . 
E 2 HOH 4  89  13 HOH HOH B . 
E 2 HOH 5  90  14 HOH HOH B . 
E 2 HOH 6  91  18 HOH HOH B . 
E 2 HOH 7  92  23 HOH HOH B . 
E 2 HOH 8  93  24 HOH HOH B . 
E 2 HOH 9  94  34 HOH HOH B . 
E 2 HOH 10 95  35 HOH HOH B . 
E 2 HOH 11 96  36 HOH HOH B . 
E 2 HOH 12 97  38 HOH HOH B . 
E 2 HOH 13 98  39 HOH HOH B . 
E 2 HOH 14 99  44 HOH HOH B . 
E 2 HOH 15 100 46 HOH HOH B . 
E 2 HOH 16 101 47 HOH HOH B . 
E 2 HOH 17 102 49 HOH HOH B . 
E 2 HOH 18 103 50 HOH HOH B . 
E 2 HOH 19 104 52 HOH HOH B . 
E 2 HOH 20 105 61 HOH HOH B . 
F 2 HOH 1  86  1  HOH HOH C . 
F 2 HOH 2  87  3  HOH HOH C . 
F 2 HOH 3  88  7  HOH HOH C . 
F 2 HOH 4  89  9  HOH HOH C . 
F 2 HOH 5  90  12 HOH HOH C . 
F 2 HOH 6  91  15 HOH HOH C . 
F 2 HOH 7  92  19 HOH HOH C . 
F 2 HOH 8  93  26 HOH HOH C . 
F 2 HOH 9  94  27 HOH HOH C . 
F 2 HOH 10 95  28 HOH HOH C . 
F 2 HOH 11 96  30 HOH HOH C . 
F 2 HOH 12 97  31 HOH HOH C . 
F 2 HOH 13 98  37 HOH HOH C . 
F 2 HOH 14 99  41 HOH HOH C . 
F 2 HOH 15 100 42 HOH HOH C . 
F 2 HOH 16 101 45 HOH HOH C . 
F 2 HOH 17 102 54 HOH HOH C . 
F 2 HOH 18 103 55 HOH HOH C . 
F 2 HOH 19 104 60 HOH HOH C . 
F 2 HOH 20 105 63 HOH HOH C . 
F 2 HOH 21 106 64 HOH HOH C . 
# 
loop_
_software.name 
_software.classification 
_software.version 
_software.citation_id 
_software.pdbx_ordinal 
CNS       refinement       1.0 ? 1 
DENZO     'data reduction' .   ? 2 
SCALEPACK 'data scaling'   .   ? 3 
SOLVE     phasing          .   ? 4 
# 
_cell.entry_id           1Q2H 
_cell.length_a           69.740 
_cell.length_b           57.480 
_cell.length_c           51.720 
_cell.angle_alpha        90.00 
_cell.angle_beta         90.00 
_cell.angle_gamma        90.00 
_cell.Z_PDB              12 
_cell.pdbx_unique_axis   ? 
# 
_symmetry.entry_id                         1Q2H 
_symmetry.space_group_name_H-M             'P 21 21 2' 
_symmetry.pdbx_full_space_group_name_H-M   ? 
_symmetry.cell_setting                     ? 
_symmetry.Int_Tables_number                18 
_symmetry.space_group_name_Hall            ? 
# 
_exptl.entry_id          1Q2H 
_exptl.method            'X-RAY DIFFRACTION' 
_exptl.crystals_number   1 
# 
_exptl_crystal.id                    1 
_exptl_crystal.density_meas          ? 
_exptl_crystal.density_Matthews      2.22 
_exptl_crystal.density_percent_sol   44.62 
_exptl_crystal.description           ? 
_exptl_crystal.F_000                 ? 
_exptl_crystal.preparation           ? 
# 
_exptl_crystal_grow.crystal_id      1 
_exptl_crystal_grow.method          'VAPOR DIFFUSION, HANGING DROP' 
_exptl_crystal_grow.temp            ? 
_exptl_crystal_grow.temp_details    ? 
_exptl_crystal_grow.pH              6.0 
_exptl_crystal_grow.pdbx_details    
'0.48-0.68 M sodium iodide, 2.5 % PEG 4K, 0.09 M sodium citrate, 10 mM DTT, pH 6.0, VAPOR DIFFUSION, HANGING DROP' 
_exptl_crystal_grow.pdbx_pH_range   . 
# 
_diffrn.id                     1 
_diffrn.ambient_temp           100 
_diffrn.ambient_temp_details   ? 
_diffrn.crystal_id             1 
# 
_diffrn_detector.diffrn_id              1 
_diffrn_detector.detector               CCD 
_diffrn_detector.type                   'BRANDEIS - B4' 
_diffrn_detector.pdbx_collection_date   2002-01-01 
_diffrn_detector.details                ? 
# 
_diffrn_radiation.diffrn_id                        1 
_diffrn_radiation.wavelength_id                    1 
_diffrn_radiation.pdbx_monochromatic_or_laue_m_l   M 
_diffrn_radiation.monochromator                    ? 
_diffrn_radiation.pdbx_diffrn_protocol             MAD 
_diffrn_radiation.pdbx_scattering_type             x-ray 
# 
loop_
_diffrn_radiation_wavelength.id 
_diffrn_radiation_wavelength.wavelength 
_diffrn_radiation_wavelength.wt 
1 0.95000 1.0 
2 0.9174  1.0 
3 0.9211  1.0 
4 0.9208  1.0 
# 
_diffrn_source.diffrn_id                   1 
_diffrn_source.source                      SYNCHROTRON 
_diffrn_source.type                        'NSLS BEAMLINE X12C' 
_diffrn_source.pdbx_synchrotron_site       NSLS 
_diffrn_source.pdbx_synchrotron_beamline   X12C 
_diffrn_source.pdbx_wavelength             ? 
_diffrn_source.pdbx_wavelength_list        '0.95000, 0.9174, 0.9211, 0.9208' 
# 
_reflns.entry_id                     1Q2H 
_reflns.observed_criterion_sigma_F   ? 
_reflns.observed_criterion_sigma_I   0 
_reflns.d_resolution_high            1.7 
_reflns.d_resolution_low             30.0 
_reflns.number_all                   ? 
_reflns.number_obs                   19012 
_reflns.percent_possible_obs         ? 
_reflns.pdbx_Rmerge_I_obs            ? 
_reflns.pdbx_Rsym_value              ? 
_reflns.pdbx_netI_over_sigmaI        ? 
_reflns.B_iso_Wilson_estimate        ? 
_reflns.pdbx_redundancy              ? 
_reflns.R_free_details               ? 
_reflns.limit_h_max                  ? 
_reflns.limit_h_min                  ? 
_reflns.limit_k_max                  ? 
_reflns.limit_k_min                  ? 
_reflns.limit_l_max                  ? 
_reflns.limit_l_min                  ? 
_reflns.observed_criterion_F_max     ? 
_reflns.observed_criterion_F_min     ? 
_reflns.pdbx_chi_squared             ? 
_reflns.pdbx_scaling_rejects         ? 
_reflns.pdbx_diffrn_id               1 
_reflns.pdbx_ordinal                 1 
# 
_refine.entry_id                                 1Q2H 
_refine.ls_d_res_high                            1.70 
_refine.ls_d_res_low                             30 
_refine.pdbx_ls_sigma_F                          0 
_refine.pdbx_ls_sigma_I                          ? 
_refine.ls_number_reflns_all                     ? 
_refine.ls_number_reflns_obs                     19012 
_refine.ls_number_reflns_R_free                  927 
_refine.ls_percent_reflns_obs                    80.8 
_refine.ls_R_factor_all                          ? 
_refine.ls_R_factor_obs                          ? 
_refine.ls_R_factor_R_work                       0.25 
_refine.ls_R_factor_R_free                       0.27 
_refine.ls_redundancy_reflns_obs                 ? 
_refine.pdbx_data_cutoff_high_absF               ? 
_refine.pdbx_data_cutoff_low_absF                ? 
_refine.ls_number_parameters                     ? 
_refine.ls_number_restraints                     ? 
_refine.ls_percent_reflns_R_free                 3.9 
_refine.ls_R_factor_R_free_error                 ? 
_refine.ls_R_factor_R_free_error_details         ? 
_refine.pdbx_method_to_determine_struct          MAD 
_refine.pdbx_starting_model                      ? 
_refine.pdbx_ls_cross_valid_method               ? 
_refine.pdbx_R_Free_selection_details            ? 
_refine.pdbx_stereochem_target_val_spec_case     ? 
_refine.pdbx_stereochemistry_target_values       ? 
_refine.solvent_model_details                    ? 
_refine.solvent_model_param_bsol                 ? 
_refine.solvent_model_param_ksol                 ? 
_refine.occupancy_max                            ? 
_refine.occupancy_min                            ? 
_refine.pdbx_isotropic_thermal_model             ? 
_refine.B_iso_mean                               ? 
_refine.aniso_B[1][1]                            -9.130 
_refine.aniso_B[1][2]                            0.000 
_refine.aniso_B[1][3]                            0.000 
_refine.aniso_B[2][2]                            2.964 
_refine.aniso_B[2][3]                            0.000 
_refine.aniso_B[3][3]                            6.166 
_refine.details                                  'waters picked at level greater than 3.0' 
_refine.B_iso_min                                ? 
_refine.B_iso_max                                ? 
_refine.correlation_coeff_Fo_to_Fc               ? 
_refine.correlation_coeff_Fo_to_Fc_free          ? 
_refine.pdbx_solvent_vdw_probe_radii             ? 
_refine.pdbx_solvent_ion_probe_radii             ? 
_refine.pdbx_solvent_shrinkage_radii             ? 
_refine.overall_SU_R_Cruickshank_DPI             ? 
_refine.overall_SU_R_free                        ? 
_refine.overall_SU_B                             ? 
_refine.overall_SU_ML                            ? 
_refine.pdbx_overall_ESU_R                       ? 
_refine.pdbx_overall_ESU_R_Free                  ? 
_refine.pdbx_data_cutoff_high_rms_absF           ? 
_refine.ls_wR_factor_R_free                      ? 
_refine.ls_wR_factor_R_work                      ? 
_refine.overall_FOM_free_R_set                   ? 
_refine.overall_FOM_work_R_set                   ? 
_refine.pdbx_refine_id                           'X-RAY DIFFRACTION' 
_refine.pdbx_diffrn_id                           1 
_refine.pdbx_TLS_residual_ADP_flag               ? 
_refine.pdbx_overall_phase_error                 ? 
_refine.pdbx_overall_SU_R_free_Cruickshank_DPI   ? 
_refine.pdbx_overall_SU_R_Blow_DPI               ? 
_refine.pdbx_overall_SU_R_free_Blow_DPI          ? 
# 
_refine_hist.pdbx_refine_id                   'X-RAY DIFFRACTION' 
_refine_hist.cycle_id                         LAST 
_refine_hist.pdbx_number_atoms_protein        1528 
_refine_hist.pdbx_number_atoms_nucleic_acid   0 
_refine_hist.pdbx_number_atoms_ligand         0 
_refine_hist.number_atoms_solvent             64 
_refine_hist.number_atoms_total               1592 
_refine_hist.d_res_high                       1.70 
_refine_hist.d_res_low                        30 
# 
_struct.entry_id                  1Q2H 
_struct.title                     'Phenylalanine Zipper Mediates APS Dimerization' 
_struct.pdbx_model_details        ? 
_struct.pdbx_CASP_flag            ? 
_struct.pdbx_model_type_details   ? 
# 
_struct_keywords.entry_id        1Q2H 
_struct_keywords.pdbx_keywords   'SIGNALING PROTEIN' 
_struct_keywords.text            'signal transduction, SIGNALING PROTEIN' 
# 
loop_
_struct_asym.id 
_struct_asym.pdbx_blank_PDB_chainid_flag 
_struct_asym.pdbx_modified 
_struct_asym.entity_id 
_struct_asym.details 
A N N 1 ? 
B N N 1 ? 
C N N 1 ? 
D N N 2 ? 
E N N 2 ? 
F N N 2 ? 
# 
_struct_ref.id                         1 
_struct_ref.db_name                    UNP 
_struct_ref.db_code                    APS_HUMAN 
_struct_ref.pdbx_db_accession          O14492 
_struct_ref.entity_id                  1 
_struct_ref.pdbx_seq_one_letter_code   PDWRQFCELHAQAAAVDFAHKFCRFLRDNPAYDTPDAGASFSRHFAANFLDVFGEEVRRVLVAGP 
_struct_ref.pdbx_align_begin           21 
_struct_ref.pdbx_db_isoform            ? 
# 
loop_
_struct_ref_seq.align_id 
_struct_ref_seq.ref_id 
_struct_ref_seq.pdbx_PDB_id_code 
_struct_ref_seq.pdbx_strand_id 
_struct_ref_seq.seq_align_beg 
_struct_ref_seq.pdbx_seq_align_beg_ins_code 
_struct_ref_seq.seq_align_end 
_struct_ref_seq.pdbx_seq_align_end_ins_code 
_struct_ref_seq.pdbx_db_accession 
_struct_ref_seq.db_align_beg 
_struct_ref_seq.pdbx_db_align_beg_ins_code 
_struct_ref_seq.db_align_end 
_struct_ref_seq.pdbx_db_align_end_ins_code 
_struct_ref_seq.pdbx_auth_seq_align_beg 
_struct_ref_seq.pdbx_auth_seq_align_end 
1 1 1Q2H A 5 ? 69 ? O14492 21 ? 85 ? 21 85 
2 1 1Q2H B 5 ? 69 ? O14492 21 ? 85 ? 21 85 
3 1 1Q2H C 5 ? 69 ? O14492 21 ? 85 ? 21 85 
# 
loop_
_struct_ref_seq_dif.align_id 
_struct_ref_seq_dif.pdbx_pdb_id_code 
_struct_ref_seq_dif.mon_id 
_struct_ref_seq_dif.pdbx_pdb_strand_id 
_struct_ref_seq_dif.seq_num 
_struct_ref_seq_dif.pdbx_pdb_ins_code 
_struct_ref_seq_dif.pdbx_seq_db_name 
_struct_ref_seq_dif.pdbx_seq_db_accession_code 
_struct_ref_seq_dif.db_mon_id 
_struct_ref_seq_dif.pdbx_seq_db_seq_num 
_struct_ref_seq_dif.details 
_struct_ref_seq_dif.pdbx_auth_seq_num 
_struct_ref_seq_dif.pdbx_ordinal 
1 1Q2H GLY A 1 ? UNP O14492 ? ? 'cloning artifact'      17 1  
1 1Q2H SER A 2 ? UNP O14492 ? ? 'cloning artifact'      18 2  
1 1Q2H HIS A 3 ? UNP O14492 ? ? 'cloning artifact'      19 3  
1 1Q2H MET A 4 ? UNP O14492 ? ? 'initiating methionine' 20 4  
2 1Q2H GLY B 1 ? UNP O14492 ? ? 'cloning artifact'      17 5  
2 1Q2H SER B 2 ? UNP O14492 ? ? 'cloning artifact'      18 6  
2 1Q2H HIS B 3 ? UNP O14492 ? ? 'cloning artifact'      19 7  
2 1Q2H MET B 4 ? UNP O14492 ? ? 'initiating methionine' 20 8  
3 1Q2H GLY C 1 ? UNP O14492 ? ? 'cloning artifact'      17 9  
3 1Q2H SER C 2 ? UNP O14492 ? ? 'cloning artifact'      18 10 
3 1Q2H HIS C 3 ? UNP O14492 ? ? 'cloning artifact'      19 11 
3 1Q2H MET C 4 ? UNP O14492 ? ? 'initiating methionine' 20 12 
# 
loop_
_pdbx_struct_assembly.id 
_pdbx_struct_assembly.details 
_pdbx_struct_assembly.method_details 
_pdbx_struct_assembly.oligomeric_details 
_pdbx_struct_assembly.oligomeric_count 
1 author_and_software_defined_assembly PISA dimeric 2 
2 author_defined_assembly              ?    dimeric 2 
# 
loop_
_pdbx_struct_assembly_prop.biol_id 
_pdbx_struct_assembly_prop.type 
_pdbx_struct_assembly_prop.value 
_pdbx_struct_assembly_prop.details 
1 'ABSA (A^2)' 3910 ? 
1 MORE         -50  ? 
1 'SSA (A^2)'  7890 ? 
# 
loop_
_pdbx_struct_assembly_gen.assembly_id 
_pdbx_struct_assembly_gen.oper_expression 
_pdbx_struct_assembly_gen.asym_id_list 
1 1   A,B,D,E 
2 1,2 C,F     
# 
loop_
_pdbx_struct_oper_list.id 
_pdbx_struct_oper_list.type 
_pdbx_struct_oper_list.name 
_pdbx_struct_oper_list.symmetry_operation 
_pdbx_struct_oper_list.matrix[1][1] 
_pdbx_struct_oper_list.matrix[1][2] 
_pdbx_struct_oper_list.matrix[1][3] 
_pdbx_struct_oper_list.vector[1] 
_pdbx_struct_oper_list.matrix[2][1] 
_pdbx_struct_oper_list.matrix[2][2] 
_pdbx_struct_oper_list.matrix[2][3] 
_pdbx_struct_oper_list.vector[2] 
_pdbx_struct_oper_list.matrix[3][1] 
_pdbx_struct_oper_list.matrix[3][2] 
_pdbx_struct_oper_list.matrix[3][3] 
_pdbx_struct_oper_list.vector[3] 
1 'identity operation'         1_555 x,y,z     1.0000000000  0.0000000000 0.0000000000 0.0000000000 0.0000000000 1.0000000000  0.0000000000 0.0000000000  0.0000000000 0.0000000000 1.0000000000 0.0000000000  
2 'crystal symmetry operation' 2_655 -x+1,-y,z -0.9947327627 0.0127044635 0.1017119830 7.6709334236 0.0127044635 -0.9693571066 0.2453271214 15.3838896341 0.1017119830 0.2453271214 0.9640898693 -2.3187896239 
# 
loop_
_struct_biol.id 
_struct_biol.pdbx_parent_biol_id 
_struct_biol.details 
1 ? ? 
2 ? ? 
# 
loop_
_struct_conf.conf_type_id 
_struct_conf.id 
_struct_conf.pdbx_PDB_helix_id 
_struct_conf.beg_label_comp_id 
_struct_conf.beg_label_asym_id 
_struct_conf.beg_label_seq_id 
_struct_conf.pdbx_beg_PDB_ins_code 
_struct_conf.end_label_comp_id 
_struct_conf.end_label_asym_id 
_struct_conf.end_label_seq_id 
_struct_conf.pdbx_end_PDB_ins_code 
_struct_conf.beg_auth_comp_id 
_struct_conf.beg_auth_asym_id 
_struct_conf.beg_auth_seq_id 
_struct_conf.end_auth_comp_id 
_struct_conf.end_auth_asym_id 
_struct_conf.end_auth_seq_id 
_struct_conf.pdbx_PDB_helix_class 
_struct_conf.details 
_struct_conf.pdbx_PDB_helix_length 
HELX_P HELX_P1 1 ASP A 6  ? ASN A 33 ? ASP A 22 ASN A 49 1 ? 28 
HELX_P HELX_P2 2 PRO A 34 ? ASP A 37 ? PRO A 50 ASP A 53 5 ? 4  
HELX_P HELX_P3 3 ASP A 40 ? ALA A 67 ? ASP A 56 ALA A 83 1 ? 28 
HELX_P HELX_P4 4 ASP B 6  ? ASN B 33 ? ASP B 22 ASN B 49 1 ? 28 
HELX_P HELX_P5 5 PRO B 34 ? ASP B 37 ? PRO B 50 ASP B 53 5 ? 4  
HELX_P HELX_P6 6 ASP B 40 ? VAL B 64 ? ASP B 56 VAL B 80 1 ? 25 
HELX_P HELX_P7 7 ASP C 6  ? ASN C 33 ? ASP C 22 ASN C 49 1 ? 28 
HELX_P HELX_P8 8 ASP C 40 ? LEU C 65 ? ASP C 56 LEU C 81 1 ? 26 
# 
_struct_conf_type.id          HELX_P 
_struct_conf_type.criteria    ? 
_struct_conf_type.reference   ? 
# 
loop_
_pdbx_validate_torsion.id 
_pdbx_validate_torsion.PDB_model_num 
_pdbx_validate_torsion.auth_comp_id 
_pdbx_validate_torsion.auth_asym_id 
_pdbx_validate_torsion.auth_seq_id 
_pdbx_validate_torsion.PDB_ins_code 
_pdbx_validate_torsion.label_alt_id 
_pdbx_validate_torsion.phi 
_pdbx_validate_torsion.psi 
1 1 ASP B 22 ? ? 72.35  92.06 
2 1 LEU B 81 ? ? -64.05 89.04 
3 1 PRO C 50 ? ? -53.57 -6.97 
4 1 TYR C 52 ? ? -67.43 0.36  
5 1 LEU C 81 ? ? -74.55 21.36 
# 
loop_
_pdbx_unobs_or_zero_occ_residues.id 
_pdbx_unobs_or_zero_occ_residues.PDB_model_num 
_pdbx_unobs_or_zero_occ_residues.polymer_flag 
_pdbx_unobs_or_zero_occ_residues.occupancy_flag 
_pdbx_unobs_or_zero_occ_residues.auth_asym_id 
_pdbx_unobs_or_zero_occ_residues.auth_comp_id 
_pdbx_unobs_or_zero_occ_residues.auth_seq_id 
_pdbx_unobs_or_zero_occ_residues.PDB_ins_code 
_pdbx_unobs_or_zero_occ_residues.label_asym_id 
_pdbx_unobs_or_zero_occ_residues.label_comp_id 
_pdbx_unobs_or_zero_occ_residues.label_seq_id 
1  1 Y 1 A GLY 17 ? A GLY 1  
2  1 Y 1 A SER 18 ? A SER 2  
3  1 Y 1 A HIS 19 ? A HIS 3  
4  1 Y 1 A MET 20 ? A MET 4  
5  1 Y 1 A GLY 84 ? A GLY 68 
6  1 Y 1 A PRO 85 ? A PRO 69 
7  1 Y 1 B GLY 17 ? B GLY 1  
8  1 Y 1 B SER 18 ? B SER 2  
9  1 Y 1 B HIS 19 ? B HIS 3  
10 1 Y 1 B MET 20 ? B MET 4  
11 1 Y 1 B ALA 83 ? B ALA 67 
12 1 Y 1 B GLY 84 ? B GLY 68 
13 1 Y 1 B PRO 85 ? B PRO 69 
14 1 Y 1 C GLY 17 ? C GLY 1  
15 1 Y 1 C SER 18 ? C SER 2  
16 1 Y 1 C HIS 19 ? C HIS 3  
17 1 Y 1 C ALA 83 ? C ALA 67 
18 1 Y 1 C GLY 84 ? C GLY 68 
19 1 Y 1 C PRO 85 ? C PRO 69 
# 
loop_
_chem_comp_atom.comp_id 
_chem_comp_atom.atom_id 
_chem_comp_atom.type_symbol 
_chem_comp_atom.pdbx_aromatic_flag 
_chem_comp_atom.pdbx_stereo_config 
_chem_comp_atom.pdbx_ordinal 
ALA N    N N N 1   
ALA CA   C N S 2   
ALA C    C N N 3   
ALA O    O N N 4   
ALA CB   C N N 5   
ALA OXT  O N N 6   
ALA H    H N N 7   
ALA H2   H N N 8   
ALA HA   H N N 9   
ALA HB1  H N N 10  
ALA HB2  H N N 11  
ALA HB3  H N N 12  
ALA HXT  H N N 13  
ARG N    N N N 14  
ARG CA   C N S 15  
ARG C    C N N 16  
ARG O    O N N 17  
ARG CB   C N N 18  
ARG CG   C N N 19  
ARG CD   C N N 20  
ARG NE   N N N 21  
ARG CZ   C N N 22  
ARG NH1  N N N 23  
ARG NH2  N N N 24  
ARG OXT  O N N 25  
ARG H    H N N 26  
ARG H2   H N N 27  
ARG HA   H N N 28  
ARG HB2  H N N 29  
ARG HB3  H N N 30  
ARG HG2  H N N 31  
ARG HG3  H N N 32  
ARG HD2  H N N 33  
ARG HD3  H N N 34  
ARG HE   H N N 35  
ARG HH11 H N N 36  
ARG HH12 H N N 37  
ARG HH21 H N N 38  
ARG HH22 H N N 39  
ARG HXT  H N N 40  
ASN N    N N N 41  
ASN CA   C N S 42  
ASN C    C N N 43  
ASN O    O N N 44  
ASN CB   C N N 45  
ASN CG   C N N 46  
ASN OD1  O N N 47  
ASN ND2  N N N 48  
ASN OXT  O N N 49  
ASN H    H N N 50  
ASN H2   H N N 51  
ASN HA   H N N 52  
ASN HB2  H N N 53  
ASN HB3  H N N 54  
ASN HD21 H N N 55  
ASN HD22 H N N 56  
ASN HXT  H N N 57  
ASP N    N N N 58  
ASP CA   C N S 59  
ASP C    C N N 60  
ASP O    O N N 61  
ASP CB   C N N 62  
ASP CG   C N N 63  
ASP OD1  O N N 64  
ASP OD2  O N N 65  
ASP OXT  O N N 66  
ASP H    H N N 67  
ASP H2   H N N 68  
ASP HA   H N N 69  
ASP HB2  H N N 70  
ASP HB3  H N N 71  
ASP HD2  H N N 72  
ASP HXT  H N N 73  
CYS N    N N N 74  
CYS CA   C N R 75  
CYS C    C N N 76  
CYS O    O N N 77  
CYS CB   C N N 78  
CYS SG   S N N 79  
CYS OXT  O N N 80  
CYS H    H N N 81  
CYS H2   H N N 82  
CYS HA   H N N 83  
CYS HB2  H N N 84  
CYS HB3  H N N 85  
CYS HG   H N N 86  
CYS HXT  H N N 87  
GLN N    N N N 88  
GLN CA   C N S 89  
GLN C    C N N 90  
GLN O    O N N 91  
GLN CB   C N N 92  
GLN CG   C N N 93  
GLN CD   C N N 94  
GLN OE1  O N N 95  
GLN NE2  N N N 96  
GLN OXT  O N N 97  
GLN H    H N N 98  
GLN H2   H N N 99  
GLN HA   H N N 100 
GLN HB2  H N N 101 
GLN HB3  H N N 102 
GLN HG2  H N N 103 
GLN HG3  H N N 104 
GLN HE21 H N N 105 
GLN HE22 H N N 106 
GLN HXT  H N N 107 
GLU N    N N N 108 
GLU CA   C N S 109 
GLU C    C N N 110 
GLU O    O N N 111 
GLU CB   C N N 112 
GLU CG   C N N 113 
GLU CD   C N N 114 
GLU OE1  O N N 115 
GLU OE2  O N N 116 
GLU OXT  O N N 117 
GLU H    H N N 118 
GLU H2   H N N 119 
GLU HA   H N N 120 
GLU HB2  H N N 121 
GLU HB3  H N N 122 
GLU HG2  H N N 123 
GLU HG3  H N N 124 
GLU HE2  H N N 125 
GLU HXT  H N N 126 
GLY N    N N N 127 
GLY CA   C N N 128 
GLY C    C N N 129 
GLY O    O N N 130 
GLY OXT  O N N 131 
GLY H    H N N 132 
GLY H2   H N N 133 
GLY HA2  H N N 134 
GLY HA3  H N N 135 
GLY HXT  H N N 136 
HIS N    N N N 137 
HIS CA   C N S 138 
HIS C    C N N 139 
HIS O    O N N 140 
HIS CB   C N N 141 
HIS CG   C Y N 142 
HIS ND1  N Y N 143 
HIS CD2  C Y N 144 
HIS CE1  C Y N 145 
HIS NE2  N Y N 146 
HIS OXT  O N N 147 
HIS H    H N N 148 
HIS H2   H N N 149 
HIS HA   H N N 150 
HIS HB2  H N N 151 
HIS HB3  H N N 152 
HIS HD1  H N N 153 
HIS HD2  H N N 154 
HIS HE1  H N N 155 
HIS HE2  H N N 156 
HIS HXT  H N N 157 
HOH O    O N N 158 
HOH H1   H N N 159 
HOH H2   H N N 160 
LEU N    N N N 161 
LEU CA   C N S 162 
LEU C    C N N 163 
LEU O    O N N 164 
LEU CB   C N N 165 
LEU CG   C N N 166 
LEU CD1  C N N 167 
LEU CD2  C N N 168 
LEU OXT  O N N 169 
LEU H    H N N 170 
LEU H2   H N N 171 
LEU HA   H N N 172 
LEU HB2  H N N 173 
LEU HB3  H N N 174 
LEU HG   H N N 175 
LEU HD11 H N N 176 
LEU HD12 H N N 177 
LEU HD13 H N N 178 
LEU HD21 H N N 179 
LEU HD22 H N N 180 
LEU HD23 H N N 181 
LEU HXT  H N N 182 
LYS N    N N N 183 
LYS CA   C N S 184 
LYS C    C N N 185 
LYS O    O N N 186 
LYS CB   C N N 187 
LYS CG   C N N 188 
LYS CD   C N N 189 
LYS CE   C N N 190 
LYS NZ   N N N 191 
LYS OXT  O N N 192 
LYS H    H N N 193 
LYS H2   H N N 194 
LYS HA   H N N 195 
LYS HB2  H N N 196 
LYS HB3  H N N 197 
LYS HG2  H N N 198 
LYS HG3  H N N 199 
LYS HD2  H N N 200 
LYS HD3  H N N 201 
LYS HE2  H N N 202 
LYS HE3  H N N 203 
LYS HZ1  H N N 204 
LYS HZ2  H N N 205 
LYS HZ3  H N N 206 
LYS HXT  H N N 207 
MET N    N N N 208 
MET CA   C N S 209 
MET C    C N N 210 
MET O    O N N 211 
MET CB   C N N 212 
MET CG   C N N 213 
MET SD   S N N 214 
MET CE   C N N 215 
MET OXT  O N N 216 
MET H    H N N 217 
MET H2   H N N 218 
MET HA   H N N 219 
MET HB2  H N N 220 
MET HB3  H N N 221 
MET HG2  H N N 222 
MET HG3  H N N 223 
MET HE1  H N N 224 
MET HE2  H N N 225 
MET HE3  H N N 226 
MET HXT  H N N 227 
PHE N    N N N 228 
PHE CA   C N S 229 
PHE C    C N N 230 
PHE O    O N N 231 
PHE CB   C N N 232 
PHE CG   C Y N 233 
PHE CD1  C Y N 234 
PHE CD2  C Y N 235 
PHE CE1  C Y N 236 
PHE CE2  C Y N 237 
PHE CZ   C Y N 238 
PHE OXT  O N N 239 
PHE H    H N N 240 
PHE H2   H N N 241 
PHE HA   H N N 242 
PHE HB2  H N N 243 
PHE HB3  H N N 244 
PHE HD1  H N N 245 
PHE HD2  H N N 246 
PHE HE1  H N N 247 
PHE HE2  H N N 248 
PHE HZ   H N N 249 
PHE HXT  H N N 250 
PRO N    N N N 251 
PRO CA   C N S 252 
PRO C    C N N 253 
PRO O    O N N 254 
PRO CB   C N N 255 
PRO CG   C N N 256 
PRO CD   C N N 257 
PRO OXT  O N N 258 
PRO H    H N N 259 
PRO HA   H N N 260 
PRO HB2  H N N 261 
PRO HB3  H N N 262 
PRO HG2  H N N 263 
PRO HG3  H N N 264 
PRO HD2  H N N 265 
PRO HD3  H N N 266 
PRO HXT  H N N 267 
SER N    N N N 268 
SER CA   C N S 269 
SER C    C N N 270 
SER O    O N N 271 
SER CB   C N N 272 
SER OG   O N N 273 
SER OXT  O N N 274 
SER H    H N N 275 
SER H2   H N N 276 
SER HA   H N N 277 
SER HB2  H N N 278 
SER HB3  H N N 279 
SER HG   H N N 280 
SER HXT  H N N 281 
THR N    N N N 282 
THR CA   C N S 283 
THR C    C N N 284 
THR O    O N N 285 
THR CB   C N R 286 
THR OG1  O N N 287 
THR CG2  C N N 288 
THR OXT  O N N 289 
THR H    H N N 290 
THR H2   H N N 291 
THR HA   H N N 292 
THR HB   H N N 293 
THR HG1  H N N 294 
THR HG21 H N N 295 
THR HG22 H N N 296 
THR HG23 H N N 297 
THR HXT  H N N 298 
TRP N    N N N 299 
TRP CA   C N S 300 
TRP C    C N N 301 
TRP O    O N N 302 
TRP CB   C N N 303 
TRP CG   C Y N 304 
TRP CD1  C Y N 305 
TRP CD2  C Y N 306 
TRP NE1  N Y N 307 
TRP CE2  C Y N 308 
TRP CE3  C Y N 309 
TRP CZ2  C Y N 310 
TRP CZ3  C Y N 311 
TRP CH2  C Y N 312 
TRP OXT  O N N 313 
TRP H    H N N 314 
TRP H2   H N N 315 
TRP HA   H N N 316 
TRP HB2  H N N 317 
TRP HB3  H N N 318 
TRP HD1  H N N 319 
TRP HE1  H N N 320 
TRP HE3  H N N 321 
TRP HZ2  H N N 322 
TRP HZ3  H N N 323 
TRP HH2  H N N 324 
TRP HXT  H N N 325 
TYR N    N N N 326 
TYR CA   C N S 327 
TYR C    C N N 328 
TYR O    O N N 329 
TYR CB   C N N 330 
TYR CG   C Y N 331 
TYR CD1  C Y N 332 
TYR CD2  C Y N 333 
TYR CE1  C Y N 334 
TYR CE2  C Y N 335 
TYR CZ   C Y N 336 
TYR OH   O N N 337 
TYR OXT  O N N 338 
TYR H    H N N 339 
TYR H2   H N N 340 
TYR HA   H N N 341 
TYR HB2  H N N 342 
TYR HB3  H N N 343 
TYR HD1  H N N 344 
TYR HD2  H N N 345 
TYR HE1  H N N 346 
TYR HE2  H N N 347 
TYR HH   H N N 348 
TYR HXT  H N N 349 
VAL N    N N N 350 
VAL CA   C N S 351 
VAL C    C N N 352 
VAL O    O N N 353 
VAL CB   C N N 354 
VAL CG1  C N N 355 
VAL CG2  C N N 356 
VAL OXT  O N N 357 
VAL H    H N N 358 
VAL H2   H N N 359 
VAL HA   H N N 360 
VAL HB   H N N 361 
VAL HG11 H N N 362 
VAL HG12 H N N 363 
VAL HG13 H N N 364 
VAL HG21 H N N 365 
VAL HG22 H N N 366 
VAL HG23 H N N 367 
VAL HXT  H N N 368 
# 
loop_
_chem_comp_bond.comp_id 
_chem_comp_bond.atom_id_1 
_chem_comp_bond.atom_id_2 
_chem_comp_bond.value_order 
_chem_comp_bond.pdbx_aromatic_flag 
_chem_comp_bond.pdbx_stereo_config 
_chem_comp_bond.pdbx_ordinal 
ALA N   CA   sing N N 1   
ALA N   H    sing N N 2   
ALA N   H2   sing N N 3   
ALA CA  C    sing N N 4   
ALA CA  CB   sing N N 5   
ALA CA  HA   sing N N 6   
ALA C   O    doub N N 7   
ALA C   OXT  sing N N 8   
ALA CB  HB1  sing N N 9   
ALA CB  HB2  sing N N 10  
ALA CB  HB3  sing N N 11  
ALA OXT HXT  sing N N 12  
ARG N   CA   sing N N 13  
ARG N   H    sing N N 14  
ARG N   H2   sing N N 15  
ARG CA  C    sing N N 16  
ARG CA  CB   sing N N 17  
ARG CA  HA   sing N N 18  
ARG C   O    doub N N 19  
ARG C   OXT  sing N N 20  
ARG CB  CG   sing N N 21  
ARG CB  HB2  sing N N 22  
ARG CB  HB3  sing N N 23  
ARG CG  CD   sing N N 24  
ARG CG  HG2  sing N N 25  
ARG CG  HG3  sing N N 26  
ARG CD  NE   sing N N 27  
ARG CD  HD2  sing N N 28  
ARG CD  HD3  sing N N 29  
ARG NE  CZ   sing N N 30  
ARG NE  HE   sing N N 31  
ARG CZ  NH1  sing N N 32  
ARG CZ  NH2  doub N N 33  
ARG NH1 HH11 sing N N 34  
ARG NH1 HH12 sing N N 35  
ARG NH2 HH21 sing N N 36  
ARG NH2 HH22 sing N N 37  
ARG OXT HXT  sing N N 38  
ASN N   CA   sing N N 39  
ASN N   H    sing N N 40  
ASN N   H2   sing N N 41  
ASN CA  C    sing N N 42  
ASN CA  CB   sing N N 43  
ASN CA  HA   sing N N 44  
ASN C   O    doub N N 45  
ASN C   OXT  sing N N 46  
ASN CB  CG   sing N N 47  
ASN CB  HB2  sing N N 48  
ASN CB  HB3  sing N N 49  
ASN CG  OD1  doub N N 50  
ASN CG  ND2  sing N N 51  
ASN ND2 HD21 sing N N 52  
ASN ND2 HD22 sing N N 53  
ASN OXT HXT  sing N N 54  
ASP N   CA   sing N N 55  
ASP N   H    sing N N 56  
ASP N   H2   sing N N 57  
ASP CA  C    sing N N 58  
ASP CA  CB   sing N N 59  
ASP CA  HA   sing N N 60  
ASP C   O    doub N N 61  
ASP C   OXT  sing N N 62  
ASP CB  CG   sing N N 63  
ASP CB  HB2  sing N N 64  
ASP CB  HB3  sing N N 65  
ASP CG  OD1  doub N N 66  
ASP CG  OD2  sing N N 67  
ASP OD2 HD2  sing N N 68  
ASP OXT HXT  sing N N 69  
CYS N   CA   sing N N 70  
CYS N   H    sing N N 71  
CYS N   H2   sing N N 72  
CYS CA  C    sing N N 73  
CYS CA  CB   sing N N 74  
CYS CA  HA   sing N N 75  
CYS C   O    doub N N 76  
CYS C   OXT  sing N N 77  
CYS CB  SG   sing N N 78  
CYS CB  HB2  sing N N 79  
CYS CB  HB3  sing N N 80  
CYS SG  HG   sing N N 81  
CYS OXT HXT  sing N N 82  
GLN N   CA   sing N N 83  
GLN N   H    sing N N 84  
GLN N   H2   sing N N 85  
GLN CA  C    sing N N 86  
GLN CA  CB   sing N N 87  
GLN CA  HA   sing N N 88  
GLN C   O    doub N N 89  
GLN C   OXT  sing N N 90  
GLN CB  CG   sing N N 91  
GLN CB  HB2  sing N N 92  
GLN CB  HB3  sing N N 93  
GLN CG  CD   sing N N 94  
GLN CG  HG2  sing N N 95  
GLN CG  HG3  sing N N 96  
GLN CD  OE1  doub N N 97  
GLN CD  NE2  sing N N 98  
GLN NE2 HE21 sing N N 99  
GLN NE2 HE22 sing N N 100 
GLN OXT HXT  sing N N 101 
GLU N   CA   sing N N 102 
GLU N   H    sing N N 103 
GLU N   H2   sing N N 104 
GLU CA  C    sing N N 105 
GLU CA  CB   sing N N 106 
GLU CA  HA   sing N N 107 
GLU C   O    doub N N 108 
GLU C   OXT  sing N N 109 
GLU CB  CG   sing N N 110 
GLU CB  HB2  sing N N 111 
GLU CB  HB3  sing N N 112 
GLU CG  CD   sing N N 113 
GLU CG  HG2  sing N N 114 
GLU CG  HG3  sing N N 115 
GLU CD  OE1  doub N N 116 
GLU CD  OE2  sing N N 117 
GLU OE2 HE2  sing N N 118 
GLU OXT HXT  sing N N 119 
GLY N   CA   sing N N 120 
GLY N   H    sing N N 121 
GLY N   H2   sing N N 122 
GLY CA  C    sing N N 123 
GLY CA  HA2  sing N N 124 
GLY CA  HA3  sing N N 125 
GLY C   O    doub N N 126 
GLY C   OXT  sing N N 127 
GLY OXT HXT  sing N N 128 
HIS N   CA   sing N N 129 
HIS N   H    sing N N 130 
HIS N   H2   sing N N 131 
HIS CA  C    sing N N 132 
HIS CA  CB   sing N N 133 
HIS CA  HA   sing N N 134 
HIS C   O    doub N N 135 
HIS C   OXT  sing N N 136 
HIS CB  CG   sing N N 137 
HIS CB  HB2  sing N N 138 
HIS CB  HB3  sing N N 139 
HIS CG  ND1  sing Y N 140 
HIS CG  CD2  doub Y N 141 
HIS ND1 CE1  doub Y N 142 
HIS ND1 HD1  sing N N 143 
HIS CD2 NE2  sing Y N 144 
HIS CD2 HD2  sing N N 145 
HIS CE1 NE2  sing Y N 146 
HIS CE1 HE1  sing N N 147 
HIS NE2 HE2  sing N N 148 
HIS OXT HXT  sing N N 149 
HOH O   H1   sing N N 150 
HOH O   H2   sing N N 151 
LEU N   CA   sing N N 152 
LEU N   H    sing N N 153 
LEU N   H2   sing N N 154 
LEU CA  C    sing N N 155 
LEU CA  CB   sing N N 156 
LEU CA  HA   sing N N 157 
LEU C   O    doub N N 158 
LEU C   OXT  sing N N 159 
LEU CB  CG   sing N N 160 
LEU CB  HB2  sing N N 161 
LEU CB  HB3  sing N N 162 
LEU CG  CD1  sing N N 163 
LEU CG  CD2  sing N N 164 
LEU CG  HG   sing N N 165 
LEU CD1 HD11 sing N N 166 
LEU CD1 HD12 sing N N 167 
LEU CD1 HD13 sing N N 168 
LEU CD2 HD21 sing N N 169 
LEU CD2 HD22 sing N N 170 
LEU CD2 HD23 sing N N 171 
LEU OXT HXT  sing N N 172 
LYS N   CA   sing N N 173 
LYS N   H    sing N N 174 
LYS N   H2   sing N N 175 
LYS CA  C    sing N N 176 
LYS CA  CB   sing N N 177 
LYS CA  HA   sing N N 178 
LYS C   O    doub N N 179 
LYS C   OXT  sing N N 180 
LYS CB  CG   sing N N 181 
LYS CB  HB2  sing N N 182 
LYS CB  HB3  sing N N 183 
LYS CG  CD   sing N N 184 
LYS CG  HG2  sing N N 185 
LYS CG  HG3  sing N N 186 
LYS CD  CE   sing N N 187 
LYS CD  HD2  sing N N 188 
LYS CD  HD3  sing N N 189 
LYS CE  NZ   sing N N 190 
LYS CE  HE2  sing N N 191 
LYS CE  HE3  sing N N 192 
LYS NZ  HZ1  sing N N 193 
LYS NZ  HZ2  sing N N 194 
LYS NZ  HZ3  sing N N 195 
LYS OXT HXT  sing N N 196 
MET N   CA   sing N N 197 
MET N   H    sing N N 198 
MET N   H2   sing N N 199 
MET CA  C    sing N N 200 
MET CA  CB   sing N N 201 
MET CA  HA   sing N N 202 
MET C   O    doub N N 203 
MET C   OXT  sing N N 204 
MET CB  CG   sing N N 205 
MET CB  HB2  sing N N 206 
MET CB  HB3  sing N N 207 
MET CG  SD   sing N N 208 
MET CG  HG2  sing N N 209 
MET CG  HG3  sing N N 210 
MET SD  CE   sing N N 211 
MET CE  HE1  sing N N 212 
MET CE  HE2  sing N N 213 
MET CE  HE3  sing N N 214 
MET OXT HXT  sing N N 215 
PHE N   CA   sing N N 216 
PHE N   H    sing N N 217 
PHE N   H2   sing N N 218 
PHE CA  C    sing N N 219 
PHE CA  CB   sing N N 220 
PHE CA  HA   sing N N 221 
PHE C   O    doub N N 222 
PHE C   OXT  sing N N 223 
PHE CB  CG   sing N N 224 
PHE CB  HB2  sing N N 225 
PHE CB  HB3  sing N N 226 
PHE CG  CD1  doub Y N 227 
PHE CG  CD2  sing Y N 228 
PHE CD1 CE1  sing Y N 229 
PHE CD1 HD1  sing N N 230 
PHE CD2 CE2  doub Y N 231 
PHE CD2 HD2  sing N N 232 
PHE CE1 CZ   doub Y N 233 
PHE CE1 HE1  sing N N 234 
PHE CE2 CZ   sing Y N 235 
PHE CE2 HE2  sing N N 236 
PHE CZ  HZ   sing N N 237 
PHE OXT HXT  sing N N 238 
PRO N   CA   sing N N 239 
PRO N   CD   sing N N 240 
PRO N   H    sing N N 241 
PRO CA  C    sing N N 242 
PRO CA  CB   sing N N 243 
PRO CA  HA   sing N N 244 
PRO C   O    doub N N 245 
PRO C   OXT  sing N N 246 
PRO CB  CG   sing N N 247 
PRO CB  HB2  sing N N 248 
PRO CB  HB3  sing N N 249 
PRO CG  CD   sing N N 250 
PRO CG  HG2  sing N N 251 
PRO CG  HG3  sing N N 252 
PRO CD  HD2  sing N N 253 
PRO CD  HD3  sing N N 254 
PRO OXT HXT  sing N N 255 
SER N   CA   sing N N 256 
SER N   H    sing N N 257 
SER N   H2   sing N N 258 
SER CA  C    sing N N 259 
SER CA  CB   sing N N 260 
SER CA  HA   sing N N 261 
SER C   O    doub N N 262 
SER C   OXT  sing N N 263 
SER CB  OG   sing N N 264 
SER CB  HB2  sing N N 265 
SER CB  HB3  sing N N 266 
SER OG  HG   sing N N 267 
SER OXT HXT  sing N N 268 
THR N   CA   sing N N 269 
THR N   H    sing N N 270 
THR N   H2   sing N N 271 
THR CA  C    sing N N 272 
THR CA  CB   sing N N 273 
THR CA  HA   sing N N 274 
THR C   O    doub N N 275 
THR C   OXT  sing N N 276 
THR CB  OG1  sing N N 277 
THR CB  CG2  sing N N 278 
THR CB  HB   sing N N 279 
THR OG1 HG1  sing N N 280 
THR CG2 HG21 sing N N 281 
THR CG2 HG22 sing N N 282 
THR CG2 HG23 sing N N 283 
THR OXT HXT  sing N N 284 
TRP N   CA   sing N N 285 
TRP N   H    sing N N 286 
TRP N   H2   sing N N 287 
TRP CA  C    sing N N 288 
TRP CA  CB   sing N N 289 
TRP CA  HA   sing N N 290 
TRP C   O    doub N N 291 
TRP C   OXT  sing N N 292 
TRP CB  CG   sing N N 293 
TRP CB  HB2  sing N N 294 
TRP CB  HB3  sing N N 295 
TRP CG  CD1  doub Y N 296 
TRP CG  CD2  sing Y N 297 
TRP CD1 NE1  sing Y N 298 
TRP CD1 HD1  sing N N 299 
TRP CD2 CE2  doub Y N 300 
TRP CD2 CE3  sing Y N 301 
TRP NE1 CE2  sing Y N 302 
TRP NE1 HE1  sing N N 303 
TRP CE2 CZ2  sing Y N 304 
TRP CE3 CZ3  doub Y N 305 
TRP CE3 HE3  sing N N 306 
TRP CZ2 CH2  doub Y N 307 
TRP CZ2 HZ2  sing N N 308 
TRP CZ3 CH2  sing Y N 309 
TRP CZ3 HZ3  sing N N 310 
TRP CH2 HH2  sing N N 311 
TRP OXT HXT  sing N N 312 
TYR N   CA   sing N N 313 
TYR N   H    sing N N 314 
TYR N   H2   sing N N 315 
TYR CA  C    sing N N 316 
TYR CA  CB   sing N N 317 
TYR CA  HA   sing N N 318 
TYR C   O    doub N N 319 
TYR C   OXT  sing N N 320 
TYR CB  CG   sing N N 321 
TYR CB  HB2  sing N N 322 
TYR CB  HB3  sing N N 323 
TYR CG  CD1  doub Y N 324 
TYR CG  CD2  sing Y N 325 
TYR CD1 CE1  sing Y N 326 
TYR CD1 HD1  sing N N 327 
TYR CD2 CE2  doub Y N 328 
TYR CD2 HD2  sing N N 329 
TYR CE1 CZ   doub Y N 330 
TYR CE1 HE1  sing N N 331 
TYR CE2 CZ   sing Y N 332 
TYR CE2 HE2  sing N N 333 
TYR CZ  OH   sing N N 334 
TYR OH  HH   sing N N 335 
TYR OXT HXT  sing N N 336 
VAL N   CA   sing N N 337 
VAL N   H    sing N N 338 
VAL N   H2   sing N N 339 
VAL CA  C    sing N N 340 
VAL CA  CB   sing N N 341 
VAL CA  HA   sing N N 342 
VAL C   O    doub N N 343 
VAL C   OXT  sing N N 344 
VAL CB  CG1  sing N N 345 
VAL CB  CG2  sing N N 346 
VAL CB  HB   sing N N 347 
VAL CG1 HG11 sing N N 348 
VAL CG1 HG12 sing N N 349 
VAL CG1 HG13 sing N N 350 
VAL CG2 HG21 sing N N 351 
VAL CG2 HG22 sing N N 352 
VAL CG2 HG23 sing N N 353 
VAL OXT HXT  sing N N 354 
# 
_atom_sites.entry_id                    1Q2H 
_atom_sites.fract_transf_matrix[1][1]   -0.01252406 
_atom_sites.fract_transf_matrix[1][2]   -0.00681938 
_atom_sites.fract_transf_matrix[1][3]   0.00150035 
_atom_sites.fract_transf_matrix[2][1]   0.00842441 
_atom_sites.fract_transf_matrix[2][2]   -0.01515138 
_atom_sites.fract_transf_matrix[2][3]   0.00145624 
_atom_sites.fract_transf_matrix[3][1]   0.00099225 
_atom_sites.fract_transf_matrix[3][2]   0.00239328 
_atom_sites.fract_transf_matrix[3][3]   0.01916063 
_atom_sites.fract_transf_vector[1]      0.602230 
_atom_sites.fract_transf_vector[2]      0.085920 
_atom_sites.fract_transf_vector[3]      0.676841 
# 
loop_
_atom_type.symbol 
C 
N 
O 
S 
# 
loop_
_atom_site.group_PDB 
_atom_site.id 
_atom_site.type_symbol 
_atom_site.label_atom_id 
_atom_site.label_alt_id 
_atom_site.label_comp_id 
_atom_site.label_asym_id 
_atom_site.label_entity_id 
_atom_site.label_seq_id 
_atom_site.pdbx_PDB_ins_code 
_atom_site.Cartn_x 
_atom_site.Cartn_y 
_atom_site.Cartn_z 
_atom_site.occupancy 
_atom_site.B_iso_or_equiv 
_atom_site.pdbx_formal_charge 
_atom_site.auth_seq_id 
_atom_site.auth_comp_id 
_atom_site.auth_asym_id 
_atom_site.auth_atom_id 
_atom_site.pdbx_PDB_model_num 
ATOM   1    N N   . PRO A 1 5  ? 3.485   -11.447 14.515  1.00 40.68 ? 21  PRO A N   1 
ATOM   2    C CA  . PRO A 1 5  ? 2.862   -10.619 13.453  1.00 39.59 ? 21  PRO A CA  1 
ATOM   3    C C   . PRO A 1 5  ? 2.070   -11.529 12.526  1.00 37.63 ? 21  PRO A C   1 
ATOM   4    O O   . PRO A 1 5  ? 2.618   -12.469 11.959  1.00 38.88 ? 21  PRO A O   1 
ATOM   5    C CB  . PRO A 1 5  ? 3.989   -9.930  12.690  1.00 41.52 ? 21  PRO A CB  1 
ATOM   6    C CG  . PRO A 1 5  ? 5.165   -10.061 13.673  1.00 41.49 ? 21  PRO A CG  1 
ATOM   7    C CD  . PRO A 1 5  ? 4.949   -11.399 14.386  1.00 41.86 ? 21  PRO A CD  1 
ATOM   8    N N   . ASP A 1 6  ? 0.785   -11.241 12.362  1.00 35.99 ? 22  ASP A N   1 
ATOM   9    C CA  . ASP A 1 6  ? -0.075  -12.060 11.518  1.00 34.53 ? 22  ASP A CA  1 
ATOM   10   C C   . ASP A 1 6  ? 0.231   -11.922 10.031  1.00 33.04 ? 22  ASP A C   1 
ATOM   11   O O   . ASP A 1 6  ? 0.236   -10.816 9.488   1.00 30.75 ? 22  ASP A O   1 
ATOM   12   C CB  . ASP A 1 6  ? -1.538  -11.709 11.774  1.00 38.03 ? 22  ASP A CB  1 
ATOM   13   C CG  . ASP A 1 6  ? -2.488  -12.687 11.127  1.00 43.07 ? 22  ASP A CG  1 
ATOM   14   O OD1 . ASP A 1 6  ? -2.782  -12.543 9.923   1.00 45.81 ? 22  ASP A OD1 1 
ATOM   15   O OD2 . ASP A 1 6  ? -2.929  -13.618 11.829  1.00 45.55 ? 22  ASP A OD2 1 
ATOM   16   N N   . TRP A 1 7  ? 0.470   -13.056 9.376   1.00 28.43 ? 23  TRP A N   1 
ATOM   17   C CA  . TRP A 1 7  ? 0.782   -13.071 7.955   1.00 28.60 ? 23  TRP A CA  1 
ATOM   18   C C   . TRP A 1 7  ? -0.390  -12.607 7.084   1.00 27.88 ? 23  TRP A C   1 
ATOM   19   O O   . TRP A 1 7  ? -0.213  -11.788 6.177   1.00 25.69 ? 23  TRP A O   1 
ATOM   20   C CB  . TRP A 1 7  ? 1.231   -14.481 7.537   1.00 26.44 ? 23  TRP A CB  1 
ATOM   21   C CG  . TRP A 1 7  ? 1.481   -14.633 6.069   1.00 25.94 ? 23  TRP A CG  1 
ATOM   22   C CD1 . TRP A 1 7  ? 0.641   -15.190 5.147   1.00 23.79 ? 23  TRP A CD1 1 
ATOM   23   C CD2 . TRP A 1 7  ? 2.636   -14.178 5.342   1.00 25.73 ? 23  TRP A CD2 1 
ATOM   24   N NE1 . TRP A 1 7  ? 1.198   -15.107 3.891   1.00 26.94 ? 23  TRP A NE1 1 
ATOM   25   C CE2 . TRP A 1 7  ? 2.419   -14.490 3.981   1.00 27.26 ? 23  TRP A CE2 1 
ATOM   26   C CE3 . TRP A 1 7  ? 3.826   -13.533 5.710   1.00 25.89 ? 23  TRP A CE3 1 
ATOM   27   C CZ2 . TRP A 1 7  ? 3.353   -14.179 2.981   1.00 27.28 ? 23  TRP A CZ2 1 
ATOM   28   C CZ3 . TRP A 1 7  ? 4.756   -13.224 4.716   1.00 26.62 ? 23  TRP A CZ3 1 
ATOM   29   C CH2 . TRP A 1 7  ? 4.511   -13.548 3.367   1.00 27.49 ? 23  TRP A CH2 1 
ATOM   30   N N   . ARG A 1 8  ? -1.582  -13.127 7.365   1.00 25.44 ? 24  ARG A N   1 
ATOM   31   C CA  . ARG A 1 8  ? -2.778  -12.769 6.598   1.00 26.63 ? 24  ARG A CA  1 
ATOM   32   C C   . ARG A 1 8  ? -3.034  -11.270 6.610   1.00 27.05 ? 24  ARG A C   1 
ATOM   33   O O   . ARG A 1 8  ? -3.316  -10.667 5.573   1.00 25.14 ? 24  ARG A O   1 
ATOM   34   C CB  . ARG A 1 8  ? -4.009  -13.485 7.162   1.00 27.09 ? 24  ARG A CB  1 
ATOM   35   C CG  . ARG A 1 8  ? -5.327  -13.150 6.462   1.00 27.30 ? 24  ARG A CG  1 
ATOM   36   C CD  . ARG A 1 8  ? -6.513  -13.802 7.177   1.00 27.93 ? 24  ARG A CD  1 
ATOM   37   N NE  . ARG A 1 8  ? -7.788  -13.447 6.563   1.00 30.89 ? 24  ARG A NE  1 
ATOM   38   C CZ  . ARG A 1 8  ? -8.981  -13.845 7.007   1.00 30.90 ? 24  ARG A CZ  1 
ATOM   39   N NH1 . ARG A 1 8  ? -9.080  -14.620 8.075   1.00 28.76 ? 24  ARG A NH1 1 
ATOM   40   N NH2 . ARG A 1 8  ? -10.081 -13.461 6.376   1.00 29.22 ? 24  ARG A NH2 1 
ATOM   41   N N   . GLN A 1 9  ? -2.954  -10.673 7.794   1.00 26.89 ? 25  GLN A N   1 
ATOM   42   C CA  . GLN A 1 9  ? -3.192  -9.246  7.934   1.00 27.07 ? 25  GLN A CA  1 
ATOM   43   C C   . GLN A 1 9  ? -2.116  -8.434  7.210   1.00 26.09 ? 25  GLN A C   1 
ATOM   44   O O   . GLN A 1 9  ? -2.419  -7.419  6.583   1.00 24.58 ? 25  GLN A O   1 
ATOM   45   C CB  . GLN A 1 9  ? -3.257  -8.868  9.419   1.00 30.41 ? 25  GLN A CB  1 
ATOM   46   C CG  . GLN A 1 9  ? -3.322  -7.372  9.664   1.00 36.86 ? 25  GLN A CG  1 
ATOM   47   C CD  . GLN A 1 9  ? -3.892  -7.017  11.027  1.00 40.54 ? 25  GLN A CD  1 
ATOM   48   O OE1 . GLN A 1 9  ? -3.623  -5.939  11.561  1.00 46.35 ? 25  GLN A OE1 1 
ATOM   49   N NE2 . GLN A 1 9  ? -4.698  -7.915  11.588  1.00 41.28 ? 25  GLN A NE2 1 
ATOM   50   N N   . PHE A 1 10 ? -0.866  -8.887  7.293   1.00 23.40 ? 26  PHE A N   1 
ATOM   51   C CA  . PHE A 1 10 ? 0.244   -8.204  6.625   1.00 24.43 ? 26  PHE A CA  1 
ATOM   52   C C   . PHE A 1 10 ? -0.062  -8.124  5.129   1.00 23.29 ? 26  PHE A C   1 
ATOM   53   O O   . PHE A 1 10 ? -0.049  -7.042  4.524   1.00 22.87 ? 26  PHE A O   1 
ATOM   54   C CB  . PHE A 1 10 ? 1.553   -8.981  6.854   1.00 22.88 ? 26  PHE A CB  1 
ATOM   55   C CG  . PHE A 1 10 ? 2.681   -8.564  5.948   1.00 23.37 ? 26  PHE A CG  1 
ATOM   56   C CD1 . PHE A 1 10 ? 3.406   -7.399  6.199   1.00 22.80 ? 26  PHE A CD1 1 
ATOM   57   C CD2 . PHE A 1 10 ? 3.008   -9.326  4.828   1.00 21.85 ? 26  PHE A CD2 1 
ATOM   58   C CE1 . PHE A 1 10 ? 4.437   -7.009  5.340   1.00 21.59 ? 26  PHE A CE1 1 
ATOM   59   C CE2 . PHE A 1 10 ? 4.032   -8.944  3.967   1.00 20.80 ? 26  PHE A CE2 1 
ATOM   60   C CZ  . PHE A 1 10 ? 4.750   -7.778  4.227   1.00 19.59 ? 26  PHE A CZ  1 
ATOM   61   N N   . CYS A 1 11 ? -0.345  -9.276  4.534   1.00 23.06 ? 27  CYS A N   1 
ATOM   62   C CA  . CYS A 1 11 ? -0.648  -9.325  3.115   1.00 22.75 ? 27  CYS A CA  1 
ATOM   63   C C   . CYS A 1 11 ? -1.895  -8.526  2.773   1.00 21.86 ? 27  CYS A C   1 
ATOM   64   O O   . CYS A 1 11 ? -1.896  -7.773  1.806   1.00 20.25 ? 27  CYS A O   1 
ATOM   65   C CB  . CYS A 1 11 ? -0.845  -10.765 2.650   1.00 23.54 ? 27  CYS A CB  1 
ATOM   66   S SG  . CYS A 1 11 ? 0.576   -11.821 2.910   1.00 22.11 ? 27  CYS A SG  1 
ATOM   67   N N   . GLU A 1 12 ? -2.952  -8.687  3.570   1.00 21.33 ? 28  GLU A N   1 
ATOM   68   C CA  . GLU A 1 12 ? -4.208  -8.000  3.294   1.00 22.69 ? 28  GLU A CA  1 
ATOM   69   C C   . GLU A 1 12 ? -4.110  -6.485  3.366   1.00 20.61 ? 28  GLU A C   1 
ATOM   70   O O   . GLU A 1 12 ? -4.678  -5.795  2.531   1.00 22.75 ? 28  GLU A O   1 
ATOM   71   C CB  . GLU A 1 12 ? -5.322  -8.495  4.232   1.00 23.90 ? 28  GLU A CB  1 
ATOM   72   C CG  . GLU A 1 12 ? -5.661  -9.971  4.017   1.00 26.15 ? 28  GLU A CG  1 
ATOM   73   C CD  . GLU A 1 12 ? -6.807  -10.462 4.876   1.00 27.60 ? 28  GLU A CD  1 
ATOM   74   O OE1 . GLU A 1 12 ? -7.136  -9.794  5.877   1.00 30.93 ? 28  GLU A OE1 1 
ATOM   75   O OE2 . GLU A 1 12 ? -7.370  -11.530 4.554   1.00 29.78 ? 28  GLU A OE2 1 
ATOM   76   N N   . LEU A 1 13 ? -3.395  -5.973  4.363   1.00 20.76 ? 29  LEU A N   1 
ATOM   77   C CA  . LEU A 1 13 ? -3.258  -4.529  4.510   1.00 19.87 ? 29  LEU A CA  1 
ATOM   78   C C   . LEU A 1 13 ? -2.484  -3.915  3.351   1.00 19.17 ? 29  LEU A C   1 
ATOM   79   O O   . LEU A 1 13 ? -2.858  -2.851  2.862   1.00 19.84 ? 29  LEU A O   1 
ATOM   80   C CB  . LEU A 1 13 ? -2.602  -4.193  5.855   1.00 24.12 ? 29  LEU A CB  1 
ATOM   81   C CG  . LEU A 1 13 ? -3.519  -4.536  7.046   1.00 26.95 ? 29  LEU A CG  1 
ATOM   82   C CD1 . LEU A 1 13 ? -2.802  -4.255  8.356   1.00 29.97 ? 29  LEU A CD1 1 
ATOM   83   C CD2 . LEU A 1 13 ? -4.814  -3.726  6.955   1.00 28.94 ? 29  LEU A CD2 1 
ATOM   84   N N   . HIS A 1 14 ? -1.419  -4.572  2.899   1.00 19.39 ? 30  HIS A N   1 
ATOM   85   C CA  . HIS A 1 14 ? -0.660  -4.020  1.775   1.00 20.34 ? 30  HIS A CA  1 
ATOM   86   C C   . HIS A 1 14 ? -1.453  -4.119  0.474   1.00 20.99 ? 30  HIS A C   1 
ATOM   87   O O   . HIS A 1 14 ? -1.428  -3.197  -0.354  1.00 18.21 ? 30  HIS A O   1 
ATOM   88   C CB  . HIS A 1 14 ? 0.697   -4.721  1.639   1.00 20.67 ? 30  HIS A CB  1 
ATOM   89   C CG  . HIS A 1 14 ? 1.674   -4.335  2.712   1.00 24.49 ? 30  HIS A CG  1 
ATOM   90   N ND1 . HIS A 1 14 ? 2.201   -3.064  2.814   1.00 23.14 ? 30  HIS A ND1 1 
ATOM   91   C CD2 . HIS A 1 14 ? 2.190   -5.041  3.746   1.00 24.05 ? 30  HIS A CD2 1 
ATOM   92   C CE1 . HIS A 1 14 ? 3.000   -3.003  3.864   1.00 24.78 ? 30  HIS A CE1 1 
ATOM   93   N NE2 . HIS A 1 14 ? 3.011   -4.188  4.449   1.00 25.48 ? 30  HIS A NE2 1 
ATOM   94   N N   . ALA A 1 15 ? -2.180  -5.219  0.300   1.00 20.04 ? 31  ALA A N   1 
ATOM   95   C CA  . ALA A 1 15 ? -2.981  -5.405  -0.904  1.00 20.34 ? 31  ALA A CA  1 
ATOM   96   C C   . ALA A 1 15 ? -4.064  -4.337  -0.950  1.00 20.90 ? 31  ALA A C   1 
ATOM   97   O O   . ALA A 1 15 ? -4.363  -3.783  -2.012  1.00 20.79 ? 31  ALA A O   1 
ATOM   98   C CB  . ALA A 1 15 ? -3.614  -6.808  -0.918  1.00 20.62 ? 31  ALA A CB  1 
ATOM   99   N N   . GLN A 1 16 ? -4.645  -4.047  0.212   1.00 21.77 ? 32  GLN A N   1 
ATOM   100  C CA  . GLN A 1 16 ? -5.692  -3.039  0.315   1.00 22.00 ? 32  GLN A CA  1 
ATOM   101  C C   . GLN A 1 16 ? -5.106  -1.674  -0.021  1.00 21.22 ? 32  GLN A C   1 
ATOM   102  O O   . GLN A 1 16 ? -5.662  -0.933  -0.827  1.00 19.79 ? 32  GLN A O   1 
ATOM   103  C CB  . GLN A 1 16 ? -6.265  -3.016  1.732   1.00 23.44 ? 32  GLN A CB  1 
ATOM   104  C CG  . GLN A 1 16 ? -7.480  -2.111  1.884   1.00 28.76 ? 32  GLN A CG  1 
ATOM   105  C CD  . GLN A 1 16 ? -7.993  -2.039  3.310   1.00 31.82 ? 32  GLN A CD  1 
ATOM   106  O OE1 . GLN A 1 16 ? -7.387  -1.404  4.167   1.00 34.60 ? 32  GLN A OE1 1 
ATOM   107  N NE2 . GLN A 1 16 ? -9.115  -2.695  3.569   1.00 33.61 ? 32  GLN A NE2 1 
ATOM   108  N N   . ALA A 1 17 ? -3.970  -1.354  0.595   1.00 20.92 ? 33  ALA A N   1 
ATOM   109  C CA  . ALA A 1 17 ? -3.311  -0.071  0.351   1.00 21.15 ? 33  ALA A CA  1 
ATOM   110  C C   . ALA A 1 17 ? -3.082  0.133   -1.139  1.00 20.94 ? 33  ALA A C   1 
ATOM   111  O O   . ALA A 1 17 ? -3.335  1.211   -1.668  1.00 21.34 ? 33  ALA A O   1 
ATOM   112  C CB  . ALA A 1 17 ? -1.971  -0.010  1.095   1.00 20.18 ? 33  ALA A CB  1 
ATOM   113  N N   . ALA A 1 18 ? -2.605  -0.902  -1.817  1.00 21.05 ? 34  ALA A N   1 
ATOM   114  C CA  . ALA A 1 18 ? -2.338  -0.798  -3.252  1.00 21.85 ? 34  ALA A CA  1 
ATOM   115  C C   . ALA A 1 18 ? -3.616  -0.583  -4.069  1.00 18.47 ? 34  ALA A C   1 
ATOM   116  O O   . ALA A 1 18 ? -3.633  0.202   -5.011  1.00 17.87 ? 34  ALA A O   1 
ATOM   117  C CB  . ALA A 1 18 ? -1.606  -2.054  -3.740  1.00 20.46 ? 34  ALA A CB  1 
ATOM   118  N N   . ALA A 1 19 ? -4.676  -1.301  -3.714  1.00 18.07 ? 35  ALA A N   1 
ATOM   119  C CA  . ALA A 1 19 ? -5.946  -1.189  -4.420  1.00 16.74 ? 35  ALA A CA  1 
ATOM   120  C C   . ALA A 1 19 ? -6.591  0.185   -4.241  1.00 17.80 ? 35  ALA A C   1 
ATOM   121  O O   . ALA A 1 19 ? -7.127  0.759   -5.189  1.00 18.51 ? 35  ALA A O   1 
ATOM   122  C CB  . ALA A 1 19 ? -6.906  -2.290  -3.939  1.00 17.50 ? 35  ALA A CB  1 
ATOM   123  N N   . VAL A 1 20 ? -6.553  0.711   -3.016  1.00 17.63 ? 36  VAL A N   1 
ATOM   124  C CA  . VAL A 1 20 ? -7.130  2.016   -2.745  1.00 19.48 ? 36  VAL A CA  1 
ATOM   125  C C   . VAL A 1 20 ? -6.418  3.093   -3.563  1.00 20.07 ? 36  VAL A C   1 
ATOM   126  O O   . VAL A 1 20 ? -7.060  3.947   -4.164  1.00 19.21 ? 36  VAL A O   1 
ATOM   127  C CB  . VAL A 1 20 ? -7.032  2.358   -1.238  1.00 19.28 ? 36  VAL A CB  1 
ATOM   128  C CG1 . VAL A 1 20 ? -7.405  3.805   -0.993  1.00 21.24 ? 36  VAL A CG1 1 
ATOM   129  C CG2 . VAL A 1 20 ? -7.972  1.448   -0.457  1.00 22.75 ? 36  VAL A CG2 1 
ATOM   130  N N   . ASP A 1 21 ? -5.092  3.034   -3.600  1.00 21.24 ? 37  ASP A N   1 
ATOM   131  C CA  . ASP A 1 21 ? -4.335  4.034   -4.339  1.00 21.55 ? 37  ASP A CA  1 
ATOM   132  C C   . ASP A 1 21 ? -4.614  3.952   -5.829  1.00 20.99 ? 37  ASP A C   1 
ATOM   133  O O   . ASP A 1 21 ? -4.892  4.966   -6.467  1.00 19.94 ? 37  ASP A O   1 
ATOM   134  C CB  . ASP A 1 21 ? -2.834  3.870   -4.091  1.00 25.45 ? 37  ASP A CB  1 
ATOM   135  C CG  . ASP A 1 21 ? -2.016  5.002   -4.700  1.00 29.91 ? 37  ASP A CG  1 
ATOM   136  O OD1 . ASP A 1 21 ? -2.009  6.110   -4.120  1.00 31.88 ? 37  ASP A OD1 1 
ATOM   137  O OD2 . ASP A 1 21 ? -1.392  4.793   -5.763  1.00 31.10 ? 37  ASP A OD2 1 
ATOM   138  N N   . PHE A 1 22 ? -4.554  2.749   -6.388  1.00 20.02 ? 38  PHE A N   1 
ATOM   139  C CA  . PHE A 1 22 ? -4.793  2.608   -7.815  1.00 18.01 ? 38  PHE A CA  1 
ATOM   140  C C   . PHE A 1 22 ? -6.238  2.899   -8.209  1.00 19.19 ? 38  PHE A C   1 
ATOM   141  O O   . PHE A 1 22 ? -6.497  3.359   -9.310  1.00 18.33 ? 38  PHE A O   1 
ATOM   142  C CB  . PHE A 1 22 ? -4.403  1.216   -8.322  1.00 20.82 ? 38  PHE A CB  1 
ATOM   143  C CG  . PHE A 1 22 ? -4.469  1.100   -9.819  1.00 19.95 ? 38  PHE A CG  1 
ATOM   144  C CD1 . PHE A 1 22 ? -3.645  1.893   -10.618 1.00 19.69 ? 38  PHE A CD1 1 
ATOM   145  C CD2 . PHE A 1 22 ? -5.400  0.268   -10.434 1.00 22.68 ? 38  PHE A CD2 1 
ATOM   146  C CE1 . PHE A 1 22 ? -3.752  1.864   -12.014 1.00 22.59 ? 38  PHE A CE1 1 
ATOM   147  C CE2 . PHE A 1 22 ? -5.515  0.230   -11.829 1.00 20.88 ? 38  PHE A CE2 1 
ATOM   148  C CZ  . PHE A 1 22 ? -4.684  1.035   -12.622 1.00 21.27 ? 38  PHE A CZ  1 
ATOM   149  N N   . ALA A 1 23 ? -7.181  2.621   -7.318  1.00 18.04 ? 39  ALA A N   1 
ATOM   150  C CA  . ALA A 1 23 ? -8.568  2.912   -7.632  1.00 16.97 ? 39  ALA A CA  1 
ATOM   151  C C   . ALA A 1 23 ? -8.660  4.420   -7.822  1.00 17.57 ? 39  ALA A C   1 
ATOM   152  O O   . ALA A 1 23 ? -9.371  4.892   -8.704  1.00 17.55 ? 39  ALA A O   1 
ATOM   153  C CB  . ALA A 1 23 ? -9.484  2.456   -6.487  1.00 17.54 ? 39  ALA A CB  1 
ATOM   154  N N   . HIS A 1 24 ? -7.940  5.183   -6.998  1.00 18.23 ? 40  HIS A N   1 
ATOM   155  C CA  . HIS A 1 24 ? -7.977  6.644   -7.140  1.00 21.18 ? 40  HIS A CA  1 
ATOM   156  C C   . HIS A 1 24 ? -7.369  7.090   -8.478  1.00 21.73 ? 40  HIS A C   1 
ATOM   157  O O   . HIS A 1 24 ? -7.924  7.947   -9.181  1.00 21.51 ? 40  HIS A O   1 
ATOM   158  C CB  . HIS A 1 24 ? -7.218  7.326   -5.991  1.00 21.03 ? 40  HIS A CB  1 
ATOM   159  C CG  . HIS A 1 24 ? -7.811  7.079   -4.640  1.00 25.24 ? 40  HIS A CG  1 
ATOM   160  N ND1 . HIS A 1 24 ? -9.143  6.773   -4.456  1.00 26.04 ? 40  HIS A ND1 1 
ATOM   161  C CD2 . HIS A 1 24 ? -7.264  7.135   -3.401  1.00 22.95 ? 40  HIS A CD2 1 
ATOM   162  C CE1 . HIS A 1 24 ? -9.391  6.655   -3.162  1.00 25.37 ? 40  HIS A CE1 1 
ATOM   163  N NE2 . HIS A 1 24 ? -8.267  6.871   -2.501  1.00 25.90 ? 40  HIS A NE2 1 
ATOM   164  N N   . LYS A 1 25 ? -6.228  6.515   -8.836  1.00 21.03 ? 41  LYS A N   1 
ATOM   165  C CA  . LYS A 1 25 ? -5.579  6.890   -10.096 1.00 21.53 ? 41  LYS A CA  1 
ATOM   166  C C   . LYS A 1 25 ? -6.429  6.476   -11.294 1.00 20.49 ? 41  LYS A C   1 
ATOM   167  O O   . LYS A 1 25 ? -6.495  7.183   -12.304 1.00 18.45 ? 41  LYS A O   1 
ATOM   168  C CB  . LYS A 1 25 ? -4.186  6.260   -10.189 1.00 22.95 ? 41  LYS A CB  1 
ATOM   169  C CG  . LYS A 1 25 ? -3.224  6.764   -9.121  1.00 25.02 ? 41  LYS A CG  1 
ATOM   170  C CD  . LYS A 1 25 ? -1.793  6.322   -9.399  1.00 29.44 ? 41  LYS A CD  1 
ATOM   171  C CE  . LYS A 1 25 ? -0.856  6.779   -8.294  1.00 31.36 ? 41  LYS A CE  1 
ATOM   172  N NZ  . LYS A 1 25 ? -0.938  8.241   -8.092  1.00 34.31 ? 41  LYS A NZ  1 
ATOM   173  N N   . PHE A 1 26 ? -7.074  5.320   -11.163 1.00 19.81 ? 42  PHE A N   1 
ATOM   174  C CA  . PHE A 1 26 ? -7.959  4.776   -12.188 1.00 18.99 ? 42  PHE A CA  1 
ATOM   175  C C   . PHE A 1 26 ? -9.120  5.755   -12.428 1.00 20.75 ? 42  PHE A C   1 
ATOM   176  O O   . PHE A 1 26 ? -9.411  6.128   -13.565 1.00 20.62 ? 42  PHE A O   1 
ATOM   177  C CB  . PHE A 1 26 ? -8.484  3.431   -11.687 1.00 19.68 ? 42  PHE A CB  1 
ATOM   178  C CG  . PHE A 1 26 ? -9.690  2.923   -12.416 1.00 21.25 ? 42  PHE A CG  1 
ATOM   179  C CD1 . PHE A 1 26 ? -9.566  2.304   -13.655 1.00 22.55 ? 42  PHE A CD1 1 
ATOM   180  C CD2 . PHE A 1 26 ? -10.958 3.028   -11.831 1.00 21.31 ? 42  PHE A CD2 1 
ATOM   181  C CE1 . PHE A 1 26 ? -10.691 1.783   -14.309 1.00 22.75 ? 42  PHE A CE1 1 
ATOM   182  C CE2 . PHE A 1 26 ? -12.079 2.515   -12.469 1.00 21.36 ? 42  PHE A CE2 1 
ATOM   183  C CZ  . PHE A 1 26 ? -11.943 1.888   -13.715 1.00 21.15 ? 42  PHE A CZ  1 
ATOM   184  N N   . CYS A 1 27 ? -9.780  6.167   -11.351 1.00 20.56 ? 43  CYS A N   1 
ATOM   185  C CA  . CYS A 1 27 ? -10.896 7.102   -11.470 1.00 21.48 ? 43  CYS A CA  1 
ATOM   186  C C   . CYS A 1 27 ? -10.439 8.421   -12.074 1.00 21.82 ? 43  CYS A C   1 
ATOM   187  O O   . CYS A 1 27 ? -11.136 9.015   -12.899 1.00 21.14 ? 43  CYS A O   1 
ATOM   188  C CB  . CYS A 1 27 ? -11.529 7.352   -10.104 1.00 20.64 ? 43  CYS A CB  1 
ATOM   189  S SG  . CYS A 1 27 ? -12.411 5.933   -9.459  1.00 25.75 ? 43  CYS A SG  1 
ATOM   190  N N   . ARG A 1 28 ? -9.256  8.870   -11.676 1.00 21.22 ? 44  ARG A N   1 
ATOM   191  C CA  . ARG A 1 28 ? -8.718  10.128  -12.175 1.00 23.91 ? 44  ARG A CA  1 
ATOM   192  C C   . ARG A 1 28 ? -8.367  9.988   -13.659 1.00 25.12 ? 44  ARG A C   1 
ATOM   193  O O   . ARG A 1 28 ? -8.524  10.933  -14.438 1.00 23.55 ? 44  ARG A O   1 
ATOM   194  C CB  . ARG A 1 28 ? -7.491  10.507  -11.344 1.00 24.15 ? 44  ARG A CB  1 
ATOM   195  C CG  . ARG A 1 28 ? -6.866  11.853  -11.656 1.00 29.28 ? 44  ARG A CG  1 
ATOM   196  C CD  . ARG A 1 28 ? -5.863  12.245  -10.560 1.00 33.61 ? 44  ARG A CD  1 
ATOM   197  N NE  . ARG A 1 28 ? -6.489  12.544  -9.262  1.00 38.44 ? 44  ARG A NE  1 
ATOM   198  C CZ  . ARG A 1 28 ? -6.491  11.736  -8.196  1.00 38.88 ? 44  ARG A CZ  1 
ATOM   199  N NH1 . ARG A 1 28 ? -5.901  10.541  -8.230  1.00 34.99 ? 44  ARG A NH1 1 
ATOM   200  N NH2 . ARG A 1 28 ? -7.078  12.139  -7.069  1.00 40.21 ? 44  ARG A NH2 1 
ATOM   201  N N   . PHE A 1 29 ? -7.906  8.803   -14.053 1.00 24.33 ? 45  PHE A N   1 
ATOM   202  C CA  . PHE A 1 29 ? -7.556  8.561   -15.451 1.00 24.91 ? 45  PHE A CA  1 
ATOM   203  C C   . PHE A 1 29 ? -8.814  8.558   -16.322 1.00 25.89 ? 45  PHE A C   1 
ATOM   204  O O   . PHE A 1 29 ? -8.800  9.070   -17.440 1.00 28.56 ? 45  PHE A O   1 
ATOM   205  C CB  . PHE A 1 29 ? -6.846  7.212   -15.607 1.00 25.88 ? 45  PHE A CB  1 
ATOM   206  C CG  . PHE A 1 29 ? -6.274  6.982   -16.979 1.00 26.88 ? 45  PHE A CG  1 
ATOM   207  C CD1 . PHE A 1 29 ? -5.086  7.598   -17.365 1.00 28.44 ? 45  PHE A CD1 1 
ATOM   208  C CD2 . PHE A 1 29 ? -6.928  6.162   -17.894 1.00 27.46 ? 45  PHE A CD2 1 
ATOM   209  C CE1 . PHE A 1 29 ? -4.556  7.400   -18.644 1.00 29.07 ? 45  PHE A CE1 1 
ATOM   210  C CE2 . PHE A 1 29 ? -6.413  5.956   -19.174 1.00 26.98 ? 45  PHE A CE2 1 
ATOM   211  C CZ  . PHE A 1 29 ? -5.223  6.577   -19.550 1.00 29.25 ? 45  PHE A CZ  1 
ATOM   212  N N   . LEU A 1 30 ? -9.894  7.971   -15.811 1.00 26.30 ? 46  LEU A N   1 
ATOM   213  C CA  . LEU A 1 30 ? -11.138 7.899   -16.563 1.00 28.55 ? 46  LEU A CA  1 
ATOM   214  C C   . LEU A 1 30 ? -11.855 9.245   -16.615 1.00 31.64 ? 46  LEU A C   1 
ATOM   215  O O   . LEU A 1 30 ? -12.715 9.459   -17.467 1.00 32.00 ? 46  LEU A O   1 
ATOM   216  C CB  . LEU A 1 30 ? -12.070 6.839   -15.974 1.00 27.67 ? 46  LEU A CB  1 
ATOM   217  C CG  . LEU A 1 30 ? -11.636 5.380   -16.104 1.00 28.82 ? 46  LEU A CG  1 
ATOM   218  C CD1 . LEU A 1 30 ? -12.770 4.478   -15.653 1.00 29.46 ? 46  LEU A CD1 1 
ATOM   219  C CD2 . LEU A 1 30 ? -11.272 5.079   -17.550 1.00 28.47 ? 46  LEU A CD2 1 
ATOM   220  N N   . ARG A 1 31 ? -11.505 10.138  -15.696 1.00 33.58 ? 47  ARG A N   1 
ATOM   221  C CA  . ARG A 1 31 ? -12.093 11.469  -15.678 1.00 35.87 ? 47  ARG A CA  1 
ATOM   222  C C   . ARG A 1 31 ? -11.418 12.300  -16.762 1.00 34.41 ? 47  ARG A C   1 
ATOM   223  O O   . ARG A 1 31 ? -12.072 13.084  -17.453 1.00 31.75 ? 47  ARG A O   1 
ATOM   224  C CB  . ARG A 1 31 ? -11.879 12.149  -14.327 1.00 41.89 ? 47  ARG A CB  1 
ATOM   225  C CG  . ARG A 1 31 ? -12.778 11.651  -13.214 1.00 49.67 ? 47  ARG A CG  1 
ATOM   226  C CD  . ARG A 1 31 ? -12.991 12.764  -12.196 1.00 58.17 ? 47  ARG A CD  1 
ATOM   227  N NE  . ARG A 1 31 ? -13.643 13.920  -12.812 1.00 63.92 ? 47  ARG A NE  1 
ATOM   228  C CZ  . ARG A 1 31 ? -13.907 15.064  -12.185 1.00 66.82 ? 47  ARG A CZ  1 
ATOM   229  N NH1 . ARG A 1 31 ? -13.571 15.220  -10.910 1.00 67.55 ? 47  ARG A NH1 1 
ATOM   230  N NH2 . ARG A 1 31 ? -14.514 16.053  -12.831 1.00 67.26 ? 47  ARG A NH2 1 
ATOM   231  N N   . ASP A 1 32 ? -10.105 12.127  -16.899 1.00 32.27 ? 48  ASP A N   1 
ATOM   232  C CA  . ASP A 1 32 ? -9.341  12.863  -17.899 1.00 32.67 ? 48  ASP A CA  1 
ATOM   233  C C   . ASP A 1 32 ? -9.485  12.253  -19.290 1.00 30.99 ? 48  ASP A C   1 
ATOM   234  O O   . ASP A 1 32 ? -9.195  12.906  -20.294 1.00 32.22 ? 48  ASP A O   1 
ATOM   235  C CB  . ASP A 1 32 ? -7.852  12.910  -17.526 1.00 34.34 ? 48  ASP A CB  1 
ATOM   236  C CG  . ASP A 1 32 ? -7.601  13.568  -16.176 1.00 35.86 ? 48  ASP A CG  1 
ATOM   237  O OD1 . ASP A 1 32 ? -8.364  14.486  -15.797 1.00 36.93 ? 48  ASP A OD1 1 
ATOM   238  O OD2 . ASP A 1 32 ? -6.629  13.174  -15.499 1.00 36.69 ? 48  ASP A OD2 1 
ATOM   239  N N   . ASN A 1 33 ? -9.941  11.009  -19.347 1.00 26.90 ? 49  ASN A N   1 
ATOM   240  C CA  . ASN A 1 33 ? -10.105 10.303  -20.611 1.00 26.21 ? 49  ASN A CA  1 
ATOM   241  C C   . ASN A 1 33 ? -11.411 9.508   -20.570 1.00 24.92 ? 49  ASN A C   1 
ATOM   242  O O   . ASN A 1 33 ? -11.403 8.287   -20.607 1.00 23.26 ? 49  ASN A O   1 
ATOM   243  C CB  . ASN A 1 33 ? -8.905  9.365   -20.817 1.00 26.19 ? 49  ASN A CB  1 
ATOM   244  C CG  . ASN A 1 33 ? -7.567  10.102  -20.723 1.00 27.75 ? 49  ASN A CG  1 
ATOM   245  O OD1 . ASN A 1 33 ? -7.157  10.792  -21.658 1.00 30.29 ? 49  ASN A OD1 1 
ATOM   246  N ND2 . ASN A 1 33 ? -6.898  9.976   -19.583 1.00 26.73 ? 49  ASN A ND2 1 
ATOM   247  N N   . PRO A 1 34 ? -12.562 10.207  -20.502 1.00 26.10 ? 50  PRO A N   1 
ATOM   248  C CA  . PRO A 1 34 ? -13.878 9.557   -20.448 1.00 26.19 ? 50  PRO A CA  1 
ATOM   249  C C   . PRO A 1 34 ? -14.176 8.522   -21.531 1.00 26.25 ? 50  PRO A C   1 
ATOM   250  O O   . PRO A 1 34 ? -14.999 7.628   -21.334 1.00 24.55 ? 50  PRO A O   1 
ATOM   251  C CB  . PRO A 1 34 ? -14.853 10.740  -20.469 1.00 26.18 ? 50  PRO A CB  1 
ATOM   252  C CG  . PRO A 1 34 ? -14.091 11.806  -21.185 1.00 28.22 ? 50  PRO A CG  1 
ATOM   253  C CD  . PRO A 1 34 ? -12.702 11.667  -20.619 1.00 27.55 ? 50  PRO A CD  1 
ATOM   254  N N   . ALA A 1 35 ? -13.514 8.627   -22.677 1.00 26.39 ? 51  ALA A N   1 
ATOM   255  C CA  . ALA A 1 35 ? -13.756 7.650   -23.729 1.00 28.86 ? 51  ALA A CA  1 
ATOM   256  C C   . ALA A 1 35 ? -13.382 6.251   -23.214 1.00 29.32 ? 51  ALA A C   1 
ATOM   257  O O   . ALA A 1 35 ? -13.905 5.246   -23.687 1.00 29.66 ? 51  ALA A O   1 
ATOM   258  C CB  . ALA A 1 35 ? -12.942 7.996   -24.962 1.00 29.12 ? 51  ALA A CB  1 
ATOM   259  N N   . TYR A 1 36 ? -12.477 6.196   -22.242 1.00 28.93 ? 52  TYR A N   1 
ATOM   260  C CA  . TYR A 1 36 ? -12.037 4.923   -21.667 1.00 30.24 ? 52  TYR A CA  1 
ATOM   261  C C   . TYR A 1 36 ? -12.997 4.359   -20.617 1.00 29.72 ? 52  TYR A C   1 
ATOM   262  O O   . TYR A 1 36 ? -12.940 3.169   -20.296 1.00 28.87 ? 52  TYR A O   1 
ATOM   263  C CB  . TYR A 1 36 ? -10.652 5.075   -21.023 1.00 32.76 ? 52  TYR A CB  1 
ATOM   264  C CG  . TYR A 1 36 ? -9.474  4.902   -21.966 1.00 34.92 ? 52  TYR A CG  1 
ATOM   265  C CD1 . TYR A 1 36 ? -9.282  3.709   -22.666 1.00 37.74 ? 52  TYR A CD1 1 
ATOM   266  C CD2 . TYR A 1 36 ? -8.528  5.913   -22.120 1.00 36.90 ? 52  TYR A CD2 1 
ATOM   267  C CE1 . TYR A 1 36 ? -8.169  3.530   -23.499 1.00 38.15 ? 52  TYR A CE1 1 
ATOM   268  C CE2 . TYR A 1 36 ? -7.414  5.743   -22.943 1.00 36.96 ? 52  TYR A CE2 1 
ATOM   269  C CZ  . TYR A 1 36 ? -7.241  4.553   -23.628 1.00 38.26 ? 52  TYR A CZ  1 
ATOM   270  O OH  . TYR A 1 36 ? -6.137  4.389   -24.442 1.00 40.27 ? 52  TYR A OH  1 
ATOM   271  N N   . ASP A 1 37 ? -13.868 5.206   -20.073 1.00 28.75 ? 53  ASP A N   1 
ATOM   272  C CA  . ASP A 1 37 ? -14.813 4.754   -19.049 1.00 27.82 ? 53  ASP A CA  1 
ATOM   273  C C   . ASP A 1 37 ? -15.993 4.015   -19.657 1.00 28.08 ? 53  ASP A C   1 
ATOM   274  O O   . ASP A 1 37 ? -16.974 4.632   -20.092 1.00 26.78 ? 53  ASP A O   1 
ATOM   275  C CB  . ASP A 1 37 ? -15.339 5.931   -18.226 1.00 28.07 ? 53  ASP A CB  1 
ATOM   276  C CG  . ASP A 1 37 ? -15.966 5.478   -16.911 1.00 27.38 ? 53  ASP A CG  1 
ATOM   277  O OD1 . ASP A 1 37 ? -16.444 4.321   -16.850 1.00 26.47 ? 53  ASP A OD1 1 
ATOM   278  O OD2 . ASP A 1 37 ? -15.979 6.269   -15.947 1.00 29.30 ? 53  ASP A OD2 1 
ATOM   279  N N   . THR A 1 38 ? -15.893 2.689   -19.657 1.00 25.05 ? 54  THR A N   1 
ATOM   280  C CA  . THR A 1 38 ? -16.907 1.811   -20.219 1.00 25.63 ? 54  THR A CA  1 
ATOM   281  C C   . THR A 1 38 ? -17.213 0.702   -19.222 1.00 23.97 ? 54  THR A C   1 
ATOM   282  O O   . THR A 1 38 ? -16.524 0.563   -18.216 1.00 24.11 ? 54  THR A O   1 
ATOM   283  C CB  . THR A 1 38 ? -16.393 1.149   -21.502 1.00 26.13 ? 54  THR A CB  1 
ATOM   284  O OG1 . THR A 1 38 ? -15.329 0.243   -21.166 1.00 25.80 ? 54  THR A OG1 1 
ATOM   285  C CG2 . THR A 1 38 ? -15.857 2.202   -22.469 1.00 25.41 ? 54  THR A CG2 1 
ATOM   286  N N   . PRO A 1 39 ? -18.249 -0.110  -19.491 1.00 25.39 ? 55  PRO A N   1 
ATOM   287  C CA  . PRO A 1 39 ? -18.565 -1.189  -18.552 1.00 25.46 ? 55  PRO A CA  1 
ATOM   288  C C   . PRO A 1 39 ? -17.431 -2.203  -18.404 1.00 25.97 ? 55  PRO A C   1 
ATOM   289  O O   . PRO A 1 39 ? -17.443 -3.005  -17.476 1.00 25.80 ? 55  PRO A O   1 
ATOM   290  C CB  . PRO A 1 39 ? -19.818 -1.814  -19.156 1.00 26.39 ? 55  PRO A CB  1 
ATOM   291  C CG  . PRO A 1 39 ? -20.488 -0.645  -19.793 1.00 24.86 ? 55  PRO A CG  1 
ATOM   292  C CD  . PRO A 1 39 ? -19.331 0.050   -20.479 1.00 25.31 ? 55  PRO A CD  1 
ATOM   293  N N   . ASP A 1 40 ? -16.457 -2.162  -19.315 1.00 25.45 ? 56  ASP A N   1 
ATOM   294  C CA  . ASP A 1 40 ? -15.328 -3.095  -19.267 1.00 26.88 ? 56  ASP A CA  1 
ATOM   295  C C   . ASP A 1 40 ? -14.102 -2.559  -18.520 1.00 24.38 ? 56  ASP A C   1 
ATOM   296  O O   . ASP A 1 40 ? -13.263 -3.337  -18.051 1.00 23.66 ? 56  ASP A O   1 
ATOM   297  C CB  . ASP A 1 40 ? -14.872 -3.477  -20.683 1.00 28.28 ? 56  ASP A CB  1 
ATOM   298  C CG  . ASP A 1 40 ? -15.963 -4.129  -21.500 1.00 32.53 ? 56  ASP A CG  1 
ATOM   299  O OD1 . ASP A 1 40 ? -16.738 -4.926  -20.934 1.00 36.93 ? 56  ASP A OD1 1 
ATOM   300  O OD2 . ASP A 1 40 ? -16.033 -3.853  -22.717 1.00 37.01 ? 56  ASP A OD2 1 
ATOM   301  N N   . ALA A 1 41 ? -13.997 -1.236  -18.437 1.00 24.74 ? 57  ALA A N   1 
ATOM   302  C CA  . ALA A 1 41 ? -12.863 -0.572  -17.798 1.00 23.23 ? 57  ALA A CA  1 
ATOM   303  C C   . ALA A 1 41 ? -12.403 -1.098  -16.430 1.00 23.85 ? 57  ALA A C   1 
ATOM   304  O O   . ALA A 1 41 ? -11.219 -1.393  -16.239 1.00 23.48 ? 57  ALA A O   1 
ATOM   305  C CB  . ALA A 1 41 ? -13.152 0.910   -17.697 1.00 20.45 ? 57  ALA A CB  1 
ATOM   306  N N   . GLY A 1 42 ? -13.321 -1.201  -15.473 1.00 21.68 ? 58  GLY A N   1 
ATOM   307  C CA  . GLY A 1 42 ? -12.942 -1.659  -14.146 1.00 22.03 ? 58  GLY A CA  1 
ATOM   308  C C   . GLY A 1 42 ? -12.172 -2.966  -14.140 1.00 23.04 ? 58  GLY A C   1 
ATOM   309  O O   . GLY A 1 42 ? -11.091 -3.078  -13.528 1.00 19.03 ? 58  GLY A O   1 
ATOM   310  N N   . ALA A 1 43 ? -12.743 -3.955  -14.816 1.00 21.11 ? 59  ALA A N   1 
ATOM   311  C CA  . ALA A 1 43 ? -12.146 -5.278  -14.911 1.00 23.39 ? 59  ALA A CA  1 
ATOM   312  C C   . ALA A 1 43 ? -10.829 -5.262  -15.686 1.00 22.94 ? 59  ALA A C   1 
ATOM   313  O O   . ALA A 1 43 ? -9.845  -5.867  -15.256 1.00 25.49 ? 59  ALA A O   1 
ATOM   314  C CB  . ALA A 1 43 ? -13.135 -6.246  -15.577 1.00 23.62 ? 59  ALA A CB  1 
ATOM   315  N N   . SER A 1 44 ? -10.820 -4.577  -16.825 1.00 22.51 ? 60  SER A N   1 
ATOM   316  C CA  . SER A 1 44 ? -9.635  -4.490  -17.681 1.00 22.97 ? 60  SER A CA  1 
ATOM   317  C C   . SER A 1 44 ? -8.436  -3.859  -16.975 1.00 22.89 ? 60  SER A C   1 
ATOM   318  O O   . SER A 1 44 ? -7.337  -4.423  -16.968 1.00 21.82 ? 60  SER A O   1 
ATOM   319  C CB  . SER A 1 44 ? -9.947  -3.668  -18.934 1.00 25.62 ? 60  SER A CB  1 
ATOM   320  O OG  . SER A 1 44 ? -10.923 -4.298  -19.745 1.00 27.08 ? 60  SER A OG  1 
ATOM   321  N N   . PHE A 1 45 ? -8.658  -2.683  -16.397 1.00 22.40 ? 61  PHE A N   1 
ATOM   322  C CA  . PHE A 1 45 ? -7.611  -1.948  -15.700 1.00 21.70 ? 61  PHE A CA  1 
ATOM   323  C C   . PHE A 1 45 ? -7.088  -2.666  -14.460 1.00 21.39 ? 61  PHE A C   1 
ATOM   324  O O   . PHE A 1 45 ? -5.881  -2.851  -14.312 1.00 19.56 ? 61  PHE A O   1 
ATOM   325  C CB  . PHE A 1 45 ? -8.114  -0.556  -15.281 1.00 23.62 ? 61  PHE A CB  1 
ATOM   326  C CG  . PHE A 1 45 ? -8.033  0.494   -16.367 1.00 23.99 ? 61  PHE A CG  1 
ATOM   327  C CD1 . PHE A 1 45 ? -7.152  1.570   -16.243 1.00 23.92 ? 61  PHE A CD1 1 
ATOM   328  C CD2 . PHE A 1 45 ? -8.867  0.440   -17.479 1.00 24.96 ? 61  PHE A CD2 1 
ATOM   329  C CE1 . PHE A 1 45 ? -7.104  2.580   -17.206 1.00 22.48 ? 61  PHE A CE1 1 
ATOM   330  C CE2 . PHE A 1 45 ? -8.828  1.454   -18.455 1.00 24.94 ? 61  PHE A CE2 1 
ATOM   331  C CZ  . PHE A 1 45 ? -7.945  2.522   -18.315 1.00 25.28 ? 61  PHE A CZ  1 
ATOM   332  N N   . SER A 1 46 ? -7.990  -3.059  -13.563 1.00 19.58 ? 62  SER A N   1 
ATOM   333  C CA  . SER A 1 46 ? -7.581  -3.709  -12.326 1.00 19.11 ? 62  SER A CA  1 
ATOM   334  C C   . SER A 1 46 ? -6.836  -5.003  -12.579 1.00 21.24 ? 62  SER A C   1 
ATOM   335  O O   . SER A 1 46 ? -5.835  -5.292  -11.917 1.00 20.10 ? 62  SER A O   1 
ATOM   336  C CB  . SER A 1 46 ? -8.795  -3.993  -11.433 1.00 22.61 ? 62  SER A CB  1 
ATOM   337  O OG  . SER A 1 46 ? -9.619  -4.994  -12.003 1.00 22.88 ? 62  SER A OG  1 
ATOM   338  N N   . ARG A 1 47 ? -7.314  -5.787  -13.537 1.00 20.38 ? 63  ARG A N   1 
ATOM   339  C CA  . ARG A 1 47 ? -6.650  -7.047  -13.818 1.00 24.14 ? 63  ARG A CA  1 
ATOM   340  C C   . ARG A 1 47 ? -5.285  -6.855  -14.461 1.00 23.38 ? 63  ARG A C   1 
ATOM   341  O O   . ARG A 1 47 ? -4.353  -7.607  -14.166 1.00 24.06 ? 63  ARG A O   1 
ATOM   342  C CB  . ARG A 1 47 ? -7.548  -7.930  -14.684 1.00 27.73 ? 63  ARG A CB  1 
ATOM   343  C CG  . ARG A 1 47 ? -8.661  -8.574  -13.869 1.00 31.87 ? 63  ARG A CG  1 
ATOM   344  C CD  . ARG A 1 47 ? -9.562  -9.461  -14.722 1.00 37.55 ? 63  ARG A CD  1 
ATOM   345  N NE  . ARG A 1 47 ? -10.206 -10.486 -13.909 1.00 39.67 ? 63  ARG A NE  1 
ATOM   346  C CZ  . ARG A 1 47 ? -9.557  -11.498 -13.341 1.00 40.98 ? 63  ARG A CZ  1 
ATOM   347  N NH1 . ARG A 1 47 ? -8.245  -11.626 -13.506 1.00 41.69 ? 63  ARG A NH1 1 
ATOM   348  N NH2 . ARG A 1 47 ? -10.214 -12.375 -12.596 1.00 42.70 ? 63  ARG A NH2 1 
ATOM   349  N N   . HIS A 1 48 ? -5.152  -5.846  -15.317 1.00 21.67 ? 64  HIS A N   1 
ATOM   350  C CA  . HIS A 1 48 ? -3.867  -5.598  -15.971 1.00 22.12 ? 64  HIS A CA  1 
ATOM   351  C C   . HIS A 1 48 ? -2.872  -5.058  -14.932 1.00 19.76 ? 64  HIS A C   1 
ATOM   352  O O   . HIS A 1 48 ? -1.693  -5.425  -14.933 1.00 18.09 ? 64  HIS A O   1 
ATOM   353  C CB  . HIS A 1 48 ? -4.033  -4.613  -17.134 1.00 23.77 ? 64  HIS A CB  1 
ATOM   354  C CG  . HIS A 1 48 ? -2.931  -4.691  -18.146 1.00 26.61 ? 64  HIS A CG  1 
ATOM   355  N ND1 . HIS A 1 48 ? -1.910  -3.768  -18.212 1.00 27.44 ? 64  HIS A ND1 1 
ATOM   356  C CD2 . HIS A 1 48 ? -2.667  -5.613  -19.102 1.00 26.28 ? 64  HIS A CD2 1 
ATOM   357  C CE1 . HIS A 1 48 ? -1.065  -4.117  -19.167 1.00 25.93 ? 64  HIS A CE1 1 
ATOM   358  N NE2 . HIS A 1 48 ? -1.502  -5.232  -19.722 1.00 27.88 ? 64  HIS A NE2 1 
ATOM   359  N N   . PHE A 1 49 ? -3.344  -4.188  -14.046 1.00 18.00 ? 65  PHE A N   1 
ATOM   360  C CA  . PHE A 1 49 ? -2.466  -3.663  -13.001 1.00 16.84 ? 65  PHE A CA  1 
ATOM   361  C C   . PHE A 1 49 ? -2.025  -4.818  -12.096 1.00 18.70 ? 65  PHE A C   1 
ATOM   362  O O   . PHE A 1 49 ? -0.839  -4.981  -11.814 1.00 19.66 ? 65  PHE A O   1 
ATOM   363  C CB  . PHE A 1 49 ? -3.187  -2.601  -12.171 1.00 17.78 ? 65  PHE A CB  1 
ATOM   364  C CG  . PHE A 1 49 ? -2.414  -2.128  -10.969 1.00 16.33 ? 65  PHE A CG  1 
ATOM   365  C CD1 . PHE A 1 49 ? -2.275  -2.939  -9.838  1.00 17.91 ? 65  PHE A CD1 1 
ATOM   366  C CD2 . PHE A 1 49 ? -1.830  -0.868  -10.957 1.00 15.42 ? 65  PHE A CD2 1 
ATOM   367  C CE1 . PHE A 1 49 ? -1.564  -2.488  -8.711  1.00 15.85 ? 65  PHE A CE1 1 
ATOM   368  C CE2 . PHE A 1 49 ? -1.122  -0.410  -9.852  1.00 17.52 ? 65  PHE A CE2 1 
ATOM   369  C CZ  . PHE A 1 49 ? -0.987  -1.218  -8.723  1.00 17.67 ? 65  PHE A CZ  1 
ATOM   370  N N   . ALA A 1 50 ? -2.982  -5.629  -11.654 1.00 18.18 ? 66  ALA A N   1 
ATOM   371  C CA  . ALA A 1 50 ? -2.674  -6.740  -10.761 1.00 20.00 ? 66  ALA A CA  1 
ATOM   372  C C   . ALA A 1 50 ? -1.676  -7.731  -11.367 1.00 21.12 ? 66  ALA A C   1 
ATOM   373  O O   . ALA A 1 50 ? -0.764  -8.191  -10.673 1.00 21.18 ? 66  ALA A O   1 
ATOM   374  C CB  . ALA A 1 50 ? -3.969  -7.462  -10.347 1.00 20.74 ? 66  ALA A CB  1 
ATOM   375  N N   . ALA A 1 51 ? -1.833  -8.065  -12.646 1.00 20.42 ? 67  ALA A N   1 
ATOM   376  C CA  . ALA A 1 51 ? -0.905  -9.010  -13.279 1.00 20.56 ? 67  ALA A CA  1 
ATOM   377  C C   . ALA A 1 51 ? 0.508   -8.438  -13.361 1.00 20.80 ? 67  ALA A C   1 
ATOM   378  O O   . ALA A 1 51 ? 1.482   -9.127  -13.065 1.00 21.62 ? 67  ALA A O   1 
ATOM   379  C CB  . ALA A 1 51 ? -1.392  -9.382  -14.678 1.00 20.45 ? 67  ALA A CB  1 
ATOM   380  N N   . ASN A 1 52 ? 0.617   -7.173  -13.749 1.00 19.74 ? 68  ASN A N   1 
ATOM   381  C CA  . ASN A 1 52 ? 1.920   -6.537  -13.878 1.00 21.79 ? 68  ASN A CA  1 
ATOM   382  C C   . ASN A 1 52 ? 2.569   -6.324  -12.514 1.00 20.29 ? 68  ASN A C   1 
ATOM   383  O O   . ASN A 1 52 ? 3.785   -6.453  -12.374 1.00 21.47 ? 68  ASN A O   1 
ATOM   384  C CB  . ASN A 1 52 ? 1.789   -5.194  -14.604 1.00 23.34 ? 68  ASN A CB  1 
ATOM   385  C CG  . ASN A 1 52 ? 3.111   -4.721  -15.194 1.00 30.05 ? 68  ASN A CG  1 
ATOM   386  O OD1 . ASN A 1 52 ? 3.666   -5.365  -16.087 1.00 31.10 ? 68  ASN A OD1 1 
ATOM   387  N ND2 . ASN A 1 52 ? 3.625   -3.594  -14.693 1.00 29.28 ? 68  ASN A ND2 1 
ATOM   388  N N   . PHE A 1 53 ? 1.758   -5.984  -11.514 1.00 19.92 ? 69  PHE A N   1 
ATOM   389  C CA  . PHE A 1 53 ? 2.265   -5.776  -10.158 1.00 19.72 ? 69  PHE A CA  1 
ATOM   390  C C   . PHE A 1 53 ? 2.943   -7.058  -9.686  1.00 21.86 ? 69  PHE A C   1 
ATOM   391  O O   . PHE A 1 53 ? 4.084   -7.043  -9.223  1.00 20.89 ? 69  PHE A O   1 
ATOM   392  C CB  . PHE A 1 53 ? 1.114   -5.436  -9.200  1.00 20.33 ? 69  PHE A CB  1 
ATOM   393  C CG  . PHE A 1 53 ? 1.538   -5.273  -7.763  1.00 17.32 ? 69  PHE A CG  1 
ATOM   394  C CD1 . PHE A 1 53 ? 1.685   -4.002  -7.207  1.00 19.14 ? 69  PHE A CD1 1 
ATOM   395  C CD2 . PHE A 1 53 ? 1.765   -6.386  -6.953  1.00 19.30 ? 69  PHE A CD2 1 
ATOM   396  C CE1 . PHE A 1 53 ? 2.046   -3.834  -5.862  1.00 19.58 ? 69  PHE A CE1 1 
ATOM   397  C CE2 . PHE A 1 53 ? 2.130   -6.235  -5.603  1.00 20.09 ? 69  PHE A CE2 1 
ATOM   398  C CZ  . PHE A 1 53 ? 2.271   -4.953  -5.054  1.00 21.22 ? 69  PHE A CZ  1 
ATOM   399  N N   . LEU A 1 54 ? 2.227   -8.173  -9.792  1.00 21.72 ? 70  LEU A N   1 
ATOM   400  C CA  . LEU A 1 54 ? 2.774   -9.448  -9.351  1.00 21.51 ? 70  LEU A CA  1 
ATOM   401  C C   . LEU A 1 54 ? 4.065   -9.814  -10.090 1.00 24.40 ? 70  LEU A C   1 
ATOM   402  O O   . LEU A 1 54 ? 5.015   -10.288 -9.462  1.00 25.94 ? 70  LEU A O   1 
ATOM   403  C CB  . LEU A 1 54 ? 1.720   -10.551 -9.499  1.00 23.60 ? 70  LEU A CB  1 
ATOM   404  C CG  . LEU A 1 54 ? 0.547   -10.439 -8.507  1.00 22.07 ? 70  LEU A CG  1 
ATOM   405  C CD1 . LEU A 1 54 ? -0.458  -11.567 -8.739  1.00 24.48 ? 70  LEU A CD1 1 
ATOM   406  C CD2 . LEU A 1 54 ? 1.072   -10.498 -7.089  1.00 22.05 ? 70  LEU A CD2 1 
ATOM   407  N N   . ASP A 1 55 ? 4.109   -9.600  -11.404 1.00 23.91 ? 71  ASP A N   1 
ATOM   408  C CA  . ASP A 1 55 ? 5.319   -9.906  -12.176 1.00 26.14 ? 71  ASP A CA  1 
ATOM   409  C C   . ASP A 1 55 ? 6.488   -9.078  -11.660 1.00 23.61 ? 71  ASP A C   1 
ATOM   410  O O   . ASP A 1 55 ? 7.550   -9.613  -11.341 1.00 24.24 ? 71  ASP A O   1 
ATOM   411  C CB  . ASP A 1 55 ? 5.135   -9.601  -13.667 1.00 27.45 ? 71  ASP A CB  1 
ATOM   412  C CG  . ASP A 1 55 ? 4.159   -10.541 -14.349 1.00 30.35 ? 71  ASP A CG  1 
ATOM   413  O OD1 . ASP A 1 55 ? 4.066   -11.718 -13.936 1.00 31.69 ? 71  ASP A OD1 1 
ATOM   414  O OD2 . ASP A 1 55 ? 3.494   -10.103 -15.316 1.00 33.52 ? 71  ASP A OD2 1 
ATOM   415  N N   . VAL A 1 56 ? 6.292   -7.766  -11.595 1.00 25.50 ? 72  VAL A N   1 
ATOM   416  C CA  . VAL A 1 56 ? 7.332   -6.858  -11.107 1.00 24.68 ? 72  VAL A CA  1 
ATOM   417  C C   . VAL A 1 56 ? 7.759   -7.202  -9.677  1.00 26.07 ? 72  VAL A C   1 
ATOM   418  O O   . VAL A 1 56 ? 8.948   -7.131  -9.337  1.00 25.11 ? 72  VAL A O   1 
ATOM   419  C CB  . VAL A 1 56 ? 6.848   -5.389  -11.163 1.00 24.44 ? 72  VAL A CB  1 
ATOM   420  C CG1 . VAL A 1 56 ? 7.866   -4.468  -10.488 1.00 23.05 ? 72  VAL A CG1 1 
ATOM   421  C CG2 . VAL A 1 56 ? 6.643   -4.973  -12.622 1.00 26.20 ? 72  VAL A CG2 1 
ATOM   422  N N   . PHE A 1 57 ? 6.789   -7.567  -8.844  1.00 23.11 ? 73  PHE A N   1 
ATOM   423  C CA  . PHE A 1 57 ? 7.055   -7.931  -7.455  1.00 24.78 ? 73  PHE A CA  1 
ATOM   424  C C   . PHE A 1 57 ? 8.079   -9.069  -7.388  1.00 25.62 ? 73  PHE A C   1 
ATOM   425  O O   . PHE A 1 57 ? 9.094   -8.975  -6.695  1.00 25.38 ? 73  PHE A O   1 
ATOM   426  C CB  . PHE A 1 57 ? 5.751   -8.366  -6.769  1.00 23.16 ? 73  PHE A CB  1 
ATOM   427  C CG  . PHE A 1 57 ? 5.957   -8.978  -5.413  1.00 21.89 ? 73  PHE A CG  1 
ATOM   428  C CD1 . PHE A 1 57 ? 6.299   -8.187  -4.315  1.00 22.72 ? 73  PHE A CD1 1 
ATOM   429  C CD2 . PHE A 1 57 ? 5.838   -10.352 -5.237  1.00 22.78 ? 73  PHE A CD2 1 
ATOM   430  C CE1 . PHE A 1 57 ? 6.520   -8.763  -3.058  1.00 24.21 ? 73  PHE A CE1 1 
ATOM   431  C CE2 . PHE A 1 57 ? 6.058   -10.935 -3.987  1.00 23.23 ? 73  PHE A CE2 1 
ATOM   432  C CZ  . PHE A 1 57 ? 6.399   -10.140 -2.899  1.00 23.82 ? 73  PHE A CZ  1 
ATOM   433  N N   . GLY A 1 58 ? 7.813   -10.143 -8.118  1.00 27.04 ? 74  GLY A N   1 
ATOM   434  C CA  . GLY A 1 58 ? 8.738   -11.262 -8.116  1.00 29.41 ? 74  GLY A CA  1 
ATOM   435  C C   . GLY A 1 58 ? 10.133  -10.846 -8.539  1.00 31.30 ? 74  GLY A C   1 
ATOM   436  O O   . GLY A 1 58 ? 11.124  -11.191 -7.891  1.00 30.38 ? 74  GLY A O   1 
ATOM   437  N N   . GLU A 1 59 ? 10.213  -10.090 -9.627  1.00 31.84 ? 75  GLU A N   1 
ATOM   438  C CA  . GLU A 1 59 ? 11.497  -9.631  -10.150 1.00 33.01 ? 75  GLU A CA  1 
ATOM   439  C C   . GLU A 1 59 ? 12.307  -8.751  -9.195  1.00 31.52 ? 75  GLU A C   1 
ATOM   440  O O   . GLU A 1 59 ? 13.522  -8.916  -9.074  1.00 30.60 ? 75  GLU A O   1 
ATOM   441  C CB  . GLU A 1 59 ? 11.275  -8.881  -11.460 1.00 36.61 ? 75  GLU A CB  1 
ATOM   442  C CG  . GLU A 1 59 ? 10.589  -9.704  -12.525 1.00 41.83 ? 75  GLU A CG  1 
ATOM   443  C CD  . GLU A 1 59 ? 10.381  -8.917  -13.798 1.00 45.78 ? 75  GLU A CD  1 
ATOM   444  O OE1 . GLU A 1 59 ? 9.767   -7.827  -13.730 1.00 49.30 ? 75  GLU A OE1 1 
ATOM   445  O OE2 . GLU A 1 59 ? 10.833  -9.387  -14.863 1.00 48.58 ? 75  GLU A OE2 1 
ATOM   446  N N   . GLU A 1 60 ? 11.651  -7.810  -8.525  1.00 27.83 ? 76  GLU A N   1 
ATOM   447  C CA  . GLU A 1 60 ? 12.361  -6.926  -7.605  1.00 29.16 ? 76  GLU A CA  1 
ATOM   448  C C   . GLU A 1 60 ? 12.815  -7.693  -6.367  1.00 30.22 ? 76  GLU A C   1 
ATOM   449  O O   . GLU A 1 60 ? 13.913  -7.462  -5.854  1.00 28.41 ? 76  GLU A O   1 
ATOM   450  C CB  . GLU A 1 60 ? 11.479  -5.741  -7.202  1.00 27.67 ? 76  GLU A CB  1 
ATOM   451  C CG  . GLU A 1 60 ? 12.174  -4.685  -6.337  1.00 27.43 ? 76  GLU A CG  1 
ATOM   452  C CD  . GLU A 1 60 ? 13.342  -4.017  -7.042  1.00 30.51 ? 76  GLU A CD  1 
ATOM   453  O OE1 . GLU A 1 60 ? 13.489  -4.197  -8.268  1.00 32.20 ? 76  GLU A OE1 1 
ATOM   454  O OE2 . GLU A 1 60 ? 14.107  -3.297  -6.370  1.00 31.57 ? 76  GLU A OE2 1 
ATOM   455  N N   . VAL A 1 61 ? 11.978  -8.608  -5.887  1.00 30.04 ? 77  VAL A N   1 
ATOM   456  C CA  . VAL A 1 61 ? 12.354  -9.398  -4.719  1.00 33.94 ? 77  VAL A CA  1 
ATOM   457  C C   . VAL A 1 61 ? 13.641  -10.171 -5.023  1.00 37.31 ? 77  VAL A C   1 
ATOM   458  O O   . VAL A 1 61 ? 14.584  -10.145 -4.233  1.00 36.77 ? 77  VAL A O   1 
ATOM   459  C CB  . VAL A 1 61 ? 11.241  -10.394 -4.320  1.00 32.63 ? 77  VAL A CB  1 
ATOM   460  C CG1 . VAL A 1 61 ? 11.760  -11.366 -3.273  1.00 30.79 ? 77  VAL A CG1 1 
ATOM   461  C CG2 . VAL A 1 61 ? 10.041  -9.634  -3.768  1.00 29.37 ? 77  VAL A CG2 1 
ATOM   462  N N   . ARG A 1 62 ? 13.678  -10.848 -6.170  1.00 40.53 ? 78  ARG A N   1 
ATOM   463  C CA  . ARG A 1 62 ? 14.865  -11.614 -6.555  1.00 44.68 ? 78  ARG A CA  1 
ATOM   464  C C   . ARG A 1 62 ? 16.092  -10.715 -6.665  1.00 46.04 ? 78  ARG A C   1 
ATOM   465  O O   . ARG A 1 62 ? 17.147  -11.019 -6.111  1.00 45.13 ? 78  ARG A O   1 
ATOM   466  C CB  . ARG A 1 62 ? 14.634  -12.323 -7.887  1.00 47.39 ? 78  ARG A CB  1 
ATOM   467  C CG  . ARG A 1 62 ? 13.506  -13.329 -7.842  1.00 53.14 ? 78  ARG A CG  1 
ATOM   468  C CD  . ARG A 1 62 ? 13.531  -14.237 -9.052  1.00 58.64 ? 78  ARG A CD  1 
ATOM   469  N NE  . ARG A 1 62 ? 12.500  -15.268 -8.962  1.00 62.54 ? 78  ARG A NE  1 
ATOM   470  C CZ  . ARG A 1 62 ? 12.510  -16.401 -9.660  1.00 63.96 ? 78  ARG A CZ  1 
ATOM   471  N NH1 . ARG A 1 62 ? 13.502  -16.657 -10.505 1.00 63.89 ? 78  ARG A NH1 1 
ATOM   472  N NH2 . ARG A 1 62 ? 11.528  -17.281 -9.508  1.00 65.06 ? 78  ARG A NH2 1 
ATOM   473  N N   . ARG A 1 63 ? 15.935  -9.608  -7.383  1.00 48.02 ? 79  ARG A N   1 
ATOM   474  C CA  . ARG A 1 63 ? 17.001  -8.632  -7.587  1.00 50.19 ? 79  ARG A CA  1 
ATOM   475  C C   . ARG A 1 63 ? 17.567  -8.166  -6.247  1.00 50.65 ? 79  ARG A C   1 
ATOM   476  O O   . ARG A 1 63 ? 18.782  -8.049  -6.077  1.00 50.25 ? 79  ARG A O   1 
ATOM   477  C CB  . ARG A 1 63 ? 16.448  -7.426  -8.345  1.00 51.76 ? 79  ARG A CB  1 
ATOM   478  C CG  . ARG A 1 63 ? 17.485  -6.466  -8.891  1.00 55.25 ? 79  ARG A CG  1 
ATOM   479  C CD  . ARG A 1 63 ? 16.838  -5.124  -9.203  1.00 58.84 ? 79  ARG A CD  1 
ATOM   480  N NE  . ARG A 1 63 ? 17.516  -4.396  -10.270 1.00 62.37 ? 79  ARG A NE  1 
ATOM   481  C CZ  . ARG A 1 63 ? 17.461  -4.734  -11.555 1.00 64.00 ? 79  ARG A CZ  1 
ATOM   482  N NH1 . ARG A 1 63 ? 16.757  -5.793  -11.933 1.00 64.05 ? 79  ARG A NH1 1 
ATOM   483  N NH2 . ARG A 1 63 ? 18.103  -4.010  -12.464 1.00 64.07 ? 79  ARG A NH2 1 
ATOM   484  N N   . VAL A 1 64 ? 16.676  -7.899  -5.298  1.00 51.52 ? 80  VAL A N   1 
ATOM   485  C CA  . VAL A 1 64 ? 17.074  -7.435  -3.973  1.00 53.27 ? 80  VAL A CA  1 
ATOM   486  C C   . VAL A 1 64 ? 17.786  -8.513  -3.157  1.00 55.56 ? 80  VAL A C   1 
ATOM   487  O O   . VAL A 1 64 ? 18.718  -8.218  -2.405  1.00 56.69 ? 80  VAL A O   1 
ATOM   488  C CB  . VAL A 1 64 ? 15.850  -6.929  -3.176  1.00 52.53 ? 80  VAL A CB  1 
ATOM   489  C CG1 . VAL A 1 64 ? 16.241  -6.628  -1.739  1.00 52.21 ? 80  VAL A CG1 1 
ATOM   490  C CG2 . VAL A 1 64 ? 15.289  -5.689  -3.837  1.00 51.92 ? 80  VAL A CG2 1 
ATOM   491  N N   . LEU A 1 65 ? 17.350  -9.758  -3.301  1.00 56.59 ? 81  LEU A N   1 
ATOM   492  C CA  . LEU A 1 65 ? 17.960  -10.852 -2.559  1.00 58.74 ? 81  LEU A CA  1 
ATOM   493  C C   . LEU A 1 65 ? 19.359  -11.185 -3.067  1.00 60.36 ? 81  LEU A C   1 
ATOM   494  O O   . LEU A 1 65 ? 20.231  -11.563 -2.283  1.00 60.02 ? 81  LEU A O   1 
ATOM   495  C CB  . LEU A 1 65 ? 17.064  -12.092 -2.619  1.00 57.63 ? 81  LEU A CB  1 
ATOM   496  C CG  . LEU A 1 65 ? 15.737  -11.941 -1.868  1.00 57.28 ? 81  LEU A CG  1 
ATOM   497  C CD1 . LEU A 1 65 ? 14.882  -13.180 -2.057  1.00 56.29 ? 81  LEU A CD1 1 
ATOM   498  C CD2 . LEU A 1 65 ? 16.017  -11.699 -0.393  1.00 56.51 ? 81  LEU A CD2 1 
ATOM   499  N N   . VAL A 1 66 ? 19.572  -11.039 -4.371  1.00 62.75 ? 82  VAL A N   1 
ATOM   500  C CA  . VAL A 1 66 ? 20.875  -11.323 -4.970  1.00 65.19 ? 82  VAL A CA  1 
ATOM   501  C C   . VAL A 1 66 ? 21.838  -10.171 -4.703  1.00 67.41 ? 82  VAL A C   1 
ATOM   502  O O   . VAL A 1 66 ? 23.057  -10.337 -4.772  1.00 67.60 ? 82  VAL A O   1 
ATOM   503  C CB  . VAL A 1 66 ? 20.760  -11.545 -6.498  1.00 65.25 ? 82  VAL A CB  1 
ATOM   504  C CG1 . VAL A 1 66 ? 20.226  -10.293 -7.172  1.00 65.27 ? 82  VAL A CG1 1 
ATOM   505  C CG2 . VAL A 1 66 ? 22.114  -11.915 -7.072  1.00 65.12 ? 82  VAL A CG2 1 
ATOM   506  N N   . ALA A 1 67 ? 21.281  -9.003  -4.396  1.00 69.99 ? 83  ALA A N   1 
ATOM   507  C CA  . ALA A 1 67 ? 22.080  -7.817  -4.108  1.00 72.45 ? 83  ALA A CA  1 
ATOM   508  C C   . ALA A 1 67 ? 22.099  -7.556  -2.603  1.00 74.43 ? 83  ALA A C   1 
ATOM   509  O O   . ALA A 1 67 ? 21.683  -6.451  -2.196  1.00 74.67 ? 83  ALA A O   1 
ATOM   510  C CB  . ALA A 1 67 ? 21.506  -6.609  -4.842  1.00 71.56 ? 83  ALA A CB  1 
ATOM   511  N N   . PRO B 1 5  ? -3.641  7.535   -25.110 1.00 63.77 ? 21  PRO B N   1 
ATOM   512  C CA  . PRO B 1 5  ? -2.670  7.636   -23.995 1.00 59.05 ? 21  PRO B CA  1 
ATOM   513  C C   . PRO B 1 5  ? -2.056  6.286   -23.629 1.00 54.22 ? 21  PRO B C   1 
ATOM   514  O O   . PRO B 1 5  ? -1.048  6.223   -22.928 1.00 56.48 ? 21  PRO B O   1 
ATOM   515  C CB  . PRO B 1 5  ? -3.424  8.226   -22.816 1.00 59.57 ? 21  PRO B CB  1 
ATOM   516  C CG  . PRO B 1 5  ? -4.482  9.052   -23.532 1.00 61.35 ? 21  PRO B CG  1 
ATOM   517  C CD  . PRO B 1 5  ? -4.905  8.192   -24.731 1.00 63.14 ? 21  PRO B CD  1 
ATOM   518  N N   . ASP B 1 6  ? -2.660  5.214   -24.127 1.00 47.66 ? 22  ASP B N   1 
ATOM   519  C CA  . ASP B 1 6  ? -2.212  3.850   -23.862 1.00 40.99 ? 22  ASP B CA  1 
ATOM   520  C C   . ASP B 1 6  ? -2.556  3.503   -22.425 1.00 34.82 ? 22  ASP B C   1 
ATOM   521  O O   . ASP B 1 6  ? -1.773  3.756   -21.502 1.00 29.99 ? 22  ASP B O   1 
ATOM   522  C CB  . ASP B 1 6  ? -0.707  3.695   -24.084 1.00 42.63 ? 22  ASP B CB  1 
ATOM   523  C CG  . ASP B 1 6  ? -0.336  2.293   -24.512 1.00 46.37 ? 22  ASP B CG  1 
ATOM   524  O OD1 . ASP B 1 6  ? -0.777  1.879   -25.609 1.00 49.33 ? 22  ASP B OD1 1 
ATOM   525  O OD2 . ASP B 1 6  ? 0.380   1.601   -23.761 1.00 48.53 ? 22  ASP B OD2 1 
ATOM   526  N N   . TRP B 1 7  ? -3.732  2.917   -22.248 1.00 28.85 ? 23  TRP B N   1 
ATOM   527  C CA  . TRP B 1 7  ? -4.210  2.565   -20.923 1.00 27.26 ? 23  TRP B CA  1 
ATOM   528  C C   . TRP B 1 7  ? -3.420  1.430   -20.294 1.00 25.86 ? 23  TRP B C   1 
ATOM   529  O O   . TRP B 1 7  ? -3.324  1.341   -19.069 1.00 22.41 ? 23  TRP B O   1 
ATOM   530  C CB  . TRP B 1 7  ? -5.699  2.202   -20.970 1.00 25.14 ? 23  TRP B CB  1 
ATOM   531  C CG  . TRP B 1 7  ? -6.012  0.913   -21.661 1.00 26.06 ? 23  TRP B CG  1 
ATOM   532  C CD1 . TRP B 1 7  ? -6.279  0.731   -22.989 1.00 26.56 ? 23  TRP B CD1 1 
ATOM   533  C CD2 . TRP B 1 7  ? -6.104  -0.382  -21.051 1.00 26.93 ? 23  TRP B CD2 1 
ATOM   534  N NE1 . TRP B 1 7  ? -6.537  -0.600  -23.243 1.00 28.67 ? 23  TRP B NE1 1 
ATOM   535  C CE2 . TRP B 1 7  ? -6.437  -1.304  -22.071 1.00 28.47 ? 23  TRP B CE2 1 
ATOM   536  C CE3 . TRP B 1 7  ? -5.937  -0.854  -19.738 1.00 26.10 ? 23  TRP B CE3 1 
ATOM   537  C CZ2 . TRP B 1 7  ? -6.606  -2.672  -21.819 1.00 29.37 ? 23  TRP B CZ2 1 
ATOM   538  C CZ3 . TRP B 1 7  ? -6.106  -2.215  -19.486 1.00 26.51 ? 23  TRP B CZ3 1 
ATOM   539  C CH2 . TRP B 1 7  ? -6.437  -3.106  -20.523 1.00 26.96 ? 23  TRP B CH2 1 
ATOM   540  N N   . ARG B 1 8  ? -2.857  0.563   -21.133 1.00 23.85 ? 24  ARG B N   1 
ATOM   541  C CA  . ARG B 1 8  ? -2.066  -0.551  -20.621 1.00 26.11 ? 24  ARG B CA  1 
ATOM   542  C C   . ARG B 1 8  ? -0.802  -0.002  -19.980 1.00 24.39 ? 24  ARG B C   1 
ATOM   543  O O   . ARG B 1 8  ? -0.442  -0.400  -18.876 1.00 21.71 ? 24  ARG B O   1 
ATOM   544  C CB  . ARG B 1 8  ? -1.693  -1.525  -21.746 1.00 28.99 ? 24  ARG B CB  1 
ATOM   545  C CG  . ARG B 1 8  ? -2.862  -2.342  -22.261 1.00 32.56 ? 24  ARG B CG  1 
ATOM   546  C CD  . ARG B 1 8  ? -2.394  -3.492  -23.146 1.00 37.65 ? 24  ARG B CD  1 
ATOM   547  N NE  . ARG B 1 8  ? -3.493  -4.387  -23.490 1.00 39.53 ? 24  ARG B NE  1 
ATOM   548  C CZ  . ARG B 1 8  ? -4.483  -4.072  -24.316 1.00 41.10 ? 24  ARG B CZ  1 
ATOM   549  N NH1 . ARG B 1 8  ? -4.511  -2.877  -24.893 1.00 41.80 ? 24  ARG B NH1 1 
ATOM   550  N NH2 . ARG B 1 8  ? -5.452  -4.949  -24.559 1.00 40.09 ? 24  ARG B NH2 1 
ATOM   551  N N   . GLN B 1 9  ? -0.139  0.919   -20.677 1.00 24.54 ? 25  GLN B N   1 
ATOM   552  C CA  . GLN B 1 9  ? 1.097   1.530   -20.182 1.00 23.71 ? 25  GLN B CA  1 
ATOM   553  C C   . GLN B 1 9  ? 0.808   2.183   -18.835 1.00 23.88 ? 25  GLN B C   1 
ATOM   554  O O   . GLN B 1 9  ? 1.591   2.078   -17.890 1.00 21.59 ? 25  GLN B O   1 
ATOM   555  C CB  . GLN B 1 9  ? 1.586   2.592   -21.177 1.00 28.33 ? 25  GLN B CB  1 
ATOM   556  C CG  . GLN B 1 9  ? 3.038   3.024   -21.004 1.00 32.80 ? 25  GLN B CG  1 
ATOM   557  C CD  . GLN B 1 9  ? 3.981   2.331   -21.989 1.00 36.40 ? 25  GLN B CD  1 
ATOM   558  O OE1 . GLN B 1 9  ? 3.779   2.393   -23.206 1.00 40.34 ? 25  GLN B OE1 1 
ATOM   559  N NE2 . GLN B 1 9  ? 5.015   1.671   -21.466 1.00 37.84 ? 25  GLN B NE2 1 
ATOM   560  N N   . PHE B 1 10 ? -0.327  2.872   -18.761 1.00 20.82 ? 26  PHE B N   1 
ATOM   561  C CA  . PHE B 1 10 ? -0.758  3.541   -17.538 1.00 19.46 ? 26  PHE B CA  1 
ATOM   562  C C   . PHE B 1 10 ? -0.800  2.555   -16.385 1.00 18.60 ? 26  PHE B C   1 
ATOM   563  O O   . PHE B 1 10 ? -0.271  2.821   -15.301 1.00 17.72 ? 26  PHE B O   1 
ATOM   564  C CB  . PHE B 1 10 ? -2.159  4.128   -17.741 1.00 18.59 ? 26  PHE B CB  1 
ATOM   565  C CG  . PHE B 1 10 ? -2.783  4.683   -16.484 1.00 20.60 ? 26  PHE B CG  1 
ATOM   566  C CD1 . PHE B 1 10 ? -2.384  5.915   -15.971 1.00 19.33 ? 26  PHE B CD1 1 
ATOM   567  C CD2 . PHE B 1 10 ? -3.771  3.967   -15.813 1.00 20.68 ? 26  PHE B CD2 1 
ATOM   568  C CE1 . PHE B 1 10 ? -2.964  6.424   -14.808 1.00 23.92 ? 26  PHE B CE1 1 
ATOM   569  C CE2 . PHE B 1 10 ? -4.355  4.467   -14.652 1.00 21.73 ? 26  PHE B CE2 1 
ATOM   570  C CZ  . PHE B 1 10 ? -3.952  5.697   -14.147 1.00 22.53 ? 26  PHE B CZ  1 
ATOM   571  N N   . CYS B 1 11 ? -1.445  1.412   -16.627 1.00 17.78 ? 27  CYS B N   1 
ATOM   572  C CA  . CYS B 1 11 ? -1.574  0.378   -15.611 1.00 17.74 ? 27  CYS B CA  1 
ATOM   573  C C   . CYS B 1 11 ? -0.203  -0.183  -15.244 1.00 17.45 ? 27  CYS B C   1 
ATOM   574  O O   . CYS B 1 11 ? 0.155   -0.285  -14.058 1.00 16.78 ? 27  CYS B O   1 
ATOM   575  C CB  . CYS B 1 11 ? -2.465  -0.751  -16.129 1.00 17.52 ? 27  CYS B CB  1 
ATOM   576  S SG  . CYS B 1 11 ? -4.203  -0.279  -16.251 1.00 20.32 ? 27  CYS B SG  1 
ATOM   577  N N   . GLU B 1 12 ? 0.566   -0.524  -16.274 1.00 17.15 ? 28  GLU B N   1 
ATOM   578  C CA  . GLU B 1 12 ? 1.899   -1.087  -16.072 1.00 19.77 ? 28  GLU B CA  1 
ATOM   579  C C   . GLU B 1 12 ? 2.851   -0.197  -15.267 1.00 21.25 ? 28  GLU B C   1 
ATOM   580  O O   . GLU B 1 12 ? 3.524   -0.679  -14.359 1.00 21.95 ? 28  GLU B O   1 
ATOM   581  C CB  . GLU B 1 12 ? 2.521   -1.432  -17.429 1.00 21.04 ? 28  GLU B CB  1 
ATOM   582  C CG  . GLU B 1 12 ? 1.745   -2.515  -18.170 1.00 22.53 ? 28  GLU B CG  1 
ATOM   583  C CD  . GLU B 1 12 ? 2.021   -2.541  -19.660 1.00 26.34 ? 28  GLU B CD  1 
ATOM   584  O OE1 . GLU B 1 12 ? 2.847   -1.731  -20.142 1.00 27.49 ? 28  GLU B OE1 1 
ATOM   585  O OE2 . GLU B 1 12 ? 1.403   -3.380  -20.353 1.00 26.28 ? 28  GLU B OE2 1 
ATOM   586  N N   . LEU B 1 13 ? 2.900   1.094   -15.578 1.00 22.07 ? 29  LEU B N   1 
ATOM   587  C CA  . LEU B 1 13 ? 3.803   2.015   -14.875 1.00 20.90 ? 29  LEU B CA  1 
ATOM   588  C C   . LEU B 1 13 ? 3.460   2.203   -13.410 1.00 21.36 ? 29  LEU B C   1 
ATOM   589  O O   . LEU B 1 13 ? 4.350   2.310   -12.564 1.00 19.48 ? 29  LEU B O   1 
ATOM   590  C CB  . LEU B 1 13 ? 3.806   3.381   -15.558 1.00 22.95 ? 29  LEU B CB  1 
ATOM   591  C CG  . LEU B 1 13 ? 4.079   3.352   -17.066 1.00 29.69 ? 29  LEU B CG  1 
ATOM   592  C CD1 . LEU B 1 13 ? 3.911   4.762   -17.636 1.00 29.39 ? 29  LEU B CD1 1 
ATOM   593  C CD2 . LEU B 1 13 ? 5.481   2.806   -17.352 1.00 32.44 ? 29  LEU B CD2 1 
ATOM   594  N N   . HIS B 1 14 ? 2.170   2.297   -13.103 1.00 18.49 ? 30  HIS B N   1 
ATOM   595  C CA  . HIS B 1 14 ? 1.768   2.470   -11.721 1.00 18.81 ? 30  HIS B CA  1 
ATOM   596  C C   . HIS B 1 14 ? 1.951   1.162   -10.967 1.00 20.12 ? 30  HIS B C   1 
ATOM   597  O O   . HIS B 1 14 ? 2.295   1.164   -9.788  1.00 20.30 ? 30  HIS B O   1 
ATOM   598  C CB  . HIS B 1 14 ? 0.315   2.959   -11.632 1.00 19.05 ? 30  HIS B CB  1 
ATOM   599  C CG  . HIS B 1 14 ? 0.152   4.402   -11.996 1.00 18.76 ? 30  HIS B CG  1 
ATOM   600  N ND1 . HIS B 1 14 ? 0.861   5.406   -11.368 1.00 22.08 ? 30  HIS B ND1 1 
ATOM   601  C CD2 . HIS B 1 14 ? -0.603  5.010   -12.943 1.00 18.70 ? 30  HIS B CD2 1 
ATOM   602  C CE1 . HIS B 1 14 ? 0.553   6.569   -11.916 1.00 20.82 ? 30  HIS B CE1 1 
ATOM   603  N NE2 . HIS B 1 14 ? -0.332  6.357   -12.874 1.00 19.65 ? 30  HIS B NE2 1 
ATOM   604  N N   . ALA B 1 15 ? 1.732   0.044   -11.653 1.00 20.57 ? 31  ALA B N   1 
ATOM   605  C CA  . ALA B 1 15 ? 1.896   -1.268  -11.035 1.00 20.18 ? 31  ALA B CA  1 
ATOM   606  C C   . ALA B 1 15 ? 3.371   -1.499  -10.710 1.00 22.31 ? 31  ALA B C   1 
ATOM   607  O O   . ALA B 1 15 ? 3.710   -2.079  -9.672  1.00 22.72 ? 31  ALA B O   1 
ATOM   608  C CB  . ALA B 1 15 ? 1.407   -2.347  -11.972 1.00 17.97 ? 31  ALA B CB  1 
ATOM   609  N N   . GLN B 1 16 ? 4.238   -1.029  -11.602 1.00 23.08 ? 32  GLN B N   1 
ATOM   610  C CA  . GLN B 1 16 ? 5.680   -1.187  -11.434 1.00 24.52 ? 32  GLN B CA  1 
ATOM   611  C C   . GLN B 1 16 ? 6.153   -0.432  -10.204 1.00 24.18 ? 32  GLN B C   1 
ATOM   612  O O   . GLN B 1 16 ? 6.848   -0.988  -9.355  1.00 22.10 ? 32  GLN B O   1 
ATOM   613  C CB  . GLN B 1 16 ? 6.432   -0.680  -12.672 1.00 27.53 ? 32  GLN B CB  1 
ATOM   614  C CG  . GLN B 1 16 ? 7.959   -0.755  -12.538 1.00 31.79 ? 32  GLN B CG  1 
ATOM   615  C CD  . GLN B 1 16 ? 8.697   0.214   -13.454 1.00 35.91 ? 32  GLN B CD  1 
ATOM   616  O OE1 . GLN B 1 16 ? 9.932   0.211   -13.516 1.00 37.62 ? 32  GLN B OE1 1 
ATOM   617  N NE2 . GLN B 1 16 ? 7.945   1.057   -14.162 1.00 35.56 ? 32  GLN B NE2 1 
ATOM   618  N N   . ALA B 1 17 ? 5.780   0.839   -10.106 1.00 22.62 ? 33  ALA B N   1 
ATOM   619  C CA  . ALA B 1 17 ? 6.186   1.638   -8.961  1.00 22.65 ? 33  ALA B CA  1 
ATOM   620  C C   . ALA B 1 17 ? 5.637   1.057   -7.658  1.00 22.53 ? 33  ALA B C   1 
ATOM   621  O O   . ALA B 1 17 ? 6.347   0.989   -6.657  1.00 21.33 ? 33  ALA B O   1 
ATOM   622  C CB  . ALA B 1 17 ? 5.731   3.091   -9.141  1.00 23.14 ? 33  ALA B CB  1 
ATOM   623  N N   . ALA B 1 18 ? 4.384   0.610   -7.665  1.00 22.41 ? 34  ALA B N   1 
ATOM   624  C CA  . ALA B 1 18 ? 3.807   0.047   -6.450  1.00 21.77 ? 34  ALA B CA  1 
ATOM   625  C C   . ALA B 1 18 ? 4.505   -1.254  -6.038  1.00 21.53 ? 34  ALA B C   1 
ATOM   626  O O   . ALA B 1 18 ? 4.837   -1.442  -4.869  1.00 20.78 ? 34  ALA B O   1 
ATOM   627  C CB  . ALA B 1 18 ? 2.316   -0.192  -6.639  1.00 21.27 ? 34  ALA B CB  1 
ATOM   628  N N   . ALA B 1 19 ? 4.722   -2.137  -7.009  1.00 21.54 ? 35  ALA B N   1 
ATOM   629  C CA  . ALA B 1 19 ? 5.368   -3.429  -6.781  1.00 19.82 ? 35  ALA B CA  1 
ATOM   630  C C   . ALA B 1 19 ? 6.820   -3.282  -6.312  1.00 23.33 ? 35  ALA B C   1 
ATOM   631  O O   . ALA B 1 19 ? 7.285   -4.048  -5.456  1.00 21.54 ? 35  ALA B O   1 
ATOM   632  C CB  . ALA B 1 19 ? 5.304   -4.266  -8.059  1.00 17.95 ? 35  ALA B CB  1 
ATOM   633  N N   . VAL B 1 20 ? 7.539   -2.311  -6.877  1.00 22.18 ? 36  VAL B N   1 
ATOM   634  C CA  . VAL B 1 20 ? 8.926   -2.068  -6.477  1.00 24.67 ? 36  VAL B CA  1 
ATOM   635  C C   . VAL B 1 20 ? 9.002   -1.652  -5.015  1.00 25.56 ? 36  VAL B C   1 
ATOM   636  O O   . VAL B 1 20 ? 9.800   -2.196  -4.246  1.00 24.48 ? 36  VAL B O   1 
ATOM   637  C CB  . VAL B 1 20 ? 9.589   -0.961  -7.337  1.00 25.17 ? 36  VAL B CB  1 
ATOM   638  C CG1 . VAL B 1 20 ? 10.816  -0.389  -6.612  1.00 23.93 ? 36  VAL B CG1 1 
ATOM   639  C CG2 . VAL B 1 20 ? 10.004  -1.536  -8.674  1.00 24.58 ? 36  VAL B CG2 1 
ATOM   640  N N   . ASP B 1 21 ? 8.179   -0.679  -4.632  1.00 24.92 ? 37  ASP B N   1 
ATOM   641  C CA  . ASP B 1 21 ? 8.168   -0.214  -3.256  1.00 27.37 ? 37  ASP B CA  1 
ATOM   642  C C   . ASP B 1 21 ? 7.780   -1.365  -2.335  1.00 26.02 ? 37  ASP B C   1 
ATOM   643  O O   . ASP B 1 21 ? 8.401   -1.583  -1.297  1.00 25.56 ? 37  ASP B O   1 
ATOM   644  C CB  . ASP B 1 21 ? 7.165   0.930   -3.080  1.00 30.66 ? 37  ASP B CB  1 
ATOM   645  C CG  . ASP B 1 21 ? 7.064   1.403   -1.633  1.00 36.78 ? 37  ASP B CG  1 
ATOM   646  O OD1 . ASP B 1 21 ? 8.063   1.931   -1.091  1.00 40.26 ? 37  ASP B OD1 1 
ATOM   647  O OD2 . ASP B 1 21 ? 5.977   1.242   -1.030  1.00 41.55 ? 37  ASP B OD2 1 
ATOM   648  N N   . PHE B 1 22 ? 6.760   -2.122  -2.717  1.00 24.02 ? 38  PHE B N   1 
ATOM   649  C CA  . PHE B 1 22 ? 6.349   -3.207  -1.848  1.00 22.60 ? 38  PHE B CA  1 
ATOM   650  C C   . PHE B 1 22 ? 7.403   -4.301  -1.712  1.00 22.10 ? 38  PHE B C   1 
ATOM   651  O O   . PHE B 1 22 ? 7.605   -4.827  -0.612  1.00 21.25 ? 38  PHE B O   1 
ATOM   652  C CB  . PHE B 1 22 ? 5.031   -3.834  -2.295  1.00 22.99 ? 38  PHE B CB  1 
ATOM   653  C CG  . PHE B 1 22 ? 4.572   -4.912  -1.370  1.00 22.07 ? 38  PHE B CG  1 
ATOM   654  C CD1 . PHE B 1 22 ? 4.335   -4.620  -0.030  1.00 22.85 ? 38  PHE B CD1 1 
ATOM   655  C CD2 . PHE B 1 22 ? 4.523   -6.237  -1.791  1.00 23.52 ? 38  PHE B CD2 1 
ATOM   656  C CE1 . PHE B 1 22 ? 4.069   -5.631  0.887   1.00 23.58 ? 38  PHE B CE1 1 
ATOM   657  C CE2 . PHE B 1 22 ? 4.257   -7.259  -0.882  1.00 24.29 ? 38  PHE B CE2 1 
ATOM   658  C CZ  . PHE B 1 22 ? 4.033   -6.952  0.459   1.00 22.82 ? 38  PHE B CZ  1 
ATOM   659  N N   . ALA B 1 23 ? 8.078   -4.632  -2.812  1.00 20.24 ? 39  ALA B N   1 
ATOM   660  C CA  . ALA B 1 23 ? 9.103   -5.671  -2.788  1.00 20.54 ? 39  ALA B CA  1 
ATOM   661  C C   . ALA B 1 23 ? 10.142  -5.378  -1.719  1.00 22.17 ? 39  ALA B C   1 
ATOM   662  O O   . ALA B 1 23 ? 10.703  -6.297  -1.117  1.00 23.66 ? 39  ALA B O   1 
ATOM   663  C CB  . ALA B 1 23 ? 9.787   -5.777  -4.151  1.00 19.52 ? 39  ALA B CB  1 
ATOM   664  N N   . HIS B 1 24 ? 10.409  -4.095  -1.497  1.00 23.37 ? 40  HIS B N   1 
ATOM   665  C CA  . HIS B 1 24 ? 11.381  -3.697  -0.490  1.00 24.00 ? 40  HIS B CA  1 
ATOM   666  C C   . HIS B 1 24 ? 10.800  -3.918  0.903   1.00 22.66 ? 40  HIS B C   1 
ATOM   667  O O   . HIS B 1 24 ? 11.470  -4.456  1.780   1.00 23.68 ? 40  HIS B O   1 
ATOM   668  C CB  . HIS B 1 24 ? 11.771  -2.234  -0.694  1.00 26.21 ? 40  HIS B CB  1 
ATOM   669  C CG  . HIS B 1 24 ? 12.381  -1.959  -2.033  1.00 29.07 ? 40  HIS B CG  1 
ATOM   670  N ND1 . HIS B 1 24 ? 12.443  -0.695  -2.580  1.00 29.97 ? 40  HIS B ND1 1 
ATOM   671  C CD2 . HIS B 1 24 ? 12.953  -2.787  -2.940  1.00 30.04 ? 40  HIS B CD2 1 
ATOM   672  C CE1 . HIS B 1 24 ? 13.026  -0.756  -3.764  1.00 30.32 ? 40  HIS B CE1 1 
ATOM   673  N NE2 . HIS B 1 24 ? 13.344  -2.015  -4.007  1.00 32.37 ? 40  HIS B NE2 1 
ATOM   674  N N   . LYS B 1 25 ? 9.555   -3.497  1.102   1.00 21.68 ? 41  LYS B N   1 
ATOM   675  C CA  . LYS B 1 25 ? 8.891   -3.675  2.384   1.00 21.92 ? 41  LYS B CA  1 
ATOM   676  C C   . LYS B 1 25 ? 8.742   -5.167  2.690   1.00 22.43 ? 41  LYS B C   1 
ATOM   677  O O   . LYS B 1 25 ? 8.780   -5.570  3.851   1.00 20.34 ? 41  LYS B O   1 
ATOM   678  C CB  . LYS B 1 25 ? 7.505   -3.041  2.376   1.00 23.70 ? 41  LYS B CB  1 
ATOM   679  C CG  . LYS B 1 25 ? 7.493   -1.534  2.291   1.00 22.24 ? 41  LYS B CG  1 
ATOM   680  C CD  . LYS B 1 25 ? 6.057   -1.059  2.235   1.00 24.08 ? 41  LYS B CD  1 
ATOM   681  C CE  . LYS B 1 25 ? 5.945   0.417   1.968   1.00 23.77 ? 41  LYS B CE  1 
ATOM   682  N NZ  . LYS B 1 25 ? 4.508   0.786   1.880   1.00 23.13 ? 41  LYS B NZ  1 
ATOM   683  N N   . PHE B 1 26 ? 8.558   -5.964  1.636   1.00 20.82 ? 42  PHE B N   1 
ATOM   684  C CA  . PHE B 1 26 ? 8.402   -7.412  1.745   1.00 21.86 ? 42  PHE B CA  1 
ATOM   685  C C   . PHE B 1 26 ? 9.700   -8.030  2.280   1.00 23.40 ? 42  PHE B C   1 
ATOM   686  O O   . PHE B 1 26 ? 9.702   -8.750  3.291   1.00 21.78 ? 42  PHE B O   1 
ATOM   687  C CB  . PHE B 1 26 ? 8.081   -7.991  0.362   1.00 22.02 ? 42  PHE B CB  1 
ATOM   688  C CG  . PHE B 1 26 ? 7.804   -9.462  0.366   1.00 22.49 ? 42  PHE B CG  1 
ATOM   689  C CD1 . PHE B 1 26 ? 6.589   -9.950  0.832   1.00 24.08 ? 42  PHE B CD1 1 
ATOM   690  C CD2 . PHE B 1 26 ? 8.758   -10.365 -0.106  1.00 22.43 ? 42  PHE B CD2 1 
ATOM   691  C CE1 . PHE B 1 26 ? 6.320   -11.326 0.824   1.00 24.48 ? 42  PHE B CE1 1 
ATOM   692  C CE2 . PHE B 1 26 ? 8.499   -11.735 -0.118  1.00 24.48 ? 42  PHE B CE2 1 
ATOM   693  C CZ  . PHE B 1 26 ? 7.272   -12.213 0.351   1.00 24.61 ? 42  PHE B CZ  1 
ATOM   694  N N   . CYS B 1 27 ? 10.800  -7.728  1.602   1.00 23.72 ? 43  CYS B N   1 
ATOM   695  C CA  . CYS B 1 27 ? 12.105  -8.247  2.001   1.00 25.11 ? 43  CYS B CA  1 
ATOM   696  C C   . CYS B 1 27 ? 12.451  -7.792  3.415   1.00 25.07 ? 43  CYS B C   1 
ATOM   697  O O   . CYS B 1 27 ? 13.099  -8.515  4.173   1.00 26.80 ? 43  CYS B O   1 
ATOM   698  C CB  . CYS B 1 27 ? 13.168  -7.785  1.005   1.00 25.93 ? 43  CYS B CB  1 
ATOM   699  S SG  . CYS B 1 27 ? 12.970  -8.524  -0.629  1.00 27.86 ? 43  CYS B SG  1 
ATOM   700  N N   . ARG B 1 28 ? 12.013  -6.589  3.767   1.00 26.00 ? 44  ARG B N   1 
ATOM   701  C CA  . ARG B 1 28 ? 12.255  -6.041  5.098   1.00 28.14 ? 44  ARG B CA  1 
ATOM   702  C C   . ARG B 1 28 ? 11.479  -6.867  6.126   1.00 28.42 ? 44  ARG B C   1 
ATOM   703  O O   . ARG B 1 28 ? 11.992  -7.183  7.205   1.00 29.08 ? 44  ARG B O   1 
ATOM   704  C CB  . ARG B 1 28 ? 11.809  -4.569  5.150   1.00 29.26 ? 44  ARG B CB  1 
ATOM   705  C CG  . ARG B 1 28 ? 11.867  -3.927  6.529   1.00 32.04 ? 44  ARG B CG  1 
ATOM   706  C CD  . ARG B 1 28 ? 11.420  -2.456  6.499   1.00 36.14 ? 44  ARG B CD  1 
ATOM   707  N NE  . ARG B 1 28 ? 12.432  -1.557  5.936   1.00 38.37 ? 44  ARG B NE  1 
ATOM   708  C CZ  . ARG B 1 28 ? 12.431  -1.071  4.695   1.00 43.40 ? 44  ARG B CZ  1 
ATOM   709  N NH1 . ARG B 1 28 ? 11.465  -1.377  3.828   1.00 40.79 ? 44  ARG B NH1 1 
ATOM   710  N NH2 . ARG B 1 28 ? 13.410  -0.256  4.315   1.00 45.47 ? 44  ARG B NH2 1 
ATOM   711  N N   . PHE B 1 29 ? 10.248  -7.229  5.777   1.00 25.92 ? 45  PHE B N   1 
ATOM   712  C CA  . PHE B 1 29 ? 9.383   -8.016  6.658   1.00 27.21 ? 45  PHE B CA  1 
ATOM   713  C C   . PHE B 1 29 ? 9.944   -9.411  6.921   1.00 27.31 ? 45  PHE B C   1 
ATOM   714  O O   . PHE B 1 29 ? 9.890   -9.908  8.045   1.00 25.61 ? 45  PHE B O   1 
ATOM   715  C CB  . PHE B 1 29 ? 7.990   -8.161  6.039   1.00 26.27 ? 45  PHE B CB  1 
ATOM   716  C CG  . PHE B 1 29 ? 6.959   -8.732  6.976   1.00 27.11 ? 45  PHE B CG  1 
ATOM   717  C CD1 . PHE B 1 29 ? 6.461   -7.971  8.033   1.00 27.23 ? 45  PHE B CD1 1 
ATOM   718  C CD2 . PHE B 1 29 ? 6.469   -10.022 6.791   1.00 26.18 ? 45  PHE B CD2 1 
ATOM   719  C CE1 . PHE B 1 29 ? 5.485   -8.486  8.891   1.00 27.72 ? 45  PHE B CE1 1 
ATOM   720  C CE2 . PHE B 1 29 ? 5.494   -10.548 7.644   1.00 27.21 ? 45  PHE B CE2 1 
ATOM   721  C CZ  . PHE B 1 29 ? 4.999   -9.779  8.695   1.00 26.10 ? 45  PHE B CZ  1 
ATOM   722  N N   . LEU B 1 30 ? 10.467  -10.044 5.876   1.00 28.38 ? 46  LEU B N   1 
ATOM   723  C CA  . LEU B 1 30 ? 11.022  -11.385 6.010   1.00 30.20 ? 46  LEU B CA  1 
ATOM   724  C C   . LEU B 1 30 ? 12.334  -11.382 6.784   1.00 32.00 ? 46  LEU B C   1 
ATOM   725  O O   . LEU B 1 30 ? 12.689  -12.376 7.418   1.00 31.37 ? 46  LEU B O   1 
ATOM   726  C CB  . LEU B 1 30 ? 11.234  -12.021 4.635   1.00 29.79 ? 46  LEU B CB  1 
ATOM   727  C CG  . LEU B 1 30 ? 10.011  -12.164 3.723   1.00 32.27 ? 46  LEU B CG  1 
ATOM   728  C CD1 . LEU B 1 30 ? 10.397  -12.989 2.512   1.00 31.11 ? 46  LEU B CD1 1 
ATOM   729  C CD2 . LEU B 1 30 ? 8.865   -12.827 4.457   1.00 32.08 ? 46  LEU B CD2 1 
ATOM   730  N N   . ARG B 1 31 ? 13.062  -10.273 6.735   1.00 32.97 ? 47  ARG B N   1 
ATOM   731  C CA  . ARG B 1 31 ? 14.318  -10.201 7.471   1.00 36.01 ? 47  ARG B CA  1 
ATOM   732  C C   . ARG B 1 31 ? 14.041  -9.965  8.951   1.00 36.45 ? 47  ARG B C   1 
ATOM   733  O O   . ARG B 1 31 ? 14.813  -10.390 9.810   1.00 35.69 ? 47  ARG B O   1 
ATOM   734  C CB  . ARG B 1 31 ? 15.212  -9.100  6.904   1.00 37.31 ? 47  ARG B CB  1 
ATOM   735  C CG  . ARG B 1 31 ? 15.772  -9.454  5.533   1.00 44.21 ? 47  ARG B CG  1 
ATOM   736  C CD  . ARG B 1 31 ? 16.650  -8.354  4.955   1.00 48.82 ? 47  ARG B CD  1 
ATOM   737  N NE  . ARG B 1 31 ? 17.735  -7.980  5.855   1.00 54.06 ? 47  ARG B NE  1 
ATOM   738  C CZ  . ARG B 1 31 ? 18.804  -7.281  5.483   1.00 56.91 ? 47  ARG B CZ  1 
ATOM   739  N NH1 . ARG B 1 31 ? 18.931  -6.885  4.222   1.00 57.90 ? 47  ARG B NH1 1 
ATOM   740  N NH2 . ARG B 1 31 ? 19.743  -6.974  6.369   1.00 57.67 ? 47  ARG B NH2 1 
ATOM   741  N N   . ASP B 1 32 ? 12.932  -9.297  9.248   1.00 36.99 ? 48  ASP B N   1 
ATOM   742  C CA  . ASP B 1 32 ? 12.569  -9.033  10.637  1.00 37.09 ? 48  ASP B CA  1 
ATOM   743  C C   . ASP B 1 32 ? 11.789  -10.214 11.214  1.00 37.24 ? 48  ASP B C   1 
ATOM   744  O O   . ASP B 1 32 ? 11.714  -10.387 12.431  1.00 37.62 ? 48  ASP B O   1 
ATOM   745  C CB  . ASP B 1 32 ? 11.714  -7.765  10.749  1.00 38.10 ? 48  ASP B CB  1 
ATOM   746  C CG  . ASP B 1 32 ? 12.443  -6.519  10.277  1.00 38.98 ? 48  ASP B CG  1 
ATOM   747  O OD1 . ASP B 1 32 ? 13.690  -6.516  10.300  1.00 37.49 ? 48  ASP B OD1 1 
ATOM   748  O OD2 . ASP B 1 32 ? 11.760  -5.538  9.898   1.00 39.03 ? 48  ASP B OD2 1 
ATOM   749  N N   . ASN B 1 33 ? 11.207  -11.021 10.333  1.00 36.91 ? 49  ASN B N   1 
ATOM   750  C CA  . ASN B 1 33 ? 10.415  -12.177 10.742  1.00 36.95 ? 49  ASN B CA  1 
ATOM   751  C C   . ASN B 1 33 ? 10.832  -13.383 9.898   1.00 37.38 ? 49  ASN B C   1 
ATOM   752  O O   . ASN B 1 33 ? 10.068  -13.869 9.060   1.00 36.26 ? 49  ASN B O   1 
ATOM   753  C CB  . ASN B 1 33 ? 8.924   -11.874 10.546  1.00 35.37 ? 49  ASN B CB  1 
ATOM   754  C CG  . ASN B 1 33 ? 8.483   -10.624 11.289  1.00 35.61 ? 49  ASN B CG  1 
ATOM   755  O OD1 . ASN B 1 33 ? 8.282   -10.648 12.501  1.00 35.32 ? 49  ASN B OD1 1 
ATOM   756  N ND2 . ASN B 1 33 ? 8.349   -9.517  10.565  1.00 35.34 ? 49  ASN B ND2 1 
ATOM   757  N N   . PRO B 1 34 ? 12.053  -13.891 10.129  1.00 37.96 ? 50  PRO B N   1 
ATOM   758  C CA  . PRO B 1 34 ? 12.624  -15.037 9.413   1.00 38.48 ? 50  PRO B CA  1 
ATOM   759  C C   . PRO B 1 34 ? 11.749  -16.286 9.350   1.00 38.22 ? 50  PRO B C   1 
ATOM   760  O O   . PRO B 1 34 ? 11.942  -17.133 8.482   1.00 39.08 ? 50  PRO B O   1 
ATOM   761  C CB  . PRO B 1 34 ? 13.936  -15.280 10.153  1.00 39.91 ? 50  PRO B CB  1 
ATOM   762  C CG  . PRO B 1 34 ? 13.611  -14.839 11.550  1.00 39.33 ? 50  PRO B CG  1 
ATOM   763  C CD  . PRO B 1 34 ? 12.885  -13.546 11.292  1.00 38.55 ? 50  PRO B CD  1 
ATOM   764  N N   . ALA B 1 35 ? 10.791  -16.404 10.263  1.00 38.64 ? 51  ALA B N   1 
ATOM   765  C CA  . ALA B 1 35 ? 9.902   -17.561 10.280  1.00 37.92 ? 51  ALA B CA  1 
ATOM   766  C C   . ALA B 1 35 ? 9.035   -17.606 9.021   1.00 37.68 ? 51  ALA B C   1 
ATOM   767  O O   . ALA B 1 35 ? 8.519   -18.664 8.642   1.00 37.71 ? 51  ALA B O   1 
ATOM   768  C CB  . ALA B 1 35 ? 9.019   -17.525 11.522  1.00 39.12 ? 51  ALA B CB  1 
ATOM   769  N N   . TYR B 1 36 ? 8.878   -16.454 8.374   1.00 35.17 ? 52  TYR B N   1 
ATOM   770  C CA  . TYR B 1 36 ? 8.075   -16.360 7.158   1.00 34.21 ? 52  TYR B CA  1 
ATOM   771  C C   . TYR B 1 36 ? 8.926   -16.413 5.897   1.00 34.42 ? 52  TYR B C   1 
ATOM   772  O O   . TYR B 1 36 ? 8.397   -16.470 4.788   1.00 33.91 ? 52  TYR B O   1 
ATOM   773  C CB  . TYR B 1 36 ? 7.283   -15.048 7.142   1.00 30.75 ? 52  TYR B CB  1 
ATOM   774  C CG  . TYR B 1 36 ? 6.179   -14.960 8.163   1.00 31.20 ? 52  TYR B CG  1 
ATOM   775  C CD1 . TYR B 1 36 ? 5.247   -15.988 8.301   1.00 30.85 ? 52  TYR B CD1 1 
ATOM   776  C CD2 . TYR B 1 36 ? 6.036   -13.829 8.963   1.00 30.23 ? 52  TYR B CD2 1 
ATOM   777  C CE1 . TYR B 1 36 ? 4.203   -15.893 9.203   1.00 29.43 ? 52  TYR B CE1 1 
ATOM   778  C CE2 . TYR B 1 36 ? 4.986   -13.721 9.874   1.00 30.34 ? 52  TYR B CE2 1 
ATOM   779  C CZ  . TYR B 1 36 ? 4.075   -14.758 9.986   1.00 31.80 ? 52  TYR B CZ  1 
ATOM   780  O OH  . TYR B 1 36 ? 3.032   -14.656 10.874  1.00 32.23 ? 52  TYR B OH  1 
ATOM   781  N N   . ASP B 1 37 ? 10.242  -16.389 6.071   1.00 34.15 ? 53  ASP B N   1 
ATOM   782  C CA  . ASP B 1 37 ? 11.163  -16.389 4.944   1.00 34.68 ? 53  ASP B CA  1 
ATOM   783  C C   . ASP B 1 37 ? 11.366  -17.754 4.273   1.00 36.83 ? 53  ASP B C   1 
ATOM   784  O O   . ASP B 1 37 ? 12.435  -18.361 4.383   1.00 36.74 ? 53  ASP B O   1 
ATOM   785  C CB  . ASP B 1 37 ? 12.504  -15.813 5.405   1.00 34.50 ? 53  ASP B CB  1 
ATOM   786  C CG  . ASP B 1 37 ? 13.465  -15.572 4.261   1.00 34.94 ? 53  ASP B CG  1 
ATOM   787  O OD1 . ASP B 1 37 ? 14.537  -14.971 4.499   1.00 36.54 ? 53  ASP B OD1 1 
ATOM   788  O OD2 . ASP B 1 37 ? 13.153  -15.985 3.125   1.00 37.41 ? 53  ASP B OD2 1 
ATOM   789  N N   . THR B 1 38 ? 10.337  -18.226 3.572   1.00 38.13 ? 54  THR B N   1 
ATOM   790  C CA  . THR B 1 38 ? 10.404  -19.502 2.868   1.00 37.00 ? 54  THR B CA  1 
ATOM   791  C C   . THR B 1 38 ? 10.368  -19.243 1.369   1.00 37.42 ? 54  THR B C   1 
ATOM   792  O O   . THR B 1 38 ? 10.165  -18.111 0.929   1.00 38.42 ? 54  THR B O   1 
ATOM   793  C CB  . THR B 1 38 ? 9.206   -20.426 3.192   1.00 36.87 ? 54  THR B CB  1 
ATOM   794  O OG1 . THR B 1 38 ? 8.055   -19.993 2.450   1.00 35.82 ? 54  THR B OG1 1 
ATOM   795  C CG2 . THR B 1 38 ? 8.898   -20.408 4.676   1.00 33.99 ? 54  THR B CG2 1 
ATOM   796  N N   . PRO B 1 39 ? 10.576  -20.292 0.562   1.00 36.84 ? 55  PRO B N   1 
ATOM   797  C CA  . PRO B 1 39 ? 10.556  -20.147 -0.895  1.00 36.37 ? 55  PRO B CA  1 
ATOM   798  C C   . PRO B 1 39 ? 9.163   -19.857 -1.471  1.00 34.92 ? 55  PRO B C   1 
ATOM   799  O O   . PRO B 1 39 ? 9.048   -19.367 -2.594  1.00 34.69 ? 55  PRO B O   1 
ATOM   800  C CB  . PRO B 1 39 ? 11.107  -21.485 -1.376  1.00 36.21 ? 55  PRO B CB  1 
ATOM   801  C CG  . PRO B 1 39 ? 12.054  -21.856 -0.284  1.00 37.64 ? 55  PRO B CG  1 
ATOM   802  C CD  . PRO B 1 39 ? 11.232  -21.557 0.941   1.00 36.39 ? 55  PRO B CD  1 
ATOM   803  N N   . ASP B 1 40 ? 8.114   -20.156 -0.705  1.00 32.52 ? 56  ASP B N   1 
ATOM   804  C CA  . ASP B 1 40 ? 6.752   -19.935 -1.177  1.00 31.54 ? 56  ASP B CA  1 
ATOM   805  C C   . ASP B 1 40 ? 6.081   -18.714 -0.557  1.00 29.15 ? 56  ASP B C   1 
ATOM   806  O O   . ASP B 1 40 ? 4.881   -18.508 -0.740  1.00 27.19 ? 56  ASP B O   1 
ATOM   807  C CB  . ASP B 1 40 ? 5.875   -21.169 -0.907  1.00 32.73 ? 56  ASP B CB  1 
ATOM   808  C CG  . ASP B 1 40 ? 6.383   -22.422 -1.609  1.00 37.98 ? 56  ASP B CG  1 
ATOM   809  O OD1 . ASP B 1 40 ? 6.825   -22.316 -2.773  1.00 40.21 ? 56  ASP B OD1 1 
ATOM   810  O OD2 . ASP B 1 40 ? 6.322   -23.519 -0.998  1.00 39.19 ? 56  ASP B OD2 1 
ATOM   811  N N   . ALA B 1 41 ? 6.840   -17.911 0.182   1.00 28.34 ? 57  ALA B N   1 
ATOM   812  C CA  . ALA B 1 41 ? 6.269   -16.719 0.810   1.00 27.99 ? 57  ALA B CA  1 
ATOM   813  C C   . ALA B 1 41 ? 5.669   -15.793 -0.254  1.00 26.55 ? 57  ALA B C   1 
ATOM   814  O O   . ALA B 1 41 ? 4.530   -15.342 -0.123  1.00 26.12 ? 57  ALA B O   1 
ATOM   815  C CB  . ALA B 1 41 ? 7.337   -15.984 1.615   1.00 27.81 ? 57  ALA B CB  1 
ATOM   816  N N   . GLY B 1 42 ? 6.442   -15.510 -1.303  1.00 26.38 ? 58  GLY B N   1 
ATOM   817  C CA  . GLY B 1 42 ? 5.958   -14.652 -2.373  1.00 24.89 ? 58  GLY B CA  1 
ATOM   818  C C   . GLY B 1 42 ? 4.688   -15.209 -2.997  1.00 24.28 ? 58  GLY B C   1 
ATOM   819  O O   . GLY B 1 42 ? 3.751   -14.472 -3.290  1.00 24.13 ? 58  GLY B O   1 
ATOM   820  N N   . ALA B 1 43 ? 4.638   -16.522 -3.190  1.00 23.80 ? 59  ALA B N   1 
ATOM   821  C CA  . ALA B 1 43 ? 3.450   -17.143 -3.776  1.00 20.35 ? 59  ALA B CA  1 
ATOM   822  C C   . ALA B 1 43 ? 2.225   -16.971 -2.866  1.00 20.16 ? 59  ALA B C   1 
ATOM   823  O O   . ALA B 1 43 ? 1.108   -16.730 -3.347  1.00 20.04 ? 59  ALA B O   1 
ATOM   824  C CB  . ALA B 1 43 ? 3.720   -18.619 -4.033  1.00 22.65 ? 59  ALA B CB  1 
ATOM   825  N N   . SER B 1 44 ? 2.434   -17.090 -1.557  1.00 21.20 ? 60  SER B N   1 
ATOM   826  C CA  . SER B 1 44 ? 1.351   -16.920 -0.586  1.00 21.55 ? 60  SER B CA  1 
ATOM   827  C C   . SER B 1 44 ? 0.858   -15.477 -0.652  1.00 21.10 ? 60  SER B C   1 
ATOM   828  O O   . SER B 1 44 ? -0.340  -15.216 -0.770  1.00 20.68 ? 60  SER B O   1 
ATOM   829  C CB  . SER B 1 44 ? 1.840   -17.212 0.833   1.00 22.70 ? 60  SER B CB  1 
ATOM   830  O OG  . SER B 1 44 ? 0.780   -17.069 1.764   1.00 25.93 ? 60  SER B OG  1 
ATOM   831  N N   . PHE B 1 45 ? 1.789   -14.533 -0.564  1.00 20.76 ? 61  PHE B N   1 
ATOM   832  C CA  . PHE B 1 45 ? 1.397   -13.132 -0.643  1.00 21.97 ? 61  PHE B CA  1 
ATOM   833  C C   . PHE B 1 45 ? 0.610   -12.875 -1.921  1.00 20.77 ? 61  PHE B C   1 
ATOM   834  O O   . PHE B 1 45 ? -0.445  -12.236 -1.902  1.00 22.61 ? 61  PHE B O   1 
ATOM   835  C CB  . PHE B 1 45 ? 2.623   -12.212 -0.620  1.00 22.85 ? 61  PHE B CB  1 
ATOM   836  C CG  . PHE B 1 45 ? 2.325   -10.827 -1.105  1.00 22.51 ? 61  PHE B CG  1 
ATOM   837  C CD1 . PHE B 1 45 ? 2.547   -10.484 -2.436  1.00 22.88 ? 61  PHE B CD1 1 
ATOM   838  C CD2 . PHE B 1 45 ? 1.712   -9.904  -0.260  1.00 24.94 ? 61  PHE B CD2 1 
ATOM   839  C CE1 . PHE B 1 45 ? 2.156   -9.242  -2.930  1.00 21.59 ? 61  PHE B CE1 1 
ATOM   840  C CE2 . PHE B 1 45 ? 1.314   -8.657  -0.739  1.00 25.88 ? 61  PHE B CE2 1 
ATOM   841  C CZ  . PHE B 1 45 ? 1.536   -8.328  -2.080  1.00 25.06 ? 61  PHE B CZ  1 
ATOM   842  N N   . SER B 1 46 ? 1.121   -13.375 -3.037  1.00 20.50 ? 62  SER B N   1 
ATOM   843  C CA  . SER B 1 46 ? 0.465   -13.157 -4.319  1.00 20.95 ? 62  SER B CA  1 
ATOM   844  C C   . SER B 1 46 ? -0.992  -13.589 -4.330  1.00 21.15 ? 62  SER B C   1 
ATOM   845  O O   . SER B 1 46 ? -1.842  -12.912 -4.915  1.00 19.90 ? 62  SER B O   1 
ATOM   846  C CB  . SER B 1 46 ? 1.241   -13.857 -5.434  1.00 24.23 ? 62  SER B CB  1 
ATOM   847  O OG  . SER B 1 46 ? 2.589   -13.414 -5.450  1.00 22.87 ? 62  SER B OG  1 
ATOM   848  N N   . ARG B 1 47 ? -1.290  -14.716 -3.690  1.00 22.14 ? 63  ARG B N   1 
ATOM   849  C CA  . ARG B 1 47 ? -2.669  -15.196 -3.626  1.00 23.10 ? 63  ARG B CA  1 
ATOM   850  C C   . ARG B 1 47 ? -3.547  -14.213 -2.839  1.00 24.24 ? 63  ARG B C   1 
ATOM   851  O O   . ARG B 1 47 ? -4.635  -13.828 -3.290  1.00 23.64 ? 63  ARG B O   1 
ATOM   852  C CB  . ARG B 1 47 ? -2.725  -16.572 -2.961  1.00 25.62 ? 63  ARG B CB  1 
ATOM   853  C CG  . ARG B 1 47 ? -2.104  -17.691 -3.780  1.00 26.19 ? 63  ARG B CG  1 
ATOM   854  C CD  . ARG B 1 47 ? -2.434  -19.055 -3.145  1.00 26.30 ? 63  ARG B CD  1 
ATOM   855  N NE  . ARG B 1 47 ? -1.633  -19.345 -1.960  1.00 27.15 ? 63  ARG B NE  1 
ATOM   856  C CZ  . ARG B 1 47 ? -0.447  -19.945 -1.992  1.00 27.71 ? 63  ARG B CZ  1 
ATOM   857  N NH1 . ARG B 1 47 ? 0.074   -20.319 -3.150  1.00 29.01 ? 63  ARG B NH1 1 
ATOM   858  N NH2 . ARG B 1 47 ? 0.215   -20.181 -0.870  1.00 29.78 ? 63  ARG B NH2 1 
ATOM   859  N N   . HIS B 1 48 ? -3.076  -13.819 -1.659  1.00 22.99 ? 64  HIS B N   1 
ATOM   860  C CA  . HIS B 1 48 ? -3.815  -12.869 -0.828  1.00 24.11 ? 64  HIS B CA  1 
ATOM   861  C C   . HIS B 1 48 ? -4.007  -11.585 -1.634  1.00 24.85 ? 64  HIS B C   1 
ATOM   862  O O   . HIS B 1 48 ? -5.084  -10.986 -1.619  1.00 26.36 ? 64  HIS B O   1 
ATOM   863  C CB  . HIS B 1 48 ? -3.037  -12.535 0.455   1.00 22.22 ? 64  HIS B CB  1 
ATOM   864  C CG  . HIS B 1 48 ? -3.093  -13.596 1.512   1.00 22.45 ? 64  HIS B CG  1 
ATOM   865  N ND1 . HIS B 1 48 ? -4.199  -13.797 2.312   1.00 20.18 ? 64  HIS B ND1 1 
ATOM   866  C CD2 . HIS B 1 48 ? -2.159  -14.483 1.934   1.00 22.40 ? 64  HIS B CD2 1 
ATOM   867  C CE1 . HIS B 1 48 ? -3.941  -14.758 3.184   1.00 21.19 ? 64  HIS B CE1 1 
ATOM   868  N NE2 . HIS B 1 48 ? -2.709  -15.190 2.977   1.00 19.68 ? 64  HIS B NE2 1 
ATOM   869  N N   . PHE B 1 49 ? -2.959  -11.182 -2.352  1.00 23.64 ? 65  PHE B N   1 
ATOM   870  C CA  . PHE B 1 49 ? -3.004  -9.958  -3.150  1.00 24.44 ? 65  PHE B CA  1 
ATOM   871  C C   . PHE B 1 49 ? -4.044  -9.965  -4.269  1.00 26.56 ? 65  PHE B C   1 
ATOM   872  O O   . PHE B 1 49 ? -4.867  -9.057  -4.358  1.00 25.58 ? 65  PHE B O   1 
ATOM   873  C CB  . PHE B 1 49 ? -1.622  -9.655  -3.739  1.00 22.81 ? 65  PHE B CB  1 
ATOM   874  C CG  . PHE B 1 49 ? -1.597  -8.436  -4.626  1.00 24.54 ? 65  PHE B CG  1 
ATOM   875  C CD1 . PHE B 1 49 ? -1.873  -8.542  -5.986  1.00 24.26 ? 65  PHE B CD1 1 
ATOM   876  C CD2 . PHE B 1 49 ? -1.335  -7.181  -4.092  1.00 25.09 ? 65  PHE B CD2 1 
ATOM   877  C CE1 . PHE B 1 49 ? -1.891  -7.416  -6.804  1.00 24.71 ? 65  PHE B CE1 1 
ATOM   878  C CE2 . PHE B 1 49 ? -1.351  -6.047  -4.899  1.00 25.53 ? 65  PHE B CE2 1 
ATOM   879  C CZ  . PHE B 1 49 ? -1.631  -6.163  -6.259  1.00 22.68 ? 65  PHE B CZ  1 
ATOM   880  N N   . ALA B 1 50 ? -4.008  -10.982 -5.121  1.00 29.22 ? 66  ALA B N   1 
ATOM   881  C CA  . ALA B 1 50 ? -4.953  -11.058 -6.232  1.00 31.04 ? 66  ALA B CA  1 
ATOM   882  C C   . ALA B 1 50 ? -6.386  -10.924 -5.736  1.00 32.33 ? 66  ALA B C   1 
ATOM   883  O O   . ALA B 1 50 ? -7.166  -10.142 -6.277  1.00 33.48 ? 66  ALA B O   1 
ATOM   884  C CB  . ALA B 1 50 ? -4.784  -12.370 -6.972  1.00 32.06 ? 66  ALA B CB  1 
ATOM   885  N N   . ALA B 1 51 ? -6.731  -11.693 -4.707  1.00 32.89 ? 67  ALA B N   1 
ATOM   886  C CA  . ALA B 1 51 ? -8.080  -11.657 -4.151  1.00 33.21 ? 67  ALA B CA  1 
ATOM   887  C C   . ALA B 1 51 ? -8.437  -10.305 -3.536  1.00 32.28 ? 67  ALA B C   1 
ATOM   888  O O   . ALA B 1 51 ? -9.367  -9.625  -3.984  1.00 33.56 ? 67  ALA B O   1 
ATOM   889  C CB  . ALA B 1 51 ? -8.233  -12.754 -3.112  1.00 32.21 ? 67  ALA B CB  1 
ATOM   890  N N   . ASN B 1 52 ? -7.690  -9.909  -2.517  1.00 30.95 ? 68  ASN B N   1 
ATOM   891  C CA  . ASN B 1 52 ? -7.959  -8.654  -1.835  1.00 29.15 ? 68  ASN B CA  1 
ATOM   892  C C   . ASN B 1 52 ? -7.887  -7.407  -2.716  1.00 26.77 ? 68  ASN B C   1 
ATOM   893  O O   . ASN B 1 52 ? -8.726  -6.507  -2.592  1.00 24.12 ? 68  ASN B O   1 
ATOM   894  C CB  . ASN B 1 52 ? -7.023  -8.503  -0.636  1.00 31.12 ? 68  ASN B CB  1 
ATOM   895  C CG  . ASN B 1 52 ? -7.360  -9.468  0.490   1.00 34.79 ? 68  ASN B CG  1 
ATOM   896  O OD1 . ASN B 1 52 ? -6.964  -10.636 0.470   1.00 33.40 ? 68  ASN B OD1 1 
ATOM   897  N ND2 . ASN B 1 52 ? -8.112  -8.983  1.474   1.00 36.84 ? 68  ASN B ND2 1 
ATOM   898  N N   . PHE B 1 53 ? -6.893  -7.352  -3.600  1.00 26.05 ? 69  PHE B N   1 
ATOM   899  C CA  . PHE B 1 53 ? -6.730  -6.203  -4.484  1.00 24.97 ? 69  PHE B CA  1 
ATOM   900  C C   . PHE B 1 53 ? -7.955  -5.946  -5.358  1.00 25.26 ? 69  PHE B C   1 
ATOM   901  O O   . PHE B 1 53 ? -8.434  -4.816  -5.441  1.00 23.73 ? 69  PHE B O   1 
ATOM   902  C CB  . PHE B 1 53 ? -5.516  -6.374  -5.405  1.00 23.36 ? 69  PHE B CB  1 
ATOM   903  C CG  . PHE B 1 53 ? -5.303  -5.212  -6.335  1.00 22.05 ? 69  PHE B CG  1 
ATOM   904  C CD1 . PHE B 1 53 ? -4.544  -4.115  -5.939  1.00 20.85 ? 69  PHE B CD1 1 
ATOM   905  C CD2 . PHE B 1 53 ? -5.939  -5.178  -7.583  1.00 22.59 ? 69  PHE B CD2 1 
ATOM   906  C CE1 . PHE B 1 53 ? -4.423  -2.998  -6.763  1.00 17.33 ? 69  PHE B CE1 1 
ATOM   907  C CE2 . PHE B 1 53 ? -5.826  -4.060  -8.416  1.00 20.97 ? 69  PHE B CE2 1 
ATOM   908  C CZ  . PHE B 1 53 ? -5.066  -2.969  -8.004  1.00 19.64 ? 69  PHE B CZ  1 
ATOM   909  N N   . LEU B 1 54 ? -8.451  -6.991  -6.019  1.00 24.33 ? 70  LEU B N   1 
ATOM   910  C CA  . LEU B 1 54 ? -9.603  -6.843  -6.903  1.00 25.58 ? 70  LEU B CA  1 
ATOM   911  C C   . LEU B 1 54 ? -10.900 -6.507  -6.174  1.00 25.70 ? 70  LEU B C   1 
ATOM   912  O O   . LEU B 1 54 ? -11.770 -5.808  -6.718  1.00 25.52 ? 70  LEU B O   1 
ATOM   913  C CB  . LEU B 1 54 ? -9.785  -8.110  -7.738  1.00 28.03 ? 70  LEU B CB  1 
ATOM   914  C CG  . LEU B 1 54 ? -8.590  -8.410  -8.655  1.00 30.98 ? 70  LEU B CG  1 
ATOM   915  C CD1 . LEU B 1 54 ? -8.792  -9.750  -9.345  1.00 30.53 ? 70  LEU B CD1 1 
ATOM   916  C CD2 . LEU B 1 54 ? -8.434  -7.282  -9.680  1.00 30.89 ? 70  LEU B CD2 1 
ATOM   917  N N   . ASP B 1 55 ? -11.034 -6.999  -4.947  1.00 26.71 ? 71  ASP B N   1 
ATOM   918  C CA  . ASP B 1 55 ? -12.233 -6.716  -4.171  1.00 27.65 ? 71  ASP B CA  1 
ATOM   919  C C   . ASP B 1 55 ? -12.232 -5.301  -3.626  1.00 26.69 ? 71  ASP B C   1 
ATOM   920  O O   . ASP B 1 55 ? -13.243 -4.596  -3.709  1.00 24.93 ? 71  ASP B O   1 
ATOM   921  C CB  . ASP B 1 55 ? -12.391 -7.712  -3.029  1.00 31.03 ? 71  ASP B CB  1 
ATOM   922  C CG  . ASP B 1 55 ? -13.422 -8.774  -3.339  1.00 36.81 ? 71  ASP B CG  1 
ATOM   923  O OD1 . ASP B 1 55 ? -13.225 -9.519  -4.325  1.00 38.11 ? 71  ASP B OD1 1 
ATOM   924  O OD2 . ASP B 1 55 ? -14.435 -8.850  -2.608  1.00 39.08 ? 71  ASP B OD2 1 
ATOM   925  N N   . VAL B 1 56 ? -11.103 -4.889  -3.058  1.00 23.16 ? 72  VAL B N   1 
ATOM   926  C CA  . VAL B 1 56 ? -10.997 -3.542  -2.524  1.00 22.83 ? 72  VAL B CA  1 
ATOM   927  C C   . VAL B 1 56 ? -11.102 -2.529  -3.661  1.00 22.03 ? 72  VAL B C   1 
ATOM   928  O O   . VAL B 1 56 ? -11.734 -1.484  -3.505  1.00 23.68 ? 72  VAL B O   1 
ATOM   929  C CB  . VAL B 1 56 ? -9.667  -3.343  -1.738  1.00 22.29 ? 72  VAL B CB  1 
ATOM   930  C CG1 . VAL B 1 56 ? -9.466  -1.866  -1.411  1.00 22.28 ? 72  VAL B CG1 1 
ATOM   931  C CG2 . VAL B 1 56 ? -9.714  -4.144  -0.451  1.00 24.56 ? 72  VAL B CG2 1 
ATOM   932  N N   . PHE B 1 57 ? -10.491 -2.833  -4.807  1.00 23.33 ? 73  PHE B N   1 
ATOM   933  C CA  . PHE B 1 57 ? -10.544 -1.931  -5.959  1.00 23.02 ? 73  PHE B CA  1 
ATOM   934  C C   . PHE B 1 57 ? -11.994 -1.622  -6.316  1.00 25.69 ? 73  PHE B C   1 
ATOM   935  O O   . PHE B 1 57 ? -12.384 -0.458  -6.449  1.00 26.09 ? 73  PHE B O   1 
ATOM   936  C CB  . PHE B 1 57 ? -9.866  -2.573  -7.178  1.00 23.17 ? 73  PHE B CB  1 
ATOM   937  C CG  . PHE B 1 57 ? -9.932  -1.729  -8.437  1.00 21.48 ? 73  PHE B CG  1 
ATOM   938  C CD1 . PHE B 1 57 ? -8.967  -0.760  -8.702  1.00 20.55 ? 73  PHE B CD1 1 
ATOM   939  C CD2 . PHE B 1 57 ? -10.970 -1.906  -9.353  1.00 21.63 ? 73  PHE B CD2 1 
ATOM   940  C CE1 . PHE B 1 57 ? -9.040  0.025   -9.867  1.00 21.40 ? 73  PHE B CE1 1 
ATOM   941  C CE2 . PHE B 1 57 ? -11.060 -1.135  -10.517 1.00 18.72 ? 73  PHE B CE2 1 
ATOM   942  C CZ  . PHE B 1 57 ? -10.098 -0.168  -10.778 1.00 21.31 ? 73  PHE B CZ  1 
ATOM   943  N N   . GLY B 1 58 ? -12.783 -2.675  -6.490  1.00 26.23 ? 74  GLY B N   1 
ATOM   944  C CA  . GLY B 1 58 ? -14.179 -2.499  -6.856  1.00 26.56 ? 74  GLY B CA  1 
ATOM   945  C C   . GLY B 1 58 ? -14.992 -1.678  -5.876  1.00 28.23 ? 74  GLY B C   1 
ATOM   946  O O   . GLY B 1 58 ? -15.870 -0.905  -6.277  1.00 28.10 ? 74  GLY B O   1 
ATOM   947  N N   . GLU B 1 59 ? -14.710 -1.848  -4.590  1.00 26.80 ? 75  GLU B N   1 
ATOM   948  C CA  . GLU B 1 59 ? -15.428 -1.127  -3.545  1.00 30.01 ? 75  GLU B CA  1 
ATOM   949  C C   . GLU B 1 59 ? -14.962 0.323   -3.450  1.00 31.05 ? 75  GLU B C   1 
ATOM   950  O O   . GLU B 1 59 ? -15.766 1.228   -3.219  1.00 28.00 ? 75  GLU B O   1 
ATOM   951  C CB  . GLU B 1 59 ? -15.223 -1.824  -2.198  1.00 32.03 ? 75  GLU B CB  1 
ATOM   952  C CG  . GLU B 1 59 ? -15.415 -3.330  -2.256  1.00 38.61 ? 75  GLU B CG  1 
ATOM   953  C CD  . GLU B 1 59 ? -15.068 -4.027  -0.951  1.00 42.65 ? 75  GLU B CD  1 
ATOM   954  O OE1 . GLU B 1 59 ? -14.016 -3.698  -0.350  1.00 44.75 ? 75  GLU B OE1 1 
ATOM   955  O OE2 . GLU B 1 59 ? -15.841 -4.916  -0.531  1.00 44.35 ? 75  GLU B OE2 1 
ATOM   956  N N   . GLU B 1 60 ? -13.660 0.548   -3.624  1.00 27.66 ? 76  GLU B N   1 
ATOM   957  C CA  . GLU B 1 60 ? -13.144 1.909   -3.552  1.00 29.95 ? 76  GLU B CA  1 
ATOM   958  C C   . GLU B 1 60 ? -13.650 2.719   -4.736  1.00 30.90 ? 76  GLU B C   1 
ATOM   959  O O   . GLU B 1 60 ? -14.045 3.873   -4.582  1.00 28.69 ? 76  GLU B O   1 
ATOM   960  C CB  . GLU B 1 60 ? -11.612 1.915   -3.535  1.00 29.13 ? 76  GLU B CB  1 
ATOM   961  C CG  . GLU B 1 60 ? -10.996 3.282   -3.233  1.00 27.90 ? 76  GLU B CG  1 
ATOM   962  C CD  . GLU B 1 60 ? -11.465 3.861   -1.903  1.00 28.00 ? 76  GLU B CD  1 
ATOM   963  O OE1 . GLU B 1 60 ? -12.095 3.122   -1.116  1.00 29.23 ? 76  GLU B OE1 1 
ATOM   964  O OE2 . GLU B 1 60 ? -11.196 5.052   -1.634  1.00 26.64 ? 76  GLU B OE2 1 
ATOM   965  N N   . VAL B 1 61 ? -13.647 2.116   -5.918  1.00 32.67 ? 77  VAL B N   1 
ATOM   966  C CA  . VAL B 1 61 ? -14.125 2.814   -7.097  1.00 37.57 ? 77  VAL B CA  1 
ATOM   967  C C   . VAL B 1 61 ? -15.564 3.299   -6.882  1.00 42.00 ? 77  VAL B C   1 
ATOM   968  O O   . VAL B 1 61 ? -15.850 4.494   -6.969  1.00 41.96 ? 77  VAL B O   1 
ATOM   969  C CB  . VAL B 1 61 ? -14.056 1.902   -8.336  1.00 37.81 ? 77  VAL B CB  1 
ATOM   970  C CG1 . VAL B 1 61 ? -14.739 2.566   -9.513  1.00 39.61 ? 77  VAL B CG1 1 
ATOM   971  C CG2 . VAL B 1 61 ? -12.593 1.609   -8.675  1.00 35.90 ? 77  VAL B CG2 1 
ATOM   972  N N   . ARG B 1 62 ? -16.461 2.373   -6.572  1.00 46.00 ? 78  ARG B N   1 
ATOM   973  C CA  . ARG B 1 62 ? -17.861 2.718   -6.359  1.00 51.67 ? 78  ARG B CA  1 
ATOM   974  C C   . ARG B 1 62 ? -18.063 3.675   -5.187  1.00 54.37 ? 78  ARG B C   1 
ATOM   975  O O   . ARG B 1 62 ? -19.125 4.280   -5.045  1.00 55.07 ? 78  ARG B O   1 
ATOM   976  C CB  . ARG B 1 62 ? -18.678 1.440   -6.149  1.00 53.56 ? 78  ARG B CB  1 
ATOM   977  C CG  . ARG B 1 62 ? -18.513 0.452   -7.295  1.00 56.49 ? 78  ARG B CG  1 
ATOM   978  C CD  . ARG B 1 62 ? -19.445 -0.743  -7.194  1.00 59.47 ? 78  ARG B CD  1 
ATOM   979  N NE  . ARG B 1 62 ? -19.268 -1.619  -8.349  1.00 62.67 ? 78  ARG B NE  1 
ATOM   980  C CZ  . ARG B 1 62 ? -20.098 -2.599  -8.693  1.00 64.83 ? 78  ARG B CZ  1 
ATOM   981  N NH1 . ARG B 1 62 ? -21.184 -2.844  -7.970  1.00 66.22 ? 78  ARG B NH1 1 
ATOM   982  N NH2 . ARG B 1 62 ? -19.843 -3.331  -9.771  1.00 64.45 ? 78  ARG B NH2 1 
ATOM   983  N N   . ARG B 1 63 ? -17.037 3.821   -4.357  1.00 56.77 ? 79  ARG B N   1 
ATOM   984  C CA  . ARG B 1 63 ? -17.113 4.700   -3.197  1.00 59.30 ? 79  ARG B CA  1 
ATOM   985  C C   . ARG B 1 63 ? -16.592 6.102   -3.492  1.00 60.46 ? 79  ARG B C   1 
ATOM   986  O O   . ARG B 1 63 ? -17.038 7.071   -2.887  1.00 60.84 ? 79  ARG B O   1 
ATOM   987  C CB  . ARG B 1 63 ? -16.326 4.099   -2.034  1.00 59.21 ? 79  ARG B CB  1 
ATOM   988  C CG  . ARG B 1 63 ? -16.218 5.019   -0.841  1.00 62.39 ? 79  ARG B CG  1 
ATOM   989  C CD  . ARG B 1 63 ? -15.503 4.359   0.322   1.00 64.47 ? 79  ARG B CD  1 
ATOM   990  N NE  . ARG B 1 63 ? -15.368 5.281   1.443   1.00 65.50 ? 79  ARG B NE  1 
ATOM   991  C CZ  . ARG B 1 63 ? -14.591 6.360   1.434   1.00 66.52 ? 79  ARG B CZ  1 
ATOM   992  N NH1 . ARG B 1 63 ? -13.866 6.654   0.361   1.00 65.74 ? 79  ARG B NH1 1 
ATOM   993  N NH2 . ARG B 1 63 ? -14.550 7.156   2.495   1.00 67.23 ? 79  ARG B NH2 1 
ATOM   994  N N   . VAL B 1 64 ? -15.646 6.203   -4.421  1.00 62.80 ? 80  VAL B N   1 
ATOM   995  C CA  . VAL B 1 64 ? -15.065 7.490   -4.791  1.00 64.67 ? 80  VAL B CA  1 
ATOM   996  C C   . VAL B 1 64 ? -16.139 8.435   -5.328  1.00 65.58 ? 80  VAL B C   1 
ATOM   997  O O   . VAL B 1 64 ? -15.909 9.637   -5.469  1.00 65.49 ? 80  VAL B O   1 
ATOM   998  C CB  . VAL B 1 64 ? -13.955 7.314   -5.869  1.00 65.25 ? 80  VAL B CB  1 
ATOM   999  C CG1 . VAL B 1 64 ? -13.380 8.667   -6.271  1.00 65.25 ? 80  VAL B CG1 1 
ATOM   1000 C CG2 . VAL B 1 64 ? -12.849 6.421   -5.337  1.00 65.28 ? 80  VAL B CG2 1 
ATOM   1001 N N   . LEU B 1 65 ? -17.316 7.885   -5.615  1.00 67.34 ? 81  LEU B N   1 
ATOM   1002 C CA  . LEU B 1 65 ? -18.430 8.669   -6.142  1.00 68.48 ? 81  LEU B CA  1 
ATOM   1003 C C   . LEU B 1 65 ? -18.935 9.728   -5.163  1.00 69.92 ? 81  LEU B C   1 
ATOM   1004 O O   . LEU B 1 65 ? -19.843 9.460   -4.381  1.00 69.47 ? 81  LEU B O   1 
ATOM   1005 C CB  . LEU B 1 65 ? -19.591 7.744   -6.515  1.00 67.52 ? 81  LEU B CB  1 
ATOM   1006 C CG  . LEU B 1 65 ? -19.394 6.766   -7.669  1.00 67.22 ? 81  LEU B CG  1 
ATOM   1007 C CD1 . LEU B 1 65 ? -20.621 5.873   -7.789  1.00 65.79 ? 81  LEU B CD1 1 
ATOM   1008 C CD2 . LEU B 1 65 ? -19.158 7.537   -8.958  1.00 66.35 ? 81  LEU B CD2 1 
ATOM   1009 N N   . VAL B 1 66 ? -18.341 10.920  -5.233  1.00 72.30 ? 82  VAL B N   1 
ATOM   1010 C CA  . VAL B 1 66 ? -18.665 12.087  -4.400  1.00 74.18 ? 82  VAL B CA  1 
ATOM   1011 C C   . VAL B 1 66 ? -17.402 12.712  -3.807  1.00 76.26 ? 82  VAL B C   1 
ATOM   1012 O O   . VAL B 1 66 ? -17.180 13.918  -4.052  1.00 77.17 ? 82  VAL B O   1 
ATOM   1013 C CB  . VAL B 1 66 ? -19.639 11.770  -3.223  1.00 74.30 ? 82  VAL B CB  1 
ATOM   1014 C CG1 . VAL B 1 66 ? -18.983 10.832  -2.213  1.00 73.62 ? 82  VAL B CG1 1 
ATOM   1015 C CG2 . VAL B 1 66 ? -20.049 13.068  -2.540  1.00 74.22 ? 82  VAL B CG2 1 
ATOM   1016 N N   . MET C 1 4  ? 20.994  27.493  6.903   1.00 86.74 ? 20  MET C N   1 
ATOM   1017 C CA  . MET C 1 4  ? 19.883  28.384  7.337   1.00 86.07 ? 20  MET C CA  1 
ATOM   1018 C C   . MET C 1 4  ? 18.544  27.678  7.576   1.00 85.89 ? 20  MET C C   1 
ATOM   1019 O O   . MET C 1 4  ? 17.711  28.182  8.326   1.00 85.84 ? 20  MET C O   1 
ATOM   1020 C CB  . MET C 1 4  ? 19.683  29.507  6.316   1.00 85.95 ? 20  MET C CB  1 
ATOM   1021 C CG  . MET C 1 4  ? 20.894  30.400  6.136   1.00 85.11 ? 20  MET C CG  1 
ATOM   1022 S SD  . MET C 1 4  ? 20.534  31.838  5.117   1.00 85.93 ? 20  MET C SD  1 
ATOM   1023 C CE  . MET C 1 4  ? 20.341  33.104  6.382   1.00 85.22 ? 20  MET C CE  1 
ATOM   1024 N N   . PRO C 1 5  ? 18.319  26.508  6.946   1.00 78.39 ? 21  PRO C N   1 
ATOM   1025 C CA  . PRO C 1 5  ? 17.063  25.765  7.116   1.00 77.44 ? 21  PRO C CA  1 
ATOM   1026 C C   . PRO C 1 5  ? 16.588  25.590  8.560   1.00 76.03 ? 21  PRO C C   1 
ATOM   1027 O O   . PRO C 1 5  ? 17.387  25.350  9.462   1.00 76.96 ? 21  PRO C O   1 
ATOM   1028 C CB  . PRO C 1 5  ? 17.372  24.427  6.459   1.00 78.20 ? 21  PRO C CB  1 
ATOM   1029 C CG  . PRO C 1 5  ? 18.265  24.822  5.338   1.00 79.13 ? 21  PRO C CG  1 
ATOM   1030 C CD  . PRO C 1 5  ? 19.207  25.800  6.006   1.00 79.35 ? 21  PRO C CD  1 
ATOM   1031 N N   . ASP C 1 6  ? 15.280  25.705  8.766   1.00 73.50 ? 22  ASP C N   1 
ATOM   1032 C CA  . ASP C 1 6  ? 14.692  25.541  10.091  1.00 71.32 ? 22  ASP C CA  1 
ATOM   1033 C C   . ASP C 1 6  ? 14.375  24.058  10.281  1.00 68.65 ? 22  ASP C C   1 
ATOM   1034 O O   . ASP C 1 6  ? 13.538  23.504  9.569   1.00 69.69 ? 22  ASP C O   1 
ATOM   1035 C CB  . ASP C 1 6  ? 13.414  26.375  10.199  1.00 72.26 ? 22  ASP C CB  1 
ATOM   1036 C CG  . ASP C 1 6  ? 12.741  26.242  11.551  1.00 72.55 ? 22  ASP C CG  1 
ATOM   1037 O OD1 . ASP C 1 6  ? 13.384  26.559  12.572  1.00 71.39 ? 22  ASP C OD1 1 
ATOM   1038 O OD2 . ASP C 1 6  ? 11.565  25.826  11.593  1.00 73.83 ? 22  ASP C OD2 1 
ATOM   1039 N N   . TRP C 1 7  ? 15.043  23.419  11.239  1.00 62.93 ? 23  TRP C N   1 
ATOM   1040 C CA  . TRP C 1 7  ? 14.830  21.997  11.476  1.00 57.58 ? 23  TRP C CA  1 
ATOM   1041 C C   . TRP C 1 7  ? 13.433  21.645  11.985  1.00 52.38 ? 23  TRP C C   1 
ATOM   1042 O O   . TRP C 1 7  ? 12.916  20.570  11.678  1.00 49.59 ? 23  TRP C O   1 
ATOM   1043 C CB  . TRP C 1 7  ? 15.884  21.442  12.443  1.00 59.68 ? 23  TRP C CB  1 
ATOM   1044 C CG  . TRP C 1 7  ? 15.712  21.858  13.874  1.00 61.64 ? 23  TRP C CG  1 
ATOM   1045 C CD1 . TRP C 1 7  ? 16.150  23.014  14.454  1.00 62.52 ? 23  TRP C CD1 1 
ATOM   1046 C CD2 . TRP C 1 7  ? 15.031  21.126  14.903  1.00 62.72 ? 23  TRP C CD2 1 
ATOM   1047 N NE1 . TRP C 1 7  ? 15.785  23.048  15.778  1.00 61.75 ? 23  TRP C NE1 1 
ATOM   1048 C CE2 . TRP C 1 7  ? 15.096  21.902  16.081  1.00 62.84 ? 23  TRP C CE2 1 
ATOM   1049 C CE3 . TRP C 1 7  ? 14.370  19.890  14.943  1.00 62.34 ? 23  TRP C CE3 1 
ATOM   1050 C CZ2 . TRP C 1 7  ? 14.525  21.484  17.289  1.00 62.79 ? 23  TRP C CZ2 1 
ATOM   1051 C CZ3 . TRP C 1 7  ? 13.800  19.474  16.145  1.00 62.74 ? 23  TRP C CZ3 1 
ATOM   1052 C CH2 . TRP C 1 7  ? 13.883  20.270  17.301  1.00 63.01 ? 23  TRP C CH2 1 
ATOM   1053 N N   . ARG C 1 8  ? 12.817  22.535  12.756  1.00 46.95 ? 24  ARG C N   1 
ATOM   1054 C CA  . ARG C 1 8  ? 11.479  22.261  13.273  1.00 42.84 ? 24  ARG C CA  1 
ATOM   1055 C C   . ARG C 1 8  ? 10.450  22.224  12.148  1.00 39.23 ? 24  ARG C C   1 
ATOM   1056 O O   . ARG C 1 8  ? 9.618   21.312  12.089  1.00 35.80 ? 24  ARG C O   1 
ATOM   1057 C CB  . ARG C 1 8  ? 11.069  23.307  14.310  1.00 43.64 ? 24  ARG C CB  1 
ATOM   1058 C CG  . ARG C 1 8  ? 11.867  23.239  15.602  1.00 47.41 ? 24  ARG C CG  1 
ATOM   1059 C CD  . ARG C 1 8  ? 11.287  24.171  16.652  1.00 51.46 ? 24  ARG C CD  1 
ATOM   1060 N NE  . ARG C 1 8  ? 12.023  24.120  17.913  1.00 54.70 ? 24  ARG C NE  1 
ATOM   1061 C CZ  . ARG C 1 8  ? 13.303  24.453  18.050  1.00 57.02 ? 24  ARG C CZ  1 
ATOM   1062 N NH1 . ARG C 1 8  ? 14.002  24.864  17.001  1.00 56.99 ? 24  ARG C NH1 1 
ATOM   1063 N NH2 . ARG C 1 8  ? 13.884  24.383  19.240  1.00 56.94 ? 24  ARG C NH2 1 
ATOM   1064 N N   . GLN C 1 9  ? 10.506  23.212  11.259  1.00 35.67 ? 25  GLN C N   1 
ATOM   1065 C CA  . GLN C 1 9  ? 9.566   23.263  10.146  1.00 33.68 ? 25  GLN C CA  1 
ATOM   1066 C C   . GLN C 1 9  ? 9.780   22.048  9.260   1.00 29.57 ? 25  GLN C C   1 
ATOM   1067 O O   . GLN C 1 9  ? 8.830   21.522  8.683   1.00 30.00 ? 25  GLN C O   1 
ATOM   1068 C CB  . GLN C 1 9  ? 9.743   24.541  9.320   1.00 35.46 ? 25  GLN C CB  1 
ATOM   1069 C CG  . GLN C 1 9  ? 8.645   24.720  8.274   1.00 38.86 ? 25  GLN C CG  1 
ATOM   1070 C CD  . GLN C 1 9  ? 8.749   26.031  7.505   1.00 41.22 ? 25  GLN C CD  1 
ATOM   1071 O OE1 . GLN C 1 9  ? 8.946   27.097  8.095   1.00 42.51 ? 25  GLN C OE1 1 
ATOM   1072 N NE2 . GLN C 1 9  ? 8.600   25.957  6.180   1.00 41.39 ? 25  GLN C NE2 1 
ATOM   1073 N N   . PHE C 1 10 ? 11.030  21.611  9.144   1.00 26.92 ? 26  PHE C N   1 
ATOM   1074 C CA  . PHE C 1 10 ? 11.350  20.430  8.347   1.00 25.99 ? 26  PHE C CA  1 
ATOM   1075 C C   . PHE C 1 10 ? 10.575  19.238  8.934   1.00 24.44 ? 26  PHE C C   1 
ATOM   1076 O O   . PHE C 1 10 ? 9.889   18.515  8.210   1.00 22.46 ? 26  PHE C O   1 
ATOM   1077 C CB  . PHE C 1 10 ? 12.860  20.155  8.390   1.00 26.09 ? 26  PHE C CB  1 
ATOM   1078 C CG  . PHE C 1 10 ? 13.248  18.792  7.883   1.00 27.39 ? 26  PHE C CG  1 
ATOM   1079 C CD1 . PHE C 1 10 ? 13.242  18.510  6.523   1.00 26.10 ? 26  PHE C CD1 1 
ATOM   1080 C CD2 . PHE C 1 10 ? 13.615  17.784  8.774   1.00 25.09 ? 26  PHE C CD2 1 
ATOM   1081 C CE1 . PHE C 1 10 ? 13.595  17.250  6.056   1.00 27.32 ? 26  PHE C CE1 1 
ATOM   1082 C CE2 . PHE C 1 10 ? 13.970  16.519  8.314   1.00 28.48 ? 26  PHE C CE2 1 
ATOM   1083 C CZ  . PHE C 1 10 ? 13.960  16.253  6.951   1.00 27.02 ? 26  PHE C CZ  1 
ATOM   1084 N N   . CYS C 1 11 ? 10.676  19.049  10.249  1.00 20.37 ? 27  CYS C N   1 
ATOM   1085 C CA  . CYS C 1 11 ? 9.972   17.954  10.923  1.00 21.53 ? 27  CYS C CA  1 
ATOM   1086 C C   . CYS C 1 11 ? 8.432   18.059  10.829  1.00 22.97 ? 27  CYS C C   1 
ATOM   1087 O O   . CYS C 1 11 ? 7.746   17.057  10.615  1.00 24.02 ? 27  CYS C O   1 
ATOM   1088 C CB  . CYS C 1 11 ? 10.383  17.900  12.409  1.00 21.85 ? 27  CYS C CB  1 
ATOM   1089 S SG  . CYS C 1 11 ? 12.114  17.457  12.695  1.00 25.19 ? 27  CYS C SG  1 
ATOM   1090 N N   . GLU C 1 12 ? 7.894   19.265  10.991  1.00 24.17 ? 28  GLU C N   1 
ATOM   1091 C CA  . GLU C 1 12 ? 6.443   19.473  10.952  1.00 23.73 ? 28  GLU C CA  1 
ATOM   1092 C C   . GLU C 1 12 ? 5.827   19.238  9.577   1.00 24.08 ? 28  GLU C C   1 
ATOM   1093 O O   . GLU C 1 12 ? 4.725   18.702  9.471   1.00 24.24 ? 28  GLU C O   1 
ATOM   1094 C CB  . GLU C 1 12 ? 6.102   20.889  11.415  1.00 27.84 ? 28  GLU C CB  1 
ATOM   1095 C CG  . GLU C 1 12 ? 6.749   21.233  12.742  1.00 29.02 ? 28  GLU C CG  1 
ATOM   1096 C CD  . GLU C 1 12 ? 6.547   22.677  13.163  1.00 32.84 ? 28  GLU C CD  1 
ATOM   1097 O OE1 . GLU C 1 12 ? 6.532   23.579  12.293  1.00 31.48 ? 28  GLU C OE1 1 
ATOM   1098 O OE2 . GLU C 1 12 ? 6.428   22.907  14.382  1.00 36.67 ? 28  GLU C OE2 1 
ATOM   1099 N N   . LEU C 1 13 ? 6.525   19.653  8.526   1.00 23.27 ? 29  LEU C N   1 
ATOM   1100 C CA  . LEU C 1 13 ? 6.006   19.462  7.176   1.00 24.35 ? 29  LEU C CA  1 
ATOM   1101 C C   . LEU C 1 13 ? 5.872   17.974  6.854   1.00 22.24 ? 29  LEU C C   1 
ATOM   1102 O O   . LEU C 1 13 ? 4.878   17.555  6.276   1.00 22.13 ? 29  LEU C O   1 
ATOM   1103 C CB  . LEU C 1 13 ? 6.916   20.142  6.144   1.00 27.25 ? 29  LEU C CB  1 
ATOM   1104 C CG  . LEU C 1 13 ? 6.599   19.996  4.647   1.00 29.22 ? 29  LEU C CG  1 
ATOM   1105 C CD1 . LEU C 1 13 ? 5.152   20.375  4.370   1.00 34.18 ? 29  LEU C CD1 1 
ATOM   1106 C CD2 . LEU C 1 13 ? 7.526   20.893  3.846   1.00 31.89 ? 29  LEU C CD2 1 
ATOM   1107 N N   . HIS C 1 14 ? 6.868   17.178  7.230   1.00 21.33 ? 30  HIS C N   1 
ATOM   1108 C CA  . HIS C 1 14 ? 6.821   15.751  6.951   1.00 21.34 ? 30  HIS C CA  1 
ATOM   1109 C C   . HIS C 1 14 ? 5.873   15.015  7.908   1.00 22.47 ? 30  HIS C C   1 
ATOM   1110 O O   . HIS C 1 14 ? 5.210   14.043  7.522   1.00 20.74 ? 30  HIS C O   1 
ATOM   1111 C CB  . HIS C 1 14 ? 8.233   15.167  7.004   1.00 21.91 ? 30  HIS C CB  1 
ATOM   1112 C CG  . HIS C 1 14 ? 9.137   15.680  5.922   1.00 22.98 ? 30  HIS C CG  1 
ATOM   1113 N ND1 . HIS C 1 14 ? 8.818   15.588  4.583   1.00 23.16 ? 30  HIS C ND1 1 
ATOM   1114 C CD2 . HIS C 1 14 ? 10.349  16.281  5.978   1.00 23.72 ? 30  HIS C CD2 1 
ATOM   1115 C CE1 . HIS C 1 14 ? 9.796   16.109  3.861   1.00 25.54 ? 30  HIS C CE1 1 
ATOM   1116 N NE2 . HIS C 1 14 ? 10.736  16.538  4.683   1.00 25.53 ? 30  HIS C NE2 1 
ATOM   1117 N N   . ALA C 1 15 ? 5.779   15.488  9.146   1.00 22.02 ? 31  ALA C N   1 
ATOM   1118 C CA  . ALA C 1 15 ? 4.874   14.863  10.113  1.00 21.12 ? 31  ALA C CA  1 
ATOM   1119 C C   . ALA C 1 15 ? 3.419   15.124  9.697   1.00 22.05 ? 31  ALA C C   1 
ATOM   1120 O O   . ALA C 1 15 ? 2.538   14.278  9.881   1.00 20.23 ? 31  ALA C O   1 
ATOM   1121 C CB  . ALA C 1 15 ? 5.120   15.425  11.510  1.00 21.85 ? 31  ALA C CB  1 
ATOM   1122 N N   . GLN C 1 16 ? 3.172   16.296  9.128   1.00 21.65 ? 32  GLN C N   1 
ATOM   1123 C CA  . GLN C 1 16 ? 1.815   16.649  8.711   1.00 22.87 ? 32  GLN C CA  1 
ATOM   1124 C C   . GLN C 1 16 ? 1.306   15.702  7.631   1.00 22.39 ? 32  GLN C C   1 
ATOM   1125 O O   . GLN C 1 16 ? 0.178   15.205  7.709   1.00 22.38 ? 32  GLN C O   1 
ATOM   1126 C CB  . GLN C 1 16 ? 1.763   18.083  8.187   1.00 26.00 ? 32  GLN C CB  1 
ATOM   1127 C CG  . GLN C 1 16 ? 0.346   18.564  7.947   1.00 30.37 ? 32  GLN C CG  1 
ATOM   1128 C CD  . GLN C 1 16 ? 0.287   19.997  7.469   1.00 34.61 ? 32  GLN C CD  1 
ATOM   1129 O OE1 . GLN C 1 16 ? 0.406   20.271  6.277   1.00 37.08 ? 32  GLN C OE1 1 
ATOM   1130 N NE2 . GLN C 1 16 ? 0.110   20.925  8.405   1.00 36.50 ? 32  GLN C NE2 1 
ATOM   1131 N N   . ALA C 1 17 ? 2.137   15.457  6.623   1.00 20.82 ? 33  ALA C N   1 
ATOM   1132 C CA  . ALA C 1 17 ? 1.756   14.563  5.538   1.00 21.11 ? 33  ALA C CA  1 
ATOM   1133 C C   . ALA C 1 17 ? 1.519   13.157  6.085   1.00 20.63 ? 33  ALA C C   1 
ATOM   1134 O O   . ALA C 1 17 ? 0.583   12.472  5.663   1.00 18.45 ? 33  ALA C O   1 
ATOM   1135 C CB  . ALA C 1 17 ? 2.843   14.531  4.463   1.00 20.59 ? 33  ALA C CB  1 
ATOM   1136 N N   . ALA C 1 18 ? 2.370   12.731  7.018   1.00 21.10 ? 34  ALA C N   1 
ATOM   1137 C CA  . ALA C 1 18 ? 2.237   11.404  7.615   1.00 20.72 ? 34  ALA C CA  1 
ATOM   1138 C C   . ALA C 1 18 ? 0.941   11.275  8.417   1.00 19.17 ? 34  ALA C C   1 
ATOM   1139 O O   . ALA C 1 18 ? 0.280   10.229  8.381   1.00 19.67 ? 34  ALA C O   1 
ATOM   1140 C CB  . ALA C 1 18 ? 3.444   11.103  8.512   1.00 20.56 ? 34  ALA C CB  1 
ATOM   1141 N N   . ALA C 1 19 ? 0.571   12.339  9.124   1.00 19.63 ? 35  ALA C N   1 
ATOM   1142 C CA  . ALA C 1 19 ? -0.651  12.347  9.938   1.00 18.81 ? 35  ALA C CA  1 
ATOM   1143 C C   . ALA C 1 19 ? -1.931  12.339  9.099   1.00 18.74 ? 35  ALA C C   1 
ATOM   1144 O O   . ALA C 1 19 ? -2.916  11.702  9.480   1.00 20.74 ? 35  ALA C O   1 
ATOM   1145 C CB  . ALA C 1 19 ? -0.656  13.555  10.867  1.00 21.13 ? 35  ALA C CB  1 
ATOM   1146 N N   . VAL C 1 20 ? -1.925  13.053  7.976   1.00 17.72 ? 36  VAL C N   1 
ATOM   1147 C CA  . VAL C 1 20 ? -3.092  13.088  7.095   1.00 20.69 ? 36  VAL C CA  1 
ATOM   1148 C C   . VAL C 1 20 ? -3.301  11.694  6.501   1.00 20.92 ? 36  VAL C C   1 
ATOM   1149 O O   . VAL C 1 20 ? -4.417  11.172  6.484   1.00 21.88 ? 36  VAL C O   1 
ATOM   1150 C CB  . VAL C 1 20 ? -2.901  14.145  5.974   1.00 20.13 ? 36  VAL C CB  1 
ATOM   1151 C CG1 . VAL C 1 20 ? -3.954  13.988  4.879   1.00 20.19 ? 36  VAL C CG1 1 
ATOM   1152 C CG2 . VAL C 1 20 ? -3.005  15.537  6.585   1.00 21.49 ? 36  VAL C CG2 1 
ATOM   1153 N N   . ASP C 1 21 ? -2.211  11.084  6.048   1.00 20.40 ? 37  ASP C N   1 
ATOM   1154 C CA  . ASP C 1 21 ? -2.265  9.748   5.479   1.00 22.11 ? 37  ASP C CA  1 
ATOM   1155 C C   . ASP C 1 21 ? -2.879  8.768   6.486   1.00 23.05 ? 37  ASP C C   1 
ATOM   1156 O O   . ASP C 1 21 ? -3.876  8.097   6.200   1.00 23.76 ? 37  ASP C O   1 
ATOM   1157 C CB  . ASP C 1 21 ? -0.849  9.276   5.125   1.00 25.27 ? 37  ASP C CB  1 
ATOM   1158 C CG  . ASP C 1 21 ? -0.845  7.958   4.379   1.00 29.76 ? 37  ASP C CG  1 
ATOM   1159 O OD1 . ASP C 1 21 ? -0.983  7.984   3.141   1.00 33.15 ? 37  ASP C OD1 1 
ATOM   1160 O OD2 . ASP C 1 21 ? -0.714  6.900   5.031   1.00 30.12 ? 37  ASP C OD2 1 
ATOM   1161 N N   . PHE C 1 22 ? -2.295  8.697   7.680   1.00 22.09 ? 38  PHE C N   1 
ATOM   1162 C CA  . PHE C 1 22 ? -2.793  7.757   8.675   1.00 20.84 ? 38  PHE C CA  1 
ATOM   1163 C C   . PHE C 1 22 ? -4.219  8.057   9.120   1.00 21.54 ? 38  PHE C C   1 
ATOM   1164 O O   . PHE C 1 22 ? -4.974  7.140   9.449   1.00 23.17 ? 38  PHE C O   1 
ATOM   1165 C CB  . PHE C 1 22 ? -1.857  7.701   9.891   1.00 20.15 ? 38  PHE C CB  1 
ATOM   1166 C CG  . PHE C 1 22 ? -2.160  6.567   10.831  1.00 20.98 ? 38  PHE C CG  1 
ATOM   1167 C CD1 . PHE C 1 22 ? -2.165  5.249   10.371  1.00 21.07 ? 38  PHE C CD1 1 
ATOM   1168 C CD2 . PHE C 1 22 ? -2.470  6.811   12.164  1.00 20.25 ? 38  PHE C CD2 1 
ATOM   1169 C CE1 . PHE C 1 22 ? -2.484  4.183   11.233  1.00 21.32 ? 38  PHE C CE1 1 
ATOM   1170 C CE2 . PHE C 1 22 ? -2.790  5.749   13.038  1.00 21.61 ? 38  PHE C CE2 1 
ATOM   1171 C CZ  . PHE C 1 22 ? -2.796  4.437   12.565  1.00 20.81 ? 38  PHE C CZ  1 
ATOM   1172 N N   . ALA C 1 23 ? -4.599  9.329   9.129   1.00 21.85 ? 39  ALA C N   1 
ATOM   1173 C CA  . ALA C 1 23 ? -5.957  9.681   9.533   1.00 22.98 ? 39  ALA C CA  1 
ATOM   1174 C C   . ALA C 1 23 ? -6.950  9.069   8.555   1.00 23.90 ? 39  ALA C C   1 
ATOM   1175 O O   . ALA C 1 23 ? -8.011  8.580   8.955   1.00 25.40 ? 39  ALA C O   1 
ATOM   1176 C CB  . ALA C 1 23 ? -6.125  11.195  9.570   1.00 24.55 ? 39  ALA C CB  1 
ATOM   1177 N N   . HIS C 1 24 ? -6.611  9.084   7.268   1.00 25.41 ? 40  HIS C N   1 
ATOM   1178 C CA  . HIS C 1 24 ? -7.512  8.521   6.273   1.00 26.61 ? 40  HIS C CA  1 
ATOM   1179 C C   . HIS C 1 24 ? -7.586  7.010   6.417   1.00 26.48 ? 40  HIS C C   1 
ATOM   1180 O O   . HIS C 1 24 ? -8.665  6.422   6.298   1.00 27.33 ? 40  HIS C O   1 
ATOM   1181 C CB  . HIS C 1 24 ? -7.062  8.896   4.859   1.00 29.37 ? 40  HIS C CB  1 
ATOM   1182 C CG  . HIS C 1 24 ? -7.003  10.374  4.619   1.00 32.79 ? 40  HIS C CG  1 
ATOM   1183 N ND1 . HIS C 1 24 ? -8.022  11.228  4.985   1.00 36.22 ? 40  HIS C ND1 1 
ATOM   1184 C CD2 . HIS C 1 24 ? -6.054  11.150  4.042   1.00 34.84 ? 40  HIS C CD2 1 
ATOM   1185 C CE1 . HIS C 1 24 ? -7.704  12.464  4.644   1.00 36.37 ? 40  HIS C CE1 1 
ATOM   1186 N NE2 . HIS C 1 24 ? -6.515  12.444  4.069   1.00 36.83 ? 40  HIS C NE2 1 
ATOM   1187 N N   . LYS C 1 25 ? -6.448  6.389   6.698   1.00 24.29 ? 41  LYS C N   1 
ATOM   1188 C CA  . LYS C 1 25 ? -6.393  4.943   6.865   1.00 25.56 ? 41  LYS C CA  1 
ATOM   1189 C C   . LYS C 1 25 ? -7.144  4.512   8.121   1.00 26.27 ? 41  LYS C C   1 
ATOM   1190 O O   . LYS C 1 25 ? -7.775  3.453   8.150   1.00 24.36 ? 41  LYS C O   1 
ATOM   1191 C CB  . LYS C 1 25 ? -4.940  4.468   6.940   1.00 24.95 ? 41  LYS C CB  1 
ATOM   1192 C CG  . LYS C 1 25 ? -4.202  4.554   5.611   1.00 24.43 ? 41  LYS C CG  1 
ATOM   1193 C CD  . LYS C 1 25 ? -2.797  3.985   5.717   1.00 25.55 ? 41  LYS C CD  1 
ATOM   1194 C CE  . LYS C 1 25 ? -2.208  3.717   4.331   1.00 26.33 ? 41  LYS C CE  1 
ATOM   1195 N NZ  . LYS C 1 25 ? -2.283  4.911   3.435   1.00 23.82 ? 41  LYS C NZ  1 
ATOM   1196 N N   . PHE C 1 26 ? -7.060  5.336   9.157   1.00 25.70 ? 42  PHE C N   1 
ATOM   1197 C CA  . PHE C 1 26 ? -7.748  5.066   10.414  1.00 28.24 ? 42  PHE C CA  1 
ATOM   1198 C C   . PHE C 1 26 ? -9.264  5.094   10.194  1.00 29.11 ? 42  PHE C C   1 
ATOM   1199 O O   . PHE C 1 26 ? -9.976  4.164   10.573  1.00 30.77 ? 42  PHE C O   1 
ATOM   1200 C CB  . PHE C 1 26 ? -7.347  6.115   11.455  1.00 28.84 ? 42  PHE C CB  1 
ATOM   1201 C CG  . PHE C 1 26 ? -8.188  6.094   12.697  1.00 29.42 ? 42  PHE C CG  1 
ATOM   1202 C CD1 . PHE C 1 26 ? -7.994  5.121   13.673  1.00 30.56 ? 42  PHE C CD1 1 
ATOM   1203 C CD2 . PHE C 1 26 ? -9.182  7.048   12.885  1.00 30.22 ? 42  PHE C CD2 1 
ATOM   1204 C CE1 . PHE C 1 26 ? -8.783  5.100   14.821  1.00 30.74 ? 42  PHE C CE1 1 
ATOM   1205 C CE2 . PHE C 1 26 ? -9.974  7.039   14.025  1.00 31.07 ? 42  PHE C CE2 1 
ATOM   1206 C CZ  . PHE C 1 26 ? -9.773  6.062   14.997  1.00 31.68 ? 42  PHE C CZ  1 
ATOM   1207 N N   . CYS C 1 27 ? -9.758  6.156   9.568   1.00 29.81 ? 43  CYS C N   1 
ATOM   1208 C CA  . CYS C 1 27 ? -11.189 6.270   9.321   1.00 30.87 ? 43  CYS C CA  1 
ATOM   1209 C C   . CYS C 1 27 ? -11.700 5.113   8.470   1.00 31.78 ? 43  CYS C C   1 
ATOM   1210 O O   . CYS C 1 27 ? -12.830 4.642   8.656   1.00 31.74 ? 43  CYS C O   1 
ATOM   1211 C CB  . CYS C 1 27 ? -11.508 7.607   8.649   1.00 30.91 ? 43  CYS C CB  1 
ATOM   1212 S SG  . CYS C 1 27 ? -11.314 9.043   9.740   1.00 31.77 ? 43  CYS C SG  1 
ATOM   1213 N N   . ARG C 1 28 ? -10.869 4.656   7.535   1.00 30.87 ? 44  ARG C N   1 
ATOM   1214 C CA  . ARG C 1 28 ? -11.241 3.543   6.671   1.00 30.69 ? 44  ARG C CA  1 
ATOM   1215 C C   . ARG C 1 28 ? -11.358 2.275   7.515   1.00 31.96 ? 44  ARG C C   1 
ATOM   1216 O O   . ARG C 1 28 ? -12.263 1.464   7.320   1.00 31.25 ? 44  ARG C O   1 
ATOM   1217 C CB  . ARG C 1 28 ? -10.182 3.351   5.573   1.00 31.77 ? 44  ARG C CB  1 
ATOM   1218 C CG  . ARG C 1 28 ? -10.451 2.189   4.628   1.00 29.13 ? 44  ARG C CG  1 
ATOM   1219 C CD  . ARG C 1 28 ? -9.381  2.090   3.542   1.00 31.93 ? 44  ARG C CD  1 
ATOM   1220 N NE  . ARG C 1 28 ? -9.312  3.302   2.721   1.00 31.26 ? 44  ARG C NE  1 
ATOM   1221 C CZ  . ARG C 1 28 ? -10.142 3.588   1.717   1.00 31.19 ? 44  ARG C CZ  1 
ATOM   1222 N NH1 . ARG C 1 28 ? -11.118 2.749   1.390   1.00 31.27 ? 44  ARG C NH1 1 
ATOM   1223 N NH2 . ARG C 1 28 ? -10.004 4.725   1.042   1.00 29.65 ? 44  ARG C NH2 1 
ATOM   1224 N N   . PHE C 1 29 ? -10.428 2.117   8.456   1.00 30.34 ? 45  PHE C N   1 
ATOM   1225 C CA  . PHE C 1 29 ? -10.390 0.957   9.341   1.00 31.84 ? 45  PHE C CA  1 
ATOM   1226 C C   . PHE C 1 29 ? -11.647 0.855   10.209  1.00 32.82 ? 45  PHE C C   1 
ATOM   1227 O O   . PHE C 1 29 ? -12.141 -0.244  10.448  1.00 33.56 ? 45  PHE C O   1 
ATOM   1228 C CB  . PHE C 1 29 ? -9.152  1.035   10.236  1.00 31.42 ? 45  PHE C CB  1 
ATOM   1229 C CG  . PHE C 1 29 ? -8.889  -0.207  11.039  1.00 32.04 ? 45  PHE C CG  1 
ATOM   1230 C CD1 . PHE C 1 29 ? -8.305  -1.324  10.449  1.00 33.78 ? 45  PHE C CD1 1 
ATOM   1231 C CD2 . PHE C 1 29 ? -9.194  -0.250  12.401  1.00 33.64 ? 45  PHE C CD2 1 
ATOM   1232 C CE1 . PHE C 1 29 ? -8.024  -2.463  11.200  1.00 33.55 ? 45  PHE C CE1 1 
ATOM   1233 C CE2 . PHE C 1 29 ? -8.916  -1.386  13.161  1.00 34.43 ? 45  PHE C CE2 1 
ATOM   1234 C CZ  . PHE C 1 29 ? -8.331  -2.493  12.562  1.00 34.75 ? 45  PHE C CZ  1 
ATOM   1235 N N   . LEU C 1 30 ? -12.153 1.989   10.689  1.00 33.48 ? 46  LEU C N   1 
ATOM   1236 C CA  . LEU C 1 30 ? -13.360 1.980   11.516  1.00 35.77 ? 46  LEU C CA  1 
ATOM   1237 C C   . LEU C 1 30 ? -14.599 1.742   10.655  1.00 36.78 ? 46  LEU C C   1 
ATOM   1238 O O   . LEU C 1 30 ? -15.551 1.095   11.084  1.00 37.39 ? 46  LEU C O   1 
ATOM   1239 C CB  . LEU C 1 30 ? -13.519 3.301   12.276  1.00 36.37 ? 46  LEU C CB  1 
ATOM   1240 C CG  . LEU C 1 30 ? -12.498 3.629   13.368  1.00 36.80 ? 46  LEU C CG  1 
ATOM   1241 C CD1 . LEU C 1 30 ? -12.961 4.863   14.129  1.00 36.32 ? 46  LEU C CD1 1 
ATOM   1242 C CD2 . LEU C 1 30 ? -12.348 2.456   14.313  1.00 36.71 ? 46  LEU C CD2 1 
ATOM   1243 N N   . ARG C 1 31 ? -14.581 2.284   9.443   1.00 36.70 ? 47  ARG C N   1 
ATOM   1244 C CA  . ARG C 1 31 ? -15.683 2.122   8.500   1.00 35.95 ? 47  ARG C CA  1 
ATOM   1245 C C   . ARG C 1 31 ? -15.808 0.632   8.183   1.00 35.28 ? 47  ARG C C   1 
ATOM   1246 O O   . ARG C 1 31 ? -16.903 0.070   8.176   1.00 33.16 ? 47  ARG C O   1 
ATOM   1247 C CB  . ARG C 1 31 ? -15.372 2.914   7.228   1.00 37.71 ? 47  ARG C CB  1 
ATOM   1248 C CG  . ARG C 1 31 ? -16.297 2.714   6.042   1.00 40.43 ? 47  ARG C CG  1 
ATOM   1249 C CD  . ARG C 1 31 ? -15.637 3.370   4.824   1.00 42.49 ? 47  ARG C CD  1 
ATOM   1250 N NE  . ARG C 1 31 ? -15.070 4.661   5.209   1.00 44.62 ? 47  ARG C NE  1 
ATOM   1251 C CZ  . ARG C 1 31 ? -13.980 5.210   4.678   1.00 44.04 ? 47  ARG C CZ  1 
ATOM   1252 N NH1 . ARG C 1 31 ? -13.312 4.588   3.713   1.00 44.52 ? 47  ARG C NH1 1 
ATOM   1253 N NH2 . ARG C 1 31 ? -13.545 6.380   5.133   1.00 43.12 ? 47  ARG C NH2 1 
ATOM   1254 N N   . ASP C 1 32 ? -14.667 -0.002  7.934   1.00 35.34 ? 48  ASP C N   1 
ATOM   1255 C CA  . ASP C 1 32 ? -14.623 -1.423  7.623   1.00 36.80 ? 48  ASP C CA  1 
ATOM   1256 C C   . ASP C 1 32 ? -14.824 -2.295  8.863   1.00 37.34 ? 48  ASP C C   1 
ATOM   1257 O O   . ASP C 1 32 ? -15.199 -3.461  8.757   1.00 36.26 ? 48  ASP C O   1 
ATOM   1258 C CB  . ASP C 1 32 ? -13.281 -1.779  6.971   1.00 37.06 ? 48  ASP C CB  1 
ATOM   1259 C CG  . ASP C 1 32 ? -13.022 -0.989  5.700   1.00 37.05 ? 48  ASP C CG  1 
ATOM   1260 O OD1 . ASP C 1 32 ? -13.982 -0.411  5.150   1.00 38.02 ? 48  ASP C OD1 1 
ATOM   1261 O OD2 . ASP C 1 32 ? -11.858 -0.957  5.246   1.00 35.13 ? 48  ASP C OD2 1 
ATOM   1262 N N   . ASN C 1 33 ? -14.570 -1.730  10.037  1.00 38.83 ? 49  ASN C N   1 
ATOM   1263 C CA  . ASN C 1 33 ? -14.711 -2.472  11.285  1.00 41.25 ? 49  ASN C CA  1 
ATOM   1264 C C   . ASN C 1 33 ? -15.369 -1.571  12.331  1.00 42.55 ? 49  ASN C C   1 
ATOM   1265 O O   . ASN C 1 33 ? -14.724 -1.124  13.284  1.00 40.57 ? 49  ASN C O   1 
ATOM   1266 C CB  . ASN C 1 33 ? -13.328 -2.923  11.760  1.00 42.42 ? 49  ASN C CB  1 
ATOM   1267 C CG  . ASN C 1 33 ? -12.558 -3.668  10.681  1.00 42.88 ? 49  ASN C CG  1 
ATOM   1268 O OD1 . ASN C 1 33 ? -12.851 -4.823  10.375  1.00 43.51 ? 49  ASN C OD1 1 
ATOM   1269 N ND2 . ASN C 1 33 ? -11.578 -2.997  10.087  1.00 41.61 ? 49  ASN C ND2 1 
ATOM   1270 N N   . PRO C 1 34 ? -16.674 -1.300  12.162  1.00 44.20 ? 50  PRO C N   1 
ATOM   1271 C CA  . PRO C 1 34 ? -17.459 -0.450  13.064  1.00 46.59 ? 50  PRO C CA  1 
ATOM   1272 C C   . PRO C 1 34 ? -17.413 -0.835  14.540  1.00 48.92 ? 50  PRO C C   1 
ATOM   1273 O O   . PRO C 1 34 ? -17.931 -0.111  15.388  1.00 48.79 ? 50  PRO C O   1 
ATOM   1274 C CB  . PRO C 1 34 ? -18.866 -0.536  12.474  1.00 45.77 ? 50  PRO C CB  1 
ATOM   1275 C CG  . PRO C 1 34 ? -18.885 -1.899  11.859  1.00 46.07 ? 50  PRO C CG  1 
ATOM   1276 C CD  . PRO C 1 34 ? -17.550 -1.955  11.175  1.00 44.38 ? 50  PRO C CD  1 
ATOM   1277 N N   . ALA C 1 35 ? -16.793 -1.970  14.843  1.00 51.57 ? 51  ALA C N   1 
ATOM   1278 C CA  . ALA C 1 35 ? -16.675 -2.421  16.225  1.00 55.23 ? 51  ALA C CA  1 
ATOM   1279 C C   . ALA C 1 35 ? -15.609 -1.584  16.927  1.00 57.70 ? 51  ALA C C   1 
ATOM   1280 O O   . ALA C 1 35 ? -15.825 -1.069  18.026  1.00 57.93 ? 51  ALA C O   1 
ATOM   1281 C CB  . ALA C 1 35 ? -16.297 -3.895  16.265  1.00 55.59 ? 51  ALA C CB  1 
ATOM   1282 N N   . TYR C 1 36 ? -14.460 -1.448  16.273  1.00 59.61 ? 52  TYR C N   1 
ATOM   1283 C CA  . TYR C 1 36 ? -13.340 -0.680  16.803  1.00 61.72 ? 52  TYR C CA  1 
ATOM   1284 C C   . TYR C 1 36 ? -13.643 0.808   16.873  1.00 60.91 ? 52  TYR C C   1 
ATOM   1285 O O   . TYR C 1 36 ? -12.801 1.602   17.288  1.00 61.28 ? 52  TYR C O   1 
ATOM   1286 C CB  . TYR C 1 36 ? -12.107 -0.899  15.929  1.00 65.15 ? 52  TYR C CB  1 
ATOM   1287 C CG  . TYR C 1 36 ? -11.319 -2.142  16.259  1.00 70.18 ? 52  TYR C CG  1 
ATOM   1288 C CD1 . TYR C 1 36 ? -10.407 -2.149  17.310  1.00 72.98 ? 52  TYR C CD1 1 
ATOM   1289 C CD2 . TYR C 1 36 ? -11.470 -3.307  15.509  1.00 72.42 ? 52  TYR C CD2 1 
ATOM   1290 C CE1 . TYR C 1 36 ? -9.659  -3.282  17.606  1.00 74.52 ? 52  TYR C CE1 1 
ATOM   1291 C CE2 . TYR C 1 36 ? -10.726 -4.450  15.799  1.00 74.33 ? 52  TYR C CE2 1 
ATOM   1292 C CZ  . TYR C 1 36 ? -9.820  -4.428  16.848  1.00 74.30 ? 52  TYR C CZ  1 
ATOM   1293 O OH  . TYR C 1 36 ? -9.062  -5.541  17.131  1.00 73.58 ? 52  TYR C OH  1 
ATOM   1294 N N   . ASP C 1 37 ? -14.846 1.187   16.463  1.00 60.94 ? 53  ASP C N   1 
ATOM   1295 C CA  . ASP C 1 37 ? -15.228 2.589   16.474  1.00 60.85 ? 53  ASP C CA  1 
ATOM   1296 C C   . ASP C 1 37 ? -15.655 3.078   17.851  1.00 61.43 ? 53  ASP C C   1 
ATOM   1297 O O   . ASP C 1 37 ? -16.688 2.663   18.373  1.00 61.46 ? 53  ASP C O   1 
ATOM   1298 C CB  . ASP C 1 37 ? -16.365 2.832   15.480  1.00 60.79 ? 53  ASP C CB  1 
ATOM   1299 C CG  . ASP C 1 37 ? -16.769 4.291   15.406  1.00 60.50 ? 53  ASP C CG  1 
ATOM   1300 O OD1 . ASP C 1 37 ? -17.098 4.872   16.459  1.00 61.84 ? 53  ASP C OD1 1 
ATOM   1301 O OD2 . ASP C 1 37 ? -16.758 4.860   14.294  1.00 62.38 ? 53  ASP C OD2 1 
ATOM   1302 N N   . THR C 1 38 ? -14.854 3.966   18.434  1.00 61.88 ? 54  THR C N   1 
ATOM   1303 C CA  . THR C 1 38 ? -15.151 4.544   19.742  1.00 61.36 ? 54  THR C CA  1 
ATOM   1304 C C   . THR C 1 38 ? -14.478 5.909   19.822  1.00 61.20 ? 54  THR C C   1 
ATOM   1305 O O   . THR C 1 38 ? -13.511 6.172   19.106  1.00 62.92 ? 54  THR C O   1 
ATOM   1306 C CB  . THR C 1 38 ? -14.610 3.683   20.896  1.00 60.79 ? 54  THR C CB  1 
ATOM   1307 O OG1 . THR C 1 38 ? -13.180 3.745   20.905  1.00 60.86 ? 54  THR C OG1 1 
ATOM   1308 C CG2 . THR C 1 38 ? -15.046 2.235   20.739  1.00 60.61 ? 54  THR C CG2 1 
ATOM   1309 N N   . PRO C 1 39 ? -14.986 6.803   20.689  1.00 60.59 ? 55  PRO C N   1 
ATOM   1310 C CA  . PRO C 1 39 ? -14.397 8.141   20.832  1.00 58.70 ? 55  PRO C CA  1 
ATOM   1311 C C   . PRO C 1 39 ? -12.964 8.062   21.359  1.00 57.22 ? 55  PRO C C   1 
ATOM   1312 O O   . PRO C 1 39 ? -12.220 9.045   21.333  1.00 57.15 ? 55  PRO C O   1 
ATOM   1313 C CB  . PRO C 1 39 ? -15.335 8.825   21.824  1.00 59.59 ? 55  PRO C CB  1 
ATOM   1314 C CG  . PRO C 1 39 ? -16.656 8.163   21.544  1.00 60.55 ? 55  PRO C CG  1 
ATOM   1315 C CD  . PRO C 1 39 ? -16.255 6.709   21.430  1.00 60.78 ? 55  PRO C CD  1 
ATOM   1316 N N   . ASP C 1 40 ? -12.592 6.874   21.824  1.00 54.48 ? 56  ASP C N   1 
ATOM   1317 C CA  . ASP C 1 40 ? -11.274 6.616   22.382  1.00 51.63 ? 56  ASP C CA  1 
ATOM   1318 C C   . ASP C 1 40 ? -10.317 5.994   21.358  1.00 48.71 ? 56  ASP C C   1 
ATOM   1319 O O   . ASP C 1 40 ? -9.097  6.082   21.504  1.00 46.37 ? 56  ASP C O   1 
ATOM   1320 C CB  . ASP C 1 40 ? -11.427 5.683   23.585  1.00 53.72 ? 56  ASP C CB  1 
ATOM   1321 C CG  . ASP C 1 40 ? -10.124 5.446   24.320  1.00 56.14 ? 56  ASP C CG  1 
ATOM   1322 O OD1 . ASP C 1 40 ? -10.132 4.649   25.284  1.00 59.03 ? 56  ASP C OD1 1 
ATOM   1323 O OD2 . ASP C 1 40 ? -9.098  6.055   23.949  1.00 58.22 ? 56  ASP C OD2 1 
ATOM   1324 N N   . ALA C 1 41 ? -10.877 5.371   20.327  1.00 45.08 ? 57  ALA C N   1 
ATOM   1325 C CA  . ALA C 1 41 ? -10.081 4.720   19.289  1.00 42.30 ? 57  ALA C CA  1 
ATOM   1326 C C   . ALA C 1 41 ? -8.961  5.597   18.734  1.00 40.40 ? 57  ALA C C   1 
ATOM   1327 O O   . ALA C 1 41 ? -7.804  5.180   18.695  1.00 39.43 ? 57  ALA C O   1 
ATOM   1328 C CB  . ALA C 1 41 ? -10.986 4.263   18.155  1.00 42.86 ? 57  ALA C CB  1 
ATOM   1329 N N   . GLY C 1 42 ? -9.314  6.804   18.304  1.00 37.02 ? 58  GLY C N   1 
ATOM   1330 C CA  . GLY C 1 42 ? -8.329  7.716   17.747  1.00 36.92 ? 58  GLY C CA  1 
ATOM   1331 C C   . GLY C 1 42 ? -7.060  7.864   18.569  1.00 35.52 ? 58  GLY C C   1 
ATOM   1332 O O   . GLY C 1 42 ? -5.955  7.710   18.051  1.00 34.74 ? 58  GLY C O   1 
ATOM   1333 N N   . ALA C 1 43 ? -7.213  8.171   19.853  1.00 34.43 ? 59  ALA C N   1 
ATOM   1334 C CA  . ALA C 1 43 ? -6.066  8.343   20.738  1.00 32.69 ? 59  ALA C CA  1 
ATOM   1335 C C   . ALA C 1 43 ? -5.240  7.071   20.802  1.00 32.72 ? 59  ALA C C   1 
ATOM   1336 O O   . ALA C 1 43 ? -4.019  7.112   20.661  1.00 32.64 ? 59  ALA C O   1 
ATOM   1337 C CB  . ALA C 1 43 ? -6.534  8.728   22.143  1.00 34.49 ? 59  ALA C CB  1 
ATOM   1338 N N   . SER C 1 44 ? -5.916  5.946   21.018  1.00 29.94 ? 60  SER C N   1 
ATOM   1339 C CA  . SER C 1 44 ? -5.256  4.652   21.116  1.00 31.37 ? 60  SER C CA  1 
ATOM   1340 C C   . SER C 1 44 ? -4.411  4.348   19.887  1.00 28.06 ? 60  SER C C   1 
ATOM   1341 O O   . SER C 1 44 ? -3.232  4.037   20.008  1.00 26.50 ? 60  SER C O   1 
ATOM   1342 C CB  . SER C 1 44 ? -6.291  3.540   21.296  1.00 30.68 ? 60  SER C CB  1 
ATOM   1343 O OG  . SER C 1 44 ? -6.987  3.702   22.514  1.00 33.85 ? 60  SER C OG  1 
ATOM   1344 N N   . PHE C 1 45 ? -5.034  4.439   18.713  1.00 29.50 ? 61  PHE C N   1 
ATOM   1345 C CA  . PHE C 1 45 ? -4.358  4.169   17.445  1.00 29.85 ? 61  PHE C CA  1 
ATOM   1346 C C   . PHE C 1 45 ? -3.186  5.123   17.183  1.00 28.98 ? 61  PHE C C   1 
ATOM   1347 O O   . PHE C 1 45 ? -2.058  4.669   16.971  1.00 29.80 ? 61  PHE C O   1 
ATOM   1348 C CB  . PHE C 1 45 ? -5.354  4.250   16.278  1.00 29.04 ? 61  PHE C CB  1 
ATOM   1349 C CG  . PHE C 1 45 ? -6.268  3.047   16.153  1.00 31.44 ? 61  PHE C CG  1 
ATOM   1350 C CD1 . PHE C 1 45 ? -6.325  2.328   14.958  1.00 30.98 ? 61  PHE C CD1 1 
ATOM   1351 C CD2 . PHE C 1 45 ? -7.095  2.659   17.204  1.00 32.27 ? 61  PHE C CD2 1 
ATOM   1352 C CE1 . PHE C 1 45 ? -7.197  1.239   14.811  1.00 31.71 ? 61  PHE C CE1 1 
ATOM   1353 C CE2 . PHE C 1 45 ? -7.967  1.576   17.069  1.00 32.23 ? 61  PHE C CE2 1 
ATOM   1354 C CZ  . PHE C 1 45 ? -8.019  0.863   15.866  1.00 31.90 ? 61  PHE C CZ  1 
ATOM   1355 N N   . SER C 1 46 ? -3.450  6.433   17.196  1.00 27.33 ? 62  SER C N   1 
ATOM   1356 C CA  . SER C 1 46 ? -2.402  7.433   16.951  1.00 27.92 ? 62  SER C CA  1 
ATOM   1357 C C   . SER C 1 46 ? -1.244  7.332   17.946  1.00 28.33 ? 62  SER C C   1 
ATOM   1358 O O   . SER C 1 46 ? -0.068  7.454   17.573  1.00 25.13 ? 62  SER C O   1 
ATOM   1359 C CB  . SER C 1 46 ? -2.990  8.847   16.996  1.00 27.89 ? 62  SER C CB  1 
ATOM   1360 O OG  . SER C 1 46 ? -3.604  9.122   18.245  1.00 27.64 ? 62  SER C OG  1 
ATOM   1361 N N   . ARG C 1 47 ? -1.567  7.097   19.213  1.00 27.10 ? 63  ARG C N   1 
ATOM   1362 C CA  . ARG C 1 47 ? -0.521  6.982   20.219  1.00 29.97 ? 63  ARG C CA  1 
ATOM   1363 C C   . ARG C 1 47 ? 0.353   5.758   19.959  1.00 26.54 ? 63  ARG C C   1 
ATOM   1364 O O   . ARG C 1 47 ? 1.582   5.829   20.034  1.00 29.24 ? 63  ARG C O   1 
ATOM   1365 C CB  . ARG C 1 47 ? -1.127  6.894   21.626  1.00 34.90 ? 63  ARG C CB  1 
ATOM   1366 C CG  . ARG C 1 47 ? -0.092  6.686   22.722  1.00 43.35 ? 63  ARG C CG  1 
ATOM   1367 C CD  . ARG C 1 47 ? -0.745  6.446   24.079  1.00 52.09 ? 63  ARG C CD  1 
ATOM   1368 N NE  . ARG C 1 47 ? 0.234   6.149   25.124  1.00 58.22 ? 63  ARG C NE  1 
ATOM   1369 C CZ  . ARG C 1 47 ? 1.058   5.103   25.112  1.00 61.04 ? 63  ARG C CZ  1 
ATOM   1370 N NH1 . ARG C 1 47 ? 1.032   4.239   24.104  1.00 61.83 ? 63  ARG C NH1 1 
ATOM   1371 N NH2 . ARG C 1 47 ? 1.912   4.921   26.111  1.00 62.06 ? 63  ARG C NH2 1 
ATOM   1372 N N   . HIS C 1 48 ? -0.280  4.633   19.658  1.00 26.16 ? 64  HIS C N   1 
ATOM   1373 C CA  . HIS C 1 48 ? 0.454   3.399   19.395  1.00 25.06 ? 64  HIS C CA  1 
ATOM   1374 C C   . HIS C 1 48 ? 1.343   3.573   18.164  1.00 23.10 ? 64  HIS C C   1 
ATOM   1375 O O   . HIS C 1 48 ? 2.480   3.096   18.128  1.00 24.12 ? 64  HIS C O   1 
ATOM   1376 C CB  . HIS C 1 48 ? -0.526  2.239   19.194  1.00 25.14 ? 64  HIS C CB  1 
ATOM   1377 C CG  . HIS C 1 48 ? 0.102   0.890   19.360  1.00 27.00 ? 64  HIS C CG  1 
ATOM   1378 N ND1 . HIS C 1 48 ? 0.652   0.191   18.308  1.00 29.81 ? 64  HIS C ND1 1 
ATOM   1379 C CD2 . HIS C 1 48 ? 0.310   0.134   20.464  1.00 27.65 ? 64  HIS C CD2 1 
ATOM   1380 C CE1 . HIS C 1 48 ? 1.172   -0.939  18.756  1.00 28.59 ? 64  HIS C CE1 1 
ATOM   1381 N NE2 . HIS C 1 48 ? 0.978   -0.997  20.061  1.00 30.56 ? 64  HIS C NE2 1 
ATOM   1382 N N   . PHE C 1 49 ? 0.810   4.256   17.156  1.00 21.71 ? 65  PHE C N   1 
ATOM   1383 C CA  . PHE C 1 49 ? 1.553   4.540   15.924  1.00 22.13 ? 65  PHE C CA  1 
ATOM   1384 C C   . PHE C 1 49 ? 2.829   5.310   16.284  1.00 22.72 ? 65  PHE C C   1 
ATOM   1385 O O   . PHE C 1 49 ? 3.948   4.885   15.959  1.00 21.36 ? 65  PHE C O   1 
ATOM   1386 C CB  . PHE C 1 49 ? 0.669   5.386   14.989  1.00 20.83 ? 65  PHE C CB  1 
ATOM   1387 C CG  . PHE C 1 49 ? 1.332   5.790   13.686  1.00 20.52 ? 65  PHE C CG  1 
ATOM   1388 C CD1 . PHE C 1 49 ? 2.372   6.721   13.666  1.00 20.66 ? 65  PHE C CD1 1 
ATOM   1389 C CD2 . PHE C 1 49 ? 0.874   5.275   12.474  1.00 19.88 ? 65  PHE C CD2 1 
ATOM   1390 C CE1 . PHE C 1 49 ? 2.941   7.139   12.456  1.00 19.36 ? 65  PHE C CE1 1 
ATOM   1391 C CE2 . PHE C 1 49 ? 1.433   5.680   11.269  1.00 20.02 ? 65  PHE C CE2 1 
ATOM   1392 C CZ  . PHE C 1 49 ? 2.475   6.624   11.262  1.00 20.71 ? 65  PHE C CZ  1 
ATOM   1393 N N   . ALA C 1 50 ? 2.647   6.435   16.975  1.00 23.57 ? 66  ALA C N   1 
ATOM   1394 C CA  . ALA C 1 50 ? 3.759   7.297   17.374  1.00 24.15 ? 66  ALA C CA  1 
ATOM   1395 C C   . ALA C 1 50 ? 4.842   6.566   18.153  1.00 25.15 ? 66  ALA C C   1 
ATOM   1396 O O   . ALA C 1 50 ? 6.043   6.748   17.895  1.00 22.42 ? 66  ALA C O   1 
ATOM   1397 C CB  . ALA C 1 50 ? 3.233   8.464   18.187  1.00 24.91 ? 66  ALA C CB  1 
ATOM   1398 N N   . ALA C 1 51 ? 4.425   5.743   19.110  1.00 24.35 ? 67  ALA C N   1 
ATOM   1399 C CA  . ALA C 1 51 ? 5.377   4.984   19.913  1.00 25.72 ? 67  ALA C CA  1 
ATOM   1400 C C   . ALA C 1 51 ? 6.240   4.086   19.027  1.00 25.75 ? 67  ALA C C   1 
ATOM   1401 O O   . ALA C 1 51 ? 7.464   4.070   19.154  1.00 26.06 ? 67  ALA C O   1 
ATOM   1402 C CB  . ALA C 1 51 ? 4.641   4.135   20.947  1.00 25.63 ? 67  ALA C CB  1 
ATOM   1403 N N   . ASN C 1 52 ? 5.597   3.337   18.134  1.00 25.48 ? 68  ASN C N   1 
ATOM   1404 C CA  . ASN C 1 52 ? 6.316   2.442   17.237  1.00 26.81 ? 68  ASN C CA  1 
ATOM   1405 C C   . ASN C 1 52 ? 7.190   3.242   16.269  1.00 24.68 ? 68  ASN C C   1 
ATOM   1406 O O   . ASN C 1 52 ? 8.298   2.829   15.933  1.00 22.18 ? 68  ASN C O   1 
ATOM   1407 C CB  . ASN C 1 52 ? 5.331   1.578   16.441  1.00 29.68 ? 68  ASN C CB  1 
ATOM   1408 C CG  . ASN C 1 52 ? 6.000   0.374   15.812  1.00 32.43 ? 68  ASN C CG  1 
ATOM   1409 O OD1 . ASN C 1 52 ? 6.548   -0.472  16.518  1.00 34.55 ? 68  ASN C OD1 1 
ATOM   1410 N ND2 . ASN C 1 52 ? 5.966   0.290   14.481  1.00 33.09 ? 68  ASN C ND2 1 
ATOM   1411 N N   . PHE C 1 53 ? 6.670   4.378   15.816  1.00 24.69 ? 69  PHE C N   1 
ATOM   1412 C CA  . PHE C 1 53 ? 7.391   5.258   14.901  1.00 24.81 ? 69  PHE C CA  1 
ATOM   1413 C C   . PHE C 1 53 ? 8.759   5.610   15.491  1.00 26.76 ? 69  PHE C C   1 
ATOM   1414 O O   . PHE C 1 53 ? 9.798   5.413   14.858  1.00 26.47 ? 69  PHE C O   1 
ATOM   1415 C CB  . PHE C 1 53 ? 6.582   6.544   14.679  1.00 23.65 ? 69  PHE C CB  1 
ATOM   1416 C CG  . PHE C 1 53 ? 7.319   7.595   13.899  1.00 23.81 ? 69  PHE C CG  1 
ATOM   1417 C CD1 . PHE C 1 53 ? 7.294   7.598   12.511  1.00 22.74 ? 69  PHE C CD1 1 
ATOM   1418 C CD2 . PHE C 1 53 ? 8.079   8.559   14.558  1.00 22.68 ? 69  PHE C CD2 1 
ATOM   1419 C CE1 . PHE C 1 53 ? 8.019   8.548   11.786  1.00 24.66 ? 69  PHE C CE1 1 
ATOM   1420 C CE2 . PHE C 1 53 ? 8.806   9.507   13.844  1.00 24.92 ? 69  PHE C CE2 1 
ATOM   1421 C CZ  . PHE C 1 53 ? 8.776   9.500   12.454  1.00 22.33 ? 69  PHE C CZ  1 
ATOM   1422 N N   . LEU C 1 54 ? 8.757   6.132   16.711  1.00 27.97 ? 70  LEU C N   1 
ATOM   1423 C CA  . LEU C 1 54 ? 10.007  6.501   17.362  1.00 28.79 ? 70  LEU C CA  1 
ATOM   1424 C C   . LEU C 1 54 ? 10.953  5.313   17.437  1.00 29.20 ? 70  LEU C C   1 
ATOM   1425 O O   . LEU C 1 54 ? 12.159  5.459   17.231  1.00 30.37 ? 70  LEU C O   1 
ATOM   1426 C CB  . LEU C 1 54 ? 9.732   7.043   18.761  1.00 28.27 ? 70  LEU C CB  1 
ATOM   1427 C CG  . LEU C 1 54 ? 8.860   8.302   18.792  1.00 28.33 ? 70  LEU C CG  1 
ATOM   1428 C CD1 . LEU C 1 54 ? 8.407   8.589   20.221  1.00 29.05 ? 70  LEU C CD1 1 
ATOM   1429 C CD2 . LEU C 1 54 ? 9.641   9.484   18.223  1.00 27.78 ? 70  LEU C CD2 1 
ATOM   1430 N N   . ASP C 1 55 ? 10.412  4.130   17.720  1.00 29.76 ? 71  ASP C N   1 
ATOM   1431 C CA  . ASP C 1 55 ? 11.250  2.942   17.799  1.00 30.12 ? 71  ASP C CA  1 
ATOM   1432 C C   . ASP C 1 55 ? 11.924  2.647   16.466  1.00 29.54 ? 71  ASP C C   1 
ATOM   1433 O O   . ASP C 1 55 ? 13.143  2.557   16.388  1.00 30.19 ? 71  ASP C O   1 
ATOM   1434 C CB  . ASP C 1 55 ? 10.434  1.716   18.223  1.00 33.00 ? 71  ASP C CB  1 
ATOM   1435 C CG  . ASP C 1 55 ? 10.041  1.748   19.689  1.00 34.74 ? 71  ASP C CG  1 
ATOM   1436 O OD1 . ASP C 1 55 ? 10.695  2.477   20.470  1.00 36.28 ? 71  ASP C OD1 1 
ATOM   1437 O OD2 . ASP C 1 55 ? 9.087   1.029   20.058  1.00 33.88 ? 71  ASP C OD2 1 
ATOM   1438 N N   . VAL C 1 56 ? 11.126  2.488   15.416  1.00 28.47 ? 72  VAL C N   1 
ATOM   1439 C CA  . VAL C 1 56 ? 11.673  2.196   14.099  1.00 28.45 ? 72  VAL C CA  1 
ATOM   1440 C C   . VAL C 1 56 ? 12.632  3.273   13.602  1.00 29.74 ? 72  VAL C C   1 
ATOM   1441 O O   . VAL C 1 56 ? 13.627  2.958   12.944  1.00 30.10 ? 72  VAL C O   1 
ATOM   1442 C CB  . VAL C 1 56 ? 10.546  2.005   13.056  1.00 28.05 ? 72  VAL C CB  1 
ATOM   1443 C CG1 . VAL C 1 56 ? 11.145  1.848   11.655  1.00 26.61 ? 72  VAL C CG1 1 
ATOM   1444 C CG2 . VAL C 1 56 ? 9.714   0.785   13.415  1.00 27.02 ? 72  VAL C CG2 1 
ATOM   1445 N N   . PHE C 1 57 ? 12.345  4.534   13.920  1.00 29.04 ? 73  PHE C N   1 
ATOM   1446 C CA  . PHE C 1 57 ? 13.201  5.636   13.479  1.00 29.75 ? 73  PHE C CA  1 
ATOM   1447 C C   . PHE C 1 57 ? 14.661  5.440   13.895  1.00 30.12 ? 73  PHE C C   1 
ATOM   1448 O O   . PHE C 1 57 ? 15.562  5.454   13.059  1.00 26.94 ? 73  PHE C O   1 
ATOM   1449 C CB  . PHE C 1 57 ? 12.700  6.971   14.042  1.00 29.07 ? 73  PHE C CB  1 
ATOM   1450 C CG  . PHE C 1 57 ? 13.546  8.152   13.639  1.00 29.08 ? 73  PHE C CG  1 
ATOM   1451 C CD1 . PHE C 1 57 ? 13.410  8.730   12.375  1.00 28.82 ? 73  PHE C CD1 1 
ATOM   1452 C CD2 . PHE C 1 57 ? 14.494  8.677   14.514  1.00 28.86 ? 73  PHE C CD2 1 
ATOM   1453 C CE1 . PHE C 1 57 ? 14.205  9.811   11.991  1.00 28.89 ? 73  PHE C CE1 1 
ATOM   1454 C CE2 . PHE C 1 57 ? 15.295  9.756   14.141  1.00 30.29 ? 73  PHE C CE2 1 
ATOM   1455 C CZ  . PHE C 1 57 ? 15.149  10.326  12.872  1.00 28.57 ? 73  PHE C CZ  1 
ATOM   1456 N N   . GLY C 1 58 ? 14.889  5.272   15.191  1.00 32.33 ? 74  GLY C N   1 
ATOM   1457 C CA  . GLY C 1 58 ? 16.247  5.082   15.672  1.00 33.93 ? 74  GLY C CA  1 
ATOM   1458 C C   . GLY C 1 58 ? 16.914  3.895   15.006  1.00 35.07 ? 74  GLY C C   1 
ATOM   1459 O O   . GLY C 1 58 ? 18.080  3.964   14.622  1.00 35.87 ? 74  GLY C O   1 
ATOM   1460 N N   . GLU C 1 59 ? 16.169  2.805   14.855  1.00 37.35 ? 75  GLU C N   1 
ATOM   1461 C CA  . GLU C 1 59 ? 16.705  1.596   14.243  1.00 38.84 ? 75  GLU C CA  1 
ATOM   1462 C C   . GLU C 1 59 ? 17.121  1.846   12.796  1.00 40.05 ? 75  GLU C C   1 
ATOM   1463 O O   . GLU C 1 59 ? 18.245  1.538   12.410  1.00 40.50 ? 75  GLU C O   1 
ATOM   1464 C CB  . GLU C 1 59 ? 15.669  0.462   14.308  1.00 40.05 ? 75  GLU C CB  1 
ATOM   1465 C CG  . GLU C 1 59 ? 15.095  0.220   15.707  1.00 43.01 ? 75  GLU C CG  1 
ATOM   1466 C CD  . GLU C 1 59 ? 14.071  -0.908  15.746  1.00 45.66 ? 75  GLU C CD  1 
ATOM   1467 O OE1 . GLU C 1 59 ? 13.219  -0.981  14.834  1.00 47.50 ? 75  GLU C OE1 1 
ATOM   1468 O OE2 . GLU C 1 59 ? 14.107  -1.717  16.699  1.00 47.15 ? 75  GLU C OE2 1 
ATOM   1469 N N   . GLU C 1 60 ? 16.224  2.424   12.003  1.00 39.61 ? 76  GLU C N   1 
ATOM   1470 C CA  . GLU C 1 60 ? 16.521  2.691   10.600  1.00 40.77 ? 76  GLU C CA  1 
ATOM   1471 C C   . GLU C 1 60 ? 17.704  3.642   10.426  1.00 40.88 ? 76  GLU C C   1 
ATOM   1472 O O   . GLU C 1 60 ? 18.553  3.418   9.568   1.00 40.35 ? 76  GLU C O   1 
ATOM   1473 C CB  . GLU C 1 60 ? 15.279  3.251   9.899   1.00 39.89 ? 76  GLU C CB  1 
ATOM   1474 C CG  . GLU C 1 60 ? 15.411  3.440   8.384   1.00 38.92 ? 76  GLU C CG  1 
ATOM   1475 C CD  . GLU C 1 60 ? 15.704  2.152   7.634   1.00 39.01 ? 76  GLU C CD  1 
ATOM   1476 O OE1 . GLU C 1 60 ? 15.279  1.075   8.100   1.00 38.64 ? 76  GLU C OE1 1 
ATOM   1477 O OE2 . GLU C 1 60 ? 16.348  2.222   6.566   1.00 38.92 ? 76  GLU C OE2 1 
ATOM   1478 N N   . VAL C 1 61 ? 17.768  4.694   11.234  1.00 43.03 ? 77  VAL C N   1 
ATOM   1479 C CA  . VAL C 1 61 ? 18.879  5.640   11.129  1.00 45.65 ? 77  VAL C CA  1 
ATOM   1480 C C   . VAL C 1 61 ? 20.217  4.944   11.389  1.00 48.34 ? 77  VAL C C   1 
ATOM   1481 O O   . VAL C 1 61 ? 21.212  5.229   10.724  1.00 47.83 ? 77  VAL C O   1 
ATOM   1482 C CB  . VAL C 1 61 ? 18.727  6.821   12.116  1.00 44.90 ? 77  VAL C CB  1 
ATOM   1483 C CG1 . VAL C 1 61 ? 19.976  7.681   12.087  1.00 43.32 ? 77  VAL C CG1 1 
ATOM   1484 C CG2 . VAL C 1 61 ? 17.521  7.665   11.737  1.00 42.10 ? 77  VAL C CG2 1 
ATOM   1485 N N   . ARG C 1 62 ? 20.237  4.033   12.357  1.00 52.93 ? 78  ARG C N   1 
ATOM   1486 C CA  . ARG C 1 62 ? 21.454  3.296   12.679  1.00 58.40 ? 78  ARG C CA  1 
ATOM   1487 C C   . ARG C 1 62 ? 21.902  2.509   11.456  1.00 59.65 ? 78  ARG C C   1 
ATOM   1488 O O   . ARG C 1 62 ? 23.064  2.569   11.055  1.00 60.32 ? 78  ARG C O   1 
ATOM   1489 C CB  . ARG C 1 62 ? 21.203  2.327   13.838  1.00 61.98 ? 78  ARG C CB  1 
ATOM   1490 C CG  . ARG C 1 62 ? 21.042  2.980   15.201  1.00 69.14 ? 78  ARG C CG  1 
ATOM   1491 C CD  . ARG C 1 62 ? 22.384  3.435   15.760  1.00 75.43 ? 78  ARG C CD  1 
ATOM   1492 N NE  . ARG C 1 62 ? 22.281  3.922   17.137  1.00 80.90 ? 78  ARG C NE  1 
ATOM   1493 C CZ  . ARG C 1 62 ? 21.849  3.195   18.165  1.00 82.62 ? 78  ARG C CZ  1 
ATOM   1494 N NH1 . ARG C 1 62 ? 21.471  1.937   17.986  1.00 83.49 ? 78  ARG C NH1 1 
ATOM   1495 N NH2 . ARG C 1 62 ? 21.799  3.728   19.380  1.00 83.15 ? 78  ARG C NH2 1 
ATOM   1496 N N   . ARG C 1 63 ? 20.962  1.774   10.868  1.00 61.52 ? 79  ARG C N   1 
ATOM   1497 C CA  . ARG C 1 63 ? 21.222  0.956   9.689   1.00 63.60 ? 79  ARG C CA  1 
ATOM   1498 C C   . ARG C 1 63 ? 21.830  1.779   8.559   1.00 64.51 ? 79  ARG C C   1 
ATOM   1499 O O   . ARG C 1 63 ? 22.810  1.367   7.935   1.00 65.09 ? 79  ARG C O   1 
ATOM   1500 C CB  . ARG C 1 63 ? 19.920  0.314   9.200   1.00 64.21 ? 79  ARG C CB  1 
ATOM   1501 C CG  . ARG C 1 63 ? 19.100  -0.353  10.293  1.00 67.11 ? 79  ARG C CG  1 
ATOM   1502 C CD  . ARG C 1 63 ? 17.742  -0.798  9.769   1.00 69.41 ? 79  ARG C CD  1 
ATOM   1503 N NE  . ARG C 1 63 ? 17.788  -2.105  9.121   1.00 71.57 ? 79  ARG C NE  1 
ATOM   1504 C CZ  . ARG C 1 63 ? 17.923  -3.256  9.773   1.00 72.78 ? 79  ARG C CZ  1 
ATOM   1505 N NH1 . ARG C 1 63 ? 18.025  -3.262  11.097  1.00 72.91 ? 79  ARG C NH1 1 
ATOM   1506 N NH2 . ARG C 1 63 ? 17.948  -4.405  9.107   1.00 72.21 ? 79  ARG C NH2 1 
ATOM   1507 N N   . VAL C 1 64 ? 21.245  2.943   8.296   1.00 65.59 ? 80  VAL C N   1 
ATOM   1508 C CA  . VAL C 1 64 ? 21.722  3.815   7.230   1.00 66.31 ? 80  VAL C CA  1 
ATOM   1509 C C   . VAL C 1 64 ? 23.097  4.413   7.516   1.00 67.09 ? 80  VAL C C   1 
ATOM   1510 O O   . VAL C 1 64 ? 23.962  4.450   6.639   1.00 65.99 ? 80  VAL C O   1 
ATOM   1511 C CB  . VAL C 1 64 ? 20.722  4.958   6.971   1.00 66.38 ? 80  VAL C CB  1 
ATOM   1512 C CG1 . VAL C 1 64 ? 21.240  5.863   5.868   1.00 66.76 ? 80  VAL C CG1 1 
ATOM   1513 C CG2 . VAL C 1 64 ? 19.371  4.381   6.588   1.00 66.10 ? 80  VAL C CG2 1 
ATOM   1514 N N   . LEU C 1 65 ? 23.302  4.876   8.744   1.00 68.35 ? 81  LEU C N   1 
ATOM   1515 C CA  . LEU C 1 65 ? 24.575  5.476   9.124   1.00 69.76 ? 81  LEU C CA  1 
ATOM   1516 C C   . LEU C 1 65 ? 25.685  4.446   9.316   1.00 71.17 ? 81  LEU C C   1 
ATOM   1517 O O   . LEU C 1 65 ? 26.678  4.714   9.993   1.00 71.53 ? 81  LEU C O   1 
ATOM   1518 C CB  . LEU C 1 65 ? 24.406  6.297   10.402  1.00 69.39 ? 81  LEU C CB  1 
ATOM   1519 C CG  . LEU C 1 65 ? 23.425  7.464   10.290  1.00 69.08 ? 81  LEU C CG  1 
ATOM   1520 C CD1 . LEU C 1 65 ? 23.341  8.186   11.621  1.00 68.94 ? 81  LEU C CD1 1 
ATOM   1521 C CD2 . LEU C 1 65 ? 23.879  8.415   9.196   1.00 68.24 ? 81  LEU C CD2 1 
ATOM   1522 N N   . VAL C 1 66 ? 25.517  3.271   8.718   1.00 72.27 ? 82  VAL C N   1 
ATOM   1523 C CA  . VAL C 1 66 ? 26.524  2.224   8.823   1.00 73.01 ? 82  VAL C CA  1 
ATOM   1524 C C   . VAL C 1 66 ? 26.571  1.409   7.534   1.00 73.47 ? 82  VAL C C   1 
ATOM   1525 O O   . VAL C 1 66 ? 27.665  1.318   6.936   1.00 73.59 ? 82  VAL C O   1 
ATOM   1526 C CB  . VAL C 1 66 ? 26.245  1.288   10.032  1.00 73.39 ? 82  VAL C CB  1 
ATOM   1527 C CG1 . VAL C 1 66 ? 24.959  0.505   9.815   1.00 73.31 ? 82  VAL C CG1 1 
ATOM   1528 C CG2 . VAL C 1 66 ? 27.419  0.349   10.244  1.00 73.40 ? 82  VAL C CG2 1 
HETATM 1529 O O   . HOH D 2 .  ? -1.056  3.015   -7.870  1.00 20.73 ? 86  HOH A O   1 
HETATM 1530 O O   . HOH D 2 .  ? -6.809  -12.738 2.275   1.00 26.89 ? 87  HOH A O   1 
HETATM 1531 O O   . HOH D 2 .  ? -1.139  0.875   -5.977  1.00 21.12 ? 88  HOH A O   1 
HETATM 1532 O O   . HOH D 2 .  ? 1.652   -0.703  1.329   1.00 24.87 ? 89  HOH A O   1 
HETATM 1533 O O   . HOH D 2 .  ? -13.904 8.521   -12.910 1.00 32.51 ? 90  HOH A O   1 
HETATM 1534 O O   . HOH D 2 .  ? -6.786  -6.568  -18.614 1.00 31.38 ? 91  HOH A O   1 
HETATM 1535 O O   . HOH D 2 .  ? -3.349  3.460   -0.083  1.00 27.30 ? 92  HOH A O   1 
HETATM 1536 O O   . HOH D 2 .  ? -16.077 -0.530  -15.571 1.00 32.60 ? 93  HOH A O   1 
HETATM 1537 O O   . HOH D 2 .  ? -1.211  11.019  -7.146  1.00 38.21 ? 94  HOH A O   1 
HETATM 1538 O O   . HOH D 2 .  ? -9.203  9.955   -7.922  1.00 31.97 ? 95  HOH A O   1 
HETATM 1539 O O   . HOH D 2 .  ? -4.685  9.047   -13.118 1.00 32.80 ? 96  HOH A O   1 
HETATM 1540 O O   . HOH D 2 .  ? -3.810  -0.808  4.511   1.00 31.75 ? 97  HOH A O   1 
HETATM 1541 O O   . HOH D 2 .  ? -3.237  10.855  -8.990  1.00 37.53 ? 98  HOH A O   1 
HETATM 1542 O O   . HOH D 2 .  ? 7.900   -12.308 -11.249 1.00 44.91 ? 99  HOH A O   1 
HETATM 1543 O O   . HOH D 2 .  ? -14.933 13.433  -17.336 1.00 37.61 ? 100 HOH A O   1 
HETATM 1544 O O   . HOH D 2 .  ? 10.798  -13.735 -10.610 1.00 49.53 ? 101 HOH A O   1 
HETATM 1545 O O   . HOH D 2 .  ? -4.284  -15.603 10.367  1.00 46.83 ? 102 HOH A O   1 
HETATM 1546 O O   . HOH D 2 .  ? -11.153 -2.157  -21.529 1.00 42.56 ? 103 HOH A O   1 
HETATM 1547 O O   . HOH D 2 .  ? -4.337  11.326  -18.606 1.00 40.50 ? 104 HOH A O   1 
HETATM 1548 O O   . HOH D 2 .  ? -6.975  -15.191 10.264  1.00 42.79 ? 105 HOH A O   1 
HETATM 1549 O O   . HOH D 2 .  ? -2.567  9.934   -11.502 1.00 29.38 ? 106 HOH A O   1 
HETATM 1550 O O   . HOH D 2 .  ? -3.597  5.879   -1.362  1.00 38.97 ? 107 HOH A O   1 
HETATM 1551 O O   . HOH D 2 .  ? 15.183  -9.884  -11.303 1.00 42.14 ? 108 HOH A O   1 
HETATM 1552 O O   . HOH E 2 .  ? 2.390   -21.936 -2.335  1.00 23.32 ? 86  HOH B O   1 
HETATM 1553 O O   . HOH E 2 .  ? 1.680   3.451   -8.056  1.00 22.83 ? 87  HOH B O   1 
HETATM 1554 O O   . HOH E 2 .  ? -0.505  9.139   -13.263 1.00 29.53 ? 88  HOH B O   1 
HETATM 1555 O O   . HOH E 2 .  ? 13.743  -1.300  8.263   1.00 39.71 ? 89  HOH B O   1 
HETATM 1556 O O   . HOH E 2 .  ? 3.308   0.150   4.499   1.00 28.33 ? 90  HOH B O   1 
HETATM 1557 O O   . HOH E 2 .  ? 4.904   -23.708 1.321   1.00 34.02 ? 91  HOH B O   1 
HETATM 1558 O O   . HOH E 2 .  ? 3.750   -0.883  -0.421  1.00 35.56 ? 92  HOH B O   1 
HETATM 1559 O O   . HOH E 2 .  ? 7.866   -4.351  6.170   1.00 26.92 ? 93  HOH B O   1 
HETATM 1560 O O   . HOH E 2 .  ? 7.324   -17.514 -3.581  1.00 29.73 ? 94  HOH B O   1 
HETATM 1561 O O   . HOH E 2 .  ? 11.351  1.176   -15.534 1.00 40.34 ? 95  HOH B O   1 
HETATM 1562 O O   . HOH E 2 .  ? -6.352  -15.065 -5.103  1.00 33.01 ? 96  HOH B O   1 
HETATM 1563 O O   . HOH E 2 .  ? 3.737   0.186   -2.931  1.00 34.88 ? 97  HOH B O   1 
HETATM 1564 O O   . HOH E 2 .  ? -15.930 6.067   -9.177  1.00 41.47 ? 98  HOH B O   1 
HETATM 1565 O O   . HOH E 2 .  ? -7.178  -5.271  -27.125 1.00 41.66 ? 99  HOH B O   1 
HETATM 1566 O O   . HOH E 2 .  ? 10.114  -14.915 12.957  1.00 37.89 ? 100 HOH B O   1 
HETATM 1567 O O   . HOH E 2 .  ? 3.265   -13.802 -8.439  1.00 41.85 ? 101 HOH B O   1 
HETATM 1568 O O   . HOH E 2 .  ? 9.034   -8.594  14.410  1.00 44.57 ? 102 HOH B O   1 
HETATM 1569 O O   . HOH E 2 .  ? 0.320   5.374   -20.652 1.00 41.28 ? 103 HOH B O   1 
HETATM 1570 O O   . HOH E 2 .  ? 0.477   -18.440 -5.388  1.00 38.34 ? 104 HOH B O   1 
HETATM 1571 O O   . HOH E 2 .  ? 9.055   -5.552  9.286   1.00 41.62 ? 105 HOH B O   1 
HETATM 1572 O O   . HOH F 2 .  ? -7.157  5.571   3.076   1.00 20.89 ? 86  HOH C O   1 
HETATM 1573 O O   . HOH F 2 .  ? 3.264   17.948  4.110   1.00 22.74 ? 87  HOH C O   1 
HETATM 1574 O O   . HOH F 2 .  ? 6.540   14.409  3.367   1.00 21.18 ? 88  HOH C O   1 
HETATM 1575 O O   . HOH F 2 .  ? 1.875   7.904   7.915   1.00 21.57 ? 89  HOH C O   1 
HETATM 1576 O O   . HOH F 2 .  ? 0.077   5.797   7.338   1.00 28.70 ? 90  HOH C O   1 
HETATM 1577 O O   . HOH F 2 .  ? -0.578  12.940  3.224   1.00 22.89 ? 91  HOH C O   1 
HETATM 1578 O O   . HOH F 2 .  ? -7.485  1.040   6.519   1.00 31.32 ? 92  HOH C O   1 
HETATM 1579 O O   . HOH F 2 .  ? -0.518  3.704   1.459   1.00 27.38 ? 93  HOH C O   1 
HETATM 1580 O O   . HOH F 2 .  ? 5.790   12.435  5.365   1.00 25.66 ? 94  HOH C O   1 
HETATM 1581 O O   . HOH F 2 .  ? 17.101  24.827  17.885  1.00 42.98 ? 95  HOH C O   1 
HETATM 1582 O O   . HOH F 2 .  ? -11.606 -0.080  2.624   1.00 37.00 ? 96  HOH C O   1 
HETATM 1583 O O   . HOH F 2 .  ? 13.013  -1.754  12.257  1.00 41.36 ? 97  HOH C O   1 
HETATM 1584 O O   . HOH F 2 .  ? -9.516  -0.950  6.661   1.00 31.53 ? 98  HOH C O   1 
HETATM 1585 O O   . HOH F 2 .  ? -4.870  3.878   2.175   1.00 36.33 ? 99  HOH C O   1 
HETATM 1586 O O   . HOH F 2 .  ? -10.832 6.856   4.497   1.00 35.37 ? 100 HOH C O   1 
HETATM 1587 O O   . HOH F 2 .  ? 18.835  2.938   17.747  1.00 43.12 ? 101 HOH C O   1 
HETATM 1588 O O   . HOH F 2 .  ? -10.866 0.210   19.583  1.00 45.96 ? 102 HOH C O   1 
HETATM 1589 O O   . HOH F 2 .  ? 19.145  -1.165  13.424  1.00 45.62 ? 103 HOH C O   1 
HETATM 1590 O O   . HOH F 2 .  ? 3.869   0.628   19.042  1.00 40.69 ? 104 HOH C O   1 
HETATM 1591 O O   . HOH F 2 .  ? -12.254 -6.290  7.825   1.00 42.07 ? 105 HOH C O   1 
HETATM 1592 O O   . HOH F 2 .  ? 1.708   20.529  10.731  1.00 44.44 ? 106 HOH C O   1 
# 
